data_3D5N
#
_entry.id   3D5N
#
_cell.length_a   88.957
_cell.length_b   169.234
_cell.length_c   173.390
_cell.angle_alpha   90.00
_cell.angle_beta   90.00
_cell.angle_gamma   90.00
#
_symmetry.space_group_name_H-M   'P 21 21 21'
#
loop_
_entity.id
_entity.type
_entity.pdbx_description
1 polymer Q97W15_SULSO
2 water water
#
_entity_poly.entity_id   1
_entity_poly.type   'polypeptide(L)'
_entity_poly.pdbx_seq_one_letter_code
;(MSE)NIGVIILAAGEGKRFGGDKLLAKIDNTPII(MSE)RTIRIYGDLEKIIIVGKYVNE(MSE)LPLL(MSE)DQIVI
YNPFWNEGISTSLKLGLRFFKDYDAVLVALGD(MSE)PFVTKEDVNKIINTFKPNCKAVIPTHKGERGNPVLISKSLFNE
IEKLRGDVGARVILNKIKIEELCFIECSEGVLIDIDKKEDL(MSE)RLRDFHPLEHHHHHH
;
_entity_poly.pdbx_strand_id   A,B,D,E,F,G,H,I
#
# COMPACT_ATOMS: atom_id res chain seq x y z
N ASN A 2 -9.19 21.00 6.14
CA ASN A 2 -7.79 21.40 6.24
C ASN A 2 -7.31 21.79 7.63
N ILE A 3 -6.75 20.83 8.35
CA ILE A 3 -6.26 21.08 9.69
C ILE A 3 -4.80 20.68 9.86
N GLY A 4 -4.02 21.59 10.42
CA GLY A 4 -2.62 21.30 10.65
C GLY A 4 -2.35 21.24 12.15
N VAL A 5 -1.56 20.27 12.57
CA VAL A 5 -1.22 20.17 13.98
C VAL A 5 0.19 20.73 14.18
N ILE A 6 0.30 21.68 15.11
CA ILE A 6 1.58 22.27 15.44
C ILE A 6 1.93 21.75 16.83
N ILE A 7 2.92 20.88 16.90
CA ILE A 7 3.36 20.34 18.17
C ILE A 7 4.49 21.20 18.69
N LEU A 8 4.20 22.03 19.69
CA LEU A 8 5.18 22.90 20.32
C LEU A 8 6.01 22.05 21.27
N ALA A 9 7.32 22.08 21.11
CA ALA A 9 8.21 21.29 21.94
C ALA A 9 9.54 22.01 22.12
N ALA A 10 9.54 23.32 21.91
CA ALA A 10 10.75 24.10 22.11
C ALA A 10 10.80 24.36 23.61
N GLY A 11 11.86 24.96 24.12
CA GLY A 11 11.91 25.16 25.57
C GLY A 11 11.65 26.55 26.10
N GLU A 12 10.89 27.35 25.35
CA GLU A 12 10.58 28.73 25.72
C GLU A 12 10.10 28.90 27.16
N GLY A 13 10.42 30.06 27.73
CA GLY A 13 10.06 30.35 29.11
C GLY A 13 10.74 29.32 29.98
N LYS A 14 10.12 29.00 31.11
CA LYS A 14 10.68 27.99 32.01
C LYS A 14 9.94 26.70 31.69
N ARG A 15 9.42 26.62 30.47
CA ARG A 15 8.68 25.45 30.01
C ARG A 15 9.63 24.28 29.77
N PHE A 16 9.06 23.14 29.39
CA PHE A 16 9.87 21.95 29.14
C PHE A 16 10.59 22.08 27.81
N GLY A 17 11.43 21.08 27.50
CA GLY A 17 12.12 21.13 26.23
C GLY A 17 13.42 20.36 26.09
N GLY A 18 13.40 19.35 25.23
CA GLY A 18 14.59 18.55 24.97
C GLY A 18 15.05 17.62 26.07
N ASP A 19 15.56 18.18 27.15
CA ASP A 19 16.00 17.36 28.25
C ASP A 19 14.81 16.62 28.84
N LYS A 20 13.89 17.35 29.47
CA LYS A 20 12.71 16.75 30.07
C LYS A 20 11.93 15.83 29.12
N LEU A 21 11.67 16.32 27.91
CA LEU A 21 10.92 15.57 26.91
C LEU A 21 11.58 14.27 26.40
N LEU A 22 12.78 13.96 26.89
CA LEU A 22 13.46 12.72 26.48
C LEU A 22 13.20 11.59 27.47
N ALA A 23 12.67 11.96 28.65
CA ALA A 23 12.33 10.98 29.69
C ALA A 23 11.24 10.05 29.17
N LYS A 24 11.14 8.86 29.76
CA LYS A 24 10.16 7.86 29.33
C LYS A 24 8.85 7.72 30.13
N ILE A 25 7.92 6.98 29.56
CA ILE A 25 6.62 6.72 30.17
C ILE A 25 6.20 5.41 29.51
N ASP A 26 6.43 4.31 30.20
CA ASP A 26 6.09 3.01 29.64
C ASP A 26 7.15 2.71 28.61
N ASN A 27 8.41 3.02 28.93
CA ASN A 27 9.52 2.75 28.01
C ASN A 27 9.63 3.64 26.79
N THR A 28 8.73 4.60 26.64
CA THR A 28 8.83 5.44 25.47
C THR A 28 8.95 6.91 25.81
N PRO A 29 9.88 7.61 25.15
CA PRO A 29 10.15 9.04 25.32
C PRO A 29 8.86 9.85 25.24
N ILE A 30 8.67 10.77 26.17
CA ILE A 30 7.46 11.59 26.18
C ILE A 30 7.12 12.20 24.83
N ILE A 31 8.02 13.02 24.28
CA ILE A 31 7.77 13.68 23.00
C ILE A 31 7.24 12.70 21.95
N ARG A 33 5.58 9.83 22.51
CA ARG A 33 4.23 9.42 22.86
C ARG A 33 3.25 10.50 22.40
N THR A 34 3.56 11.76 22.73
CA THR A 34 2.73 12.90 22.39
C THR A 34 2.44 13.02 20.89
N ILE A 35 3.47 12.85 20.08
CA ILE A 35 3.31 12.94 18.63
C ILE A 35 2.43 11.78 18.16
N ARG A 36 2.53 10.65 18.84
CA ARG A 36 1.76 9.46 18.49
C ARG A 36 0.25 9.68 18.53
N ILE A 37 -0.24 10.48 19.47
CA ILE A 37 -1.67 10.68 19.57
C ILE A 37 -2.29 11.36 18.37
N TYR A 38 -1.55 12.23 17.70
CA TYR A 38 -2.13 12.93 16.56
C TYR A 38 -2.05 12.16 15.24
N GLY A 39 -1.71 10.87 15.38
CA GLY A 39 -1.62 9.96 14.26
C GLY A 39 -1.31 10.50 12.89
N ASP A 40 -2.17 10.17 11.92
CA ASP A 40 -1.94 10.60 10.55
C ASP A 40 -2.26 12.06 10.21
N LEU A 41 -2.60 12.88 11.21
CA LEU A 41 -2.86 14.29 10.95
C LEU A 41 -1.53 14.94 10.51
N GLU A 42 -1.58 16.08 9.84
CA GLU A 42 -0.37 16.78 9.41
C GLU A 42 0.31 17.47 10.57
N LYS A 43 1.36 16.86 11.10
CA LYS A 43 2.08 17.39 12.23
C LYS A 43 3.25 18.25 11.78
N ILE A 44 3.82 18.98 12.73
CA ILE A 44 4.97 19.83 12.50
C ILE A 44 5.46 19.96 13.93
N ILE A 45 6.71 19.63 14.19
CA ILE A 45 7.23 19.78 15.55
C ILE A 45 8.19 20.96 15.59
N ILE A 46 7.95 21.89 16.50
CA ILE A 46 8.81 23.08 16.63
C ILE A 46 9.79 22.85 17.78
N VAL A 47 11.06 22.76 17.45
CA VAL A 47 12.09 22.49 18.43
C VAL A 47 13.04 23.64 18.65
N GLY A 48 13.31 23.89 19.91
CA GLY A 48 14.27 24.91 20.25
C GLY A 48 15.35 24.49 21.24
N LYS A 49 15.01 24.60 22.52
CA LYS A 49 15.99 24.43 23.57
C LYS A 49 17.00 23.33 23.45
N TYR A 50 16.53 22.14 23.13
CA TYR A 50 17.41 21.01 23.01
C TYR A 50 17.26 20.23 21.69
N VAL A 51 17.35 20.96 20.58
CA VAL A 51 17.26 20.40 19.24
C VAL A 51 18.08 19.11 19.12
N ASN A 52 19.32 19.17 19.61
CA ASN A 52 20.26 18.07 19.54
C ASN A 52 19.80 16.80 20.22
N GLU A 53 19.18 16.91 21.40
CA GLU A 53 18.68 15.74 22.11
C GLU A 53 17.48 15.17 21.36
N LEU A 55 16.04 15.67 18.06
CA LEU A 55 16.04 15.16 16.70
C LEU A 55 16.20 13.69 16.42
N PRO A 56 17.20 13.04 17.02
CA PRO A 56 17.35 11.61 16.71
C PRO A 56 16.10 10.78 16.98
N LEU A 57 15.13 11.38 17.68
CA LEU A 57 13.85 10.69 17.97
C LEU A 57 12.74 11.13 17.03
N LEU A 58 13.01 12.16 16.24
CA LEU A 58 12.02 12.70 15.31
C LEU A 58 12.50 12.60 13.86
N ASP A 60 11.73 10.92 11.45
CA ASP A 60 10.68 10.74 10.44
C ASP A 60 9.60 11.82 10.55
N GLN A 61 9.94 12.96 11.13
CA GLN A 61 8.97 14.05 11.29
C GLN A 61 9.49 15.33 10.65
N ILE A 62 8.62 16.31 10.44
CA ILE A 62 9.05 17.58 9.90
C ILE A 62 9.34 18.42 11.14
N VAL A 63 10.61 18.76 11.33
CA VAL A 63 11.01 19.53 12.48
C VAL A 63 11.55 20.91 12.13
N ILE A 64 11.00 21.94 12.77
CA ILE A 64 11.49 23.29 12.54
C ILE A 64 12.16 23.71 13.85
N TYR A 65 13.43 24.06 13.75
CA TYR A 65 14.18 24.51 14.88
C TYR A 65 14.01 26.03 14.97
N ASN A 66 13.52 26.49 16.12
CA ASN A 66 13.31 27.91 16.34
C ASN A 66 14.51 28.54 17.04
N PRO A 67 15.37 29.26 16.31
CA PRO A 67 16.52 29.87 16.95
C PRO A 67 16.12 31.00 17.92
N PHE A 68 14.84 31.34 17.92
CA PHE A 68 14.35 32.41 18.78
C PHE A 68 13.50 31.91 19.95
N TRP A 69 13.53 30.61 20.21
CA TRP A 69 12.72 30.02 21.28
C TRP A 69 12.88 30.72 22.63
N ASN A 70 14.09 31.13 22.92
CA ASN A 70 14.45 31.81 24.17
C ASN A 70 13.59 33.05 24.36
N GLU A 71 13.17 33.63 23.25
CA GLU A 71 12.36 34.84 23.25
C GLU A 71 10.92 34.61 23.74
N GLY A 72 10.40 33.39 23.58
CA GLY A 72 9.05 33.13 24.05
C GLY A 72 8.25 32.21 23.15
N ILE A 73 7.15 31.68 23.68
CA ILE A 73 6.35 30.73 22.91
C ILE A 73 5.62 31.29 21.67
N SER A 74 5.32 32.58 21.65
CA SER A 74 4.63 33.15 20.50
C SER A 74 5.53 33.01 19.28
N THR A 75 6.82 33.00 19.55
CA THR A 75 7.82 32.90 18.51
C THR A 75 7.77 31.55 17.80
N SER A 76 7.49 30.50 18.56
CA SER A 76 7.41 29.16 18.01
C SER A 76 6.07 28.98 17.30
N LEU A 77 5.03 29.46 17.97
CA LEU A 77 3.66 29.41 17.49
C LEU A 77 3.55 30.06 16.10
N LYS A 78 4.18 31.20 15.92
CA LYS A 78 4.12 31.88 14.64
C LYS A 78 4.96 31.18 13.60
N LEU A 79 6.04 30.56 14.04
CA LEU A 79 6.91 29.86 13.13
C LEU A 79 6.10 28.74 12.48
N GLY A 80 5.44 27.93 13.31
CA GLY A 80 4.64 26.84 12.79
C GLY A 80 3.43 27.28 12.00
N LEU A 81 2.82 28.39 12.39
CA LEU A 81 1.64 28.86 11.70
C LEU A 81 1.90 29.24 10.24
N ARG A 82 3.15 29.54 9.90
CA ARG A 82 3.48 29.89 8.53
C ARG A 82 3.23 28.69 7.62
N PHE A 83 3.62 27.52 8.13
CA PHE A 83 3.50 26.28 7.40
C PHE A 83 2.03 25.90 7.14
N PHE A 84 1.11 26.46 7.92
CA PHE A 84 -0.31 26.16 7.76
C PHE A 84 -1.17 27.43 7.64
N LYS A 85 -0.56 28.55 7.31
CA LYS A 85 -1.31 29.81 7.24
C LYS A 85 -2.59 29.79 6.42
N ASP A 86 -2.61 29.08 5.31
CA ASP A 86 -3.82 29.05 4.49
C ASP A 86 -4.76 27.87 4.82
N TYR A 87 -4.46 27.13 5.87
CA TYR A 87 -5.32 26.00 6.28
C TYR A 87 -6.54 26.54 6.99
N ASP A 88 -7.54 25.69 7.16
CA ASP A 88 -8.75 26.15 7.83
C ASP A 88 -8.52 26.39 9.32
N ALA A 89 -7.71 25.54 9.93
CA ALA A 89 -7.41 25.67 11.35
C ALA A 89 -6.17 24.88 11.72
N VAL A 90 -5.60 25.18 12.89
CA VAL A 90 -4.44 24.46 13.38
C VAL A 90 -4.70 23.95 14.78
N LEU A 91 -4.27 22.73 15.06
CA LEU A 91 -4.42 22.15 16.38
C LEU A 91 -3.11 22.54 17.09
N VAL A 92 -3.19 23.33 18.16
CA VAL A 92 -1.98 23.74 18.87
C VAL A 92 -1.69 22.81 20.03
N ALA A 93 -0.83 21.82 19.79
CA ALA A 93 -0.49 20.83 20.81
C ALA A 93 0.80 21.15 21.54
N LEU A 94 0.89 20.66 22.77
CA LEU A 94 2.06 20.85 23.63
C LEU A 94 2.80 19.54 23.76
N GLY A 95 4.11 19.58 23.52
CA GLY A 95 4.95 18.40 23.59
C GLY A 95 4.87 17.67 24.90
N ASP A 96 4.90 18.41 26.00
CA ASP A 96 4.83 17.79 27.32
C ASP A 96 3.43 17.33 27.75
N PRO A 98 1.40 14.31 26.91
CA PRO A 98 1.19 13.01 26.27
C PRO A 98 0.01 12.22 26.85
N PHE A 99 -0.84 12.87 27.62
CA PHE A 99 -1.97 12.14 28.21
C PHE A 99 -3.28 12.40 27.50
N VAL A 100 -3.31 13.42 26.65
CA VAL A 100 -4.51 13.69 25.88
C VAL A 100 -4.62 12.43 25.01
N THR A 101 -5.83 11.95 24.77
CA THR A 101 -6.03 10.73 23.99
C THR A 101 -6.46 11.00 22.56
N LYS A 102 -6.27 10.00 21.69
CA LYS A 102 -6.69 10.14 20.30
C LYS A 102 -8.15 10.53 20.29
N GLU A 103 -8.92 9.85 21.14
CA GLU A 103 -10.34 10.11 21.27
C GLU A 103 -10.63 11.59 21.51
N ASP A 104 -9.85 12.21 22.41
CA ASP A 104 -10.02 13.62 22.72
C ASP A 104 -9.80 14.45 21.46
N VAL A 105 -8.78 14.11 20.71
CA VAL A 105 -8.48 14.84 19.49
C VAL A 105 -9.57 14.65 18.43
N ASN A 106 -10.15 13.46 18.42
CA ASN A 106 -11.20 13.14 17.48
C ASN A 106 -12.41 14.03 17.80
N LYS A 107 -12.76 14.10 19.09
CA LYS A 107 -13.88 14.93 19.53
C LYS A 107 -13.64 16.40 19.18
N ILE A 108 -12.47 16.91 19.56
CA ILE A 108 -12.14 18.30 19.31
C ILE A 108 -12.28 18.68 17.85
N ILE A 109 -11.72 17.85 16.97
CA ILE A 109 -11.79 18.12 15.54
C ILE A 109 -13.22 18.00 15.04
N ASN A 110 -13.99 17.10 15.63
CA ASN A 110 -15.37 16.91 15.22
C ASN A 110 -16.33 17.99 15.73
N THR A 111 -15.88 18.80 16.68
CA THR A 111 -16.73 19.86 17.24
C THR A 111 -16.57 21.16 16.45
N PHE A 112 -15.60 21.19 15.55
CA PHE A 112 -15.33 22.39 14.76
C PHE A 112 -16.34 22.70 13.66
N LYS A 113 -17.04 23.81 13.80
CA LYS A 113 -18.03 24.23 12.81
C LYS A 113 -17.67 25.63 12.31
N PRO A 114 -18.27 26.06 11.19
CA PRO A 114 -18.00 27.39 10.61
C PRO A 114 -18.28 28.55 11.56
N ASN A 115 -19.19 28.33 12.52
CA ASN A 115 -19.54 29.37 13.48
C ASN A 115 -18.45 29.52 14.53
N CYS A 116 -17.68 28.45 14.73
CA CYS A 116 -16.61 28.42 15.73
C CYS A 116 -15.36 29.19 15.36
N LYS A 117 -14.95 30.10 16.26
CA LYS A 117 -13.74 30.89 16.09
C LYS A 117 -12.59 30.01 16.56
N ALA A 118 -12.89 29.17 17.55
CA ALA A 118 -11.91 28.26 18.11
C ALA A 118 -12.63 27.21 18.91
N VAL A 119 -12.13 25.98 18.88
CA VAL A 119 -12.72 24.90 19.64
C VAL A 119 -11.79 24.69 20.81
N ILE A 120 -12.35 24.53 22.01
CA ILE A 120 -11.53 24.33 23.19
C ILE A 120 -11.92 23.12 24.01
N PRO A 121 -10.99 22.16 24.17
CA PRO A 121 -11.36 20.99 24.97
C PRO A 121 -11.63 21.41 26.41
N THR A 122 -12.53 20.69 27.05
CA THR A 122 -12.90 20.96 28.43
C THR A 122 -13.03 19.68 29.22
N HIS A 123 -12.85 19.79 30.53
CA HIS A 123 -12.99 18.63 31.38
C HIS A 123 -13.25 19.05 32.81
N LYS A 124 -14.49 18.81 33.24
CA LYS A 124 -14.95 19.14 34.58
C LYS A 124 -14.76 20.62 34.91
N GLY A 125 -15.41 21.46 34.10
CA GLY A 125 -15.38 22.89 34.32
C GLY A 125 -14.27 23.68 33.65
N GLU A 126 -13.04 23.21 33.78
CA GLU A 126 -11.90 23.92 33.19
C GLU A 126 -11.53 23.49 31.77
N ARG A 127 -11.02 24.44 30.99
CA ARG A 127 -10.60 24.18 29.62
C ARG A 127 -9.12 23.82 29.56
N GLY A 128 -8.79 22.85 28.70
CA GLY A 128 -7.42 22.41 28.56
C GLY A 128 -6.87 22.47 27.15
N ASN A 129 -5.99 21.53 26.82
CA ASN A 129 -5.37 21.49 25.50
C ASN A 129 -5.42 20.08 24.94
N PRO A 130 -5.21 19.93 23.62
CA PRO A 130 -4.94 20.98 22.63
C PRO A 130 -6.13 21.80 22.20
N VAL A 131 -5.86 23.06 21.85
CA VAL A 131 -6.87 24.00 21.39
C VAL A 131 -6.84 24.14 19.87
N LEU A 132 -8.01 24.09 19.25
CA LEU A 132 -8.12 24.21 17.79
C LEU A 132 -8.44 25.65 17.39
N ILE A 133 -7.48 26.35 16.80
CA ILE A 133 -7.66 27.74 16.39
C ILE A 133 -7.93 27.85 14.89
N SER A 134 -8.91 28.66 14.51
CA SER A 134 -9.30 28.84 13.11
C SER A 134 -8.66 30.00 12.37
N LYS A 135 -8.54 29.87 11.05
CA LYS A 135 -7.93 30.89 10.22
C LYS A 135 -8.40 32.30 10.56
N SER A 136 -9.63 32.43 11.06
CA SER A 136 -10.14 33.75 11.42
C SER A 136 -9.20 34.39 12.44
N LEU A 137 -8.72 33.57 13.38
CA LEU A 137 -7.80 34.02 14.43
C LEU A 137 -6.31 34.03 14.05
N PHE A 138 -5.93 33.54 12.87
CA PHE A 138 -4.52 33.55 12.54
C PHE A 138 -3.96 34.97 12.57
N ASN A 139 -4.73 35.96 12.14
CA ASN A 139 -4.23 37.34 12.16
C ASN A 139 -3.87 37.73 13.59
N GLU A 140 -4.73 37.36 14.53
CA GLU A 140 -4.51 37.68 15.93
C GLU A 140 -3.24 37.09 16.50
N ILE A 141 -3.04 35.79 16.25
CA ILE A 141 -1.86 35.12 16.77
C ILE A 141 -0.58 35.76 16.24
N GLU A 142 -0.60 36.21 14.99
CA GLU A 142 0.58 36.85 14.42
C GLU A 142 0.94 38.09 15.25
N LYS A 143 -0.08 38.79 15.76
CA LYS A 143 0.11 40.00 16.55
C LYS A 143 0.79 39.73 17.90
N LEU A 144 0.66 38.50 18.39
CA LEU A 144 1.27 38.09 19.65
C LEU A 144 2.77 38.46 19.74
N ARG A 145 3.26 38.66 20.96
CA ARG A 145 4.67 38.99 21.21
C ARG A 145 5.30 38.14 22.30
N GLY A 146 6.62 37.99 22.20
CA GLY A 146 7.39 37.23 23.17
C GLY A 146 6.87 35.89 23.63
N ASP A 147 6.63 35.78 24.92
CA ASP A 147 6.16 34.55 25.54
C ASP A 147 4.67 34.54 25.82
N VAL A 148 3.92 35.37 25.10
CA VAL A 148 2.47 35.42 25.28
C VAL A 148 1.86 34.36 24.38
N GLY A 149 1.12 33.43 24.99
CA GLY A 149 0.50 32.36 24.24
C GLY A 149 -0.84 32.72 23.62
N ALA A 150 -1.50 31.72 23.06
CA ALA A 150 -2.79 31.94 22.40
C ALA A 150 -3.96 32.11 23.39
N ARG A 151 -3.79 31.66 24.63
CA ARG A 151 -4.86 31.78 25.62
C ARG A 151 -5.31 33.23 25.83
N VAL A 152 -4.42 34.16 25.54
CA VAL A 152 -4.75 35.56 25.69
C VAL A 152 -5.77 35.95 24.64
N ILE A 153 -5.60 35.43 23.43
CA ILE A 153 -6.52 35.72 22.33
C ILE A 153 -7.85 35.00 22.51
N LEU A 154 -7.83 33.89 23.25
CA LEU A 154 -9.04 33.11 23.48
C LEU A 154 -9.95 33.71 24.56
N ASN A 155 -9.36 34.44 25.50
CA ASN A 155 -10.14 35.03 26.57
C ASN A 155 -10.73 36.37 26.18
N LYS A 156 -10.58 36.75 24.92
CA LYS A 156 -11.09 38.02 24.43
C LYS A 156 -12.03 37.82 23.24
N ILE A 157 -12.66 36.65 23.17
CA ILE A 157 -13.59 36.37 22.07
C ILE A 157 -14.93 35.94 22.65
N LYS A 158 -16.01 36.44 22.04
CA LYS A 158 -17.38 36.16 22.46
C LYS A 158 -17.71 34.69 22.66
N ILE A 159 -18.18 34.34 23.86
CA ILE A 159 -18.54 32.97 24.18
C ILE A 159 -19.52 32.40 23.15
N GLU A 160 -20.20 33.29 22.43
CA GLU A 160 -21.16 32.87 21.41
C GLU A 160 -20.40 32.45 20.16
N GLU A 161 -19.08 32.39 20.29
CA GLU A 161 -18.22 32.01 19.16
C GLU A 161 -17.22 30.89 19.48
N LEU A 162 -17.12 30.52 20.75
CA LEU A 162 -16.22 29.44 21.13
C LEU A 162 -17.01 28.14 21.03
N CYS A 163 -16.31 27.02 21.07
CA CYS A 163 -16.96 25.72 20.98
C CYS A 163 -16.21 24.74 21.86
N PHE A 164 -16.86 24.30 22.93
CA PHE A 164 -16.23 23.39 23.87
C PHE A 164 -16.71 21.95 23.71
N ILE A 165 -16.04 21.04 24.40
CA ILE A 165 -16.38 19.62 24.43
C ILE A 165 -15.60 18.97 25.55
N GLU A 166 -16.25 18.04 26.24
CA GLU A 166 -15.62 17.35 27.33
C GLU A 166 -14.79 16.21 26.80
N CYS A 167 -13.52 16.21 27.16
CA CYS A 167 -12.59 15.17 26.74
C CYS A 167 -12.05 14.61 28.04
N SER A 168 -11.10 13.68 27.98
CA SER A 168 -10.53 13.08 29.19
C SER A 168 -9.78 14.10 30.03
N GLU A 169 -9.30 13.64 31.19
CA GLU A 169 -8.57 14.54 32.06
C GLU A 169 -7.19 14.84 31.46
N GLY A 170 -6.78 14.02 30.49
CA GLY A 170 -5.50 14.22 29.84
C GLY A 170 -5.41 15.58 29.17
N VAL A 171 -6.57 16.19 28.96
CA VAL A 171 -6.65 17.51 28.34
C VAL A 171 -6.21 18.58 29.33
N LEU A 172 -5.98 18.17 30.57
CA LEU A 172 -5.59 19.10 31.61
C LEU A 172 -4.24 18.80 32.23
N ILE A 173 -3.74 17.60 31.99
CA ILE A 173 -2.46 17.17 32.55
C ILE A 173 -1.26 17.29 31.65
N ASP A 174 -0.15 17.75 32.21
CA ASP A 174 1.10 17.86 31.47
C ASP A 174 2.13 17.23 32.41
N ILE A 175 3.27 16.80 31.87
CA ILE A 175 4.29 16.13 32.67
C ILE A 175 4.38 16.64 34.09
N ASP A 176 4.52 17.95 34.26
CA ASP A 176 4.60 18.53 35.60
C ASP A 176 3.35 18.26 36.42
N LYS A 177 2.18 18.59 35.87
CA LYS A 177 0.91 18.39 36.56
C LYS A 177 0.75 16.99 37.14
N LYS A 178 1.45 16.03 36.54
CA LYS A 178 1.39 14.65 37.02
C LYS A 178 2.60 14.40 37.90
N ILE B 3 10.83 38.88 -0.28
CA ILE B 3 12.10 38.16 -0.64
C ILE B 3 12.67 37.25 0.47
N GLY B 4 12.31 35.98 0.41
CA GLY B 4 12.82 35.02 1.38
C GLY B 4 13.79 34.06 0.71
N VAL B 5 14.86 33.71 1.40
CA VAL B 5 15.86 32.81 0.85
C VAL B 5 15.78 31.39 1.42
N ILE B 6 15.79 30.40 0.54
CA ILE B 6 15.75 29.01 0.93
C ILE B 6 17.11 28.44 0.59
N ILE B 7 17.87 28.03 1.60
CA ILE B 7 19.19 27.43 1.39
C ILE B 7 19.04 25.92 1.50
N LEU B 8 19.17 25.24 0.38
CA LEU B 8 19.02 23.80 0.31
C LEU B 8 20.32 23.11 0.67
N ALA B 9 20.26 22.22 1.66
CA ALA B 9 21.42 21.49 2.11
C ALA B 9 20.92 20.18 2.64
N ALA B 10 20.09 19.49 1.85
CA ALA B 10 19.53 18.22 2.28
C ALA B 10 20.05 16.98 1.56
N GLY B 11 20.28 17.11 0.25
CA GLY B 11 20.75 16.00 -0.57
C GLY B 11 21.91 15.20 0.01
N ASP B 19 27.45 15.53 3.51
CA ASP B 19 28.63 15.42 4.35
C ASP B 19 29.65 16.50 3.97
N LYS B 20 29.94 16.60 2.67
CA LYS B 20 30.90 17.58 2.14
C LYS B 20 30.55 19.03 2.46
N LEU B 21 29.42 19.25 3.12
CA LEU B 21 29.01 20.60 3.47
C LEU B 21 29.69 21.04 4.76
N LEU B 22 30.19 20.07 5.51
CA LEU B 22 30.86 20.35 6.76
C LEU B 22 32.33 20.70 6.48
N ALA B 23 32.81 20.31 5.30
CA ALA B 23 34.18 20.58 4.85
C ALA B 23 34.52 22.05 5.08
N LYS B 24 35.80 22.38 5.12
CA LYS B 24 36.17 23.76 5.39
C LYS B 24 37.02 24.52 4.37
N ILE B 25 36.44 25.55 3.78
CA ILE B 25 37.15 26.40 2.82
C ILE B 25 37.69 27.57 3.63
N ASP B 26 38.94 27.42 4.07
CA ASP B 26 39.67 28.39 4.89
C ASP B 26 39.41 28.17 6.37
N ASN B 27 39.12 26.91 6.69
CA ASN B 27 38.87 26.45 8.06
C ASN B 27 37.52 26.86 8.64
N THR B 28 36.54 27.02 7.75
CA THR B 28 35.17 27.35 8.13
C THR B 28 34.29 26.49 7.24
N PRO B 29 33.33 25.77 7.84
CA PRO B 29 32.45 24.91 7.04
C PRO B 29 31.82 25.75 5.94
N ILE B 30 31.80 25.20 4.74
CA ILE B 30 31.24 25.90 3.61
C ILE B 30 29.79 26.33 3.82
N ILE B 31 28.99 25.46 4.41
CA ILE B 31 27.59 25.77 4.65
C ILE B 31 27.46 27.11 5.33
N ARG B 33 29.87 29.45 4.96
CA ARG B 33 30.41 30.41 4.02
C ARG B 33 29.24 30.80 3.12
N THR B 34 28.45 29.79 2.75
CA THR B 34 27.27 30.00 1.91
C THR B 34 26.23 30.86 2.60
N ILE B 35 25.92 30.55 3.85
CA ILE B 35 24.92 31.30 4.60
C ILE B 35 25.39 32.73 4.78
N ARG B 36 26.69 32.91 4.94
CA ARG B 36 27.25 34.24 5.13
C ARG B 36 27.01 35.14 3.93
N ILE B 37 27.15 34.58 2.73
CA ILE B 37 26.98 35.38 1.54
C ILE B 37 25.58 35.91 1.28
N TYR B 38 24.61 35.53 2.12
CA TYR B 38 23.25 36.06 1.96
C TYR B 38 22.95 37.06 3.05
N GLY B 39 23.97 37.34 3.85
CA GLY B 39 23.88 38.30 4.93
C GLY B 39 22.61 38.33 5.76
N ASP B 40 21.90 39.45 5.71
CA ASP B 40 20.68 39.62 6.49
C ASP B 40 19.34 39.37 5.81
N LEU B 41 19.34 38.74 4.64
CA LEU B 41 18.08 38.42 3.98
C LEU B 41 17.42 37.35 4.86
N GLU B 42 16.10 37.27 4.83
CA GLU B 42 15.41 36.22 5.61
C GLU B 42 15.80 34.88 5.02
N LYS B 43 16.59 34.12 5.78
CA LYS B 43 17.07 32.81 5.34
C LYS B 43 16.32 31.70 6.05
N ILE B 44 16.41 30.51 5.48
CA ILE B 44 15.82 29.30 6.02
C ILE B 44 16.74 28.22 5.47
N ILE B 45 17.23 27.33 6.31
CA ILE B 45 18.10 26.27 5.84
C ILE B 45 17.36 24.93 5.87
N ILE B 46 17.26 24.24 4.73
CA ILE B 46 16.60 22.93 4.71
C ILE B 46 17.69 21.86 4.80
N VAL B 47 17.61 21.01 5.80
CA VAL B 47 18.62 19.96 5.99
C VAL B 47 17.98 18.58 5.98
N GLY B 48 18.78 17.55 5.70
CA GLY B 48 18.23 16.22 5.65
C GLY B 48 18.98 15.16 6.44
N LYS B 49 19.63 14.27 5.70
CA LYS B 49 20.40 13.18 6.30
C LYS B 49 21.41 13.57 7.38
N TYR B 50 22.10 14.69 7.20
CA TYR B 50 23.10 15.08 8.19
C TYR B 50 22.71 16.19 9.17
N VAL B 51 21.46 16.19 9.59
CA VAL B 51 20.96 17.20 10.54
C VAL B 51 21.76 17.24 11.84
N ASN B 52 21.92 16.07 12.43
CA ASN B 52 22.62 15.91 13.69
C ASN B 52 24.04 16.44 13.65
N GLU B 53 24.65 16.47 12.48
CA GLU B 53 26.01 16.97 12.36
C GLU B 53 26.10 18.42 11.93
N LEU B 55 23.59 20.84 12.73
CA LEU B 55 22.90 21.70 13.67
C LEU B 55 23.81 22.61 14.48
N PRO B 56 24.94 22.09 15.00
CA PRO B 56 25.83 22.94 15.79
C PRO B 56 26.27 24.18 15.02
N LEU B 57 26.40 24.05 13.70
CA LEU B 57 26.81 25.17 12.85
C LEU B 57 25.64 26.09 12.51
N LEU B 58 24.44 25.63 12.82
CA LEU B 58 23.25 26.41 12.49
C LEU B 58 22.40 26.81 13.67
N ASP B 60 22.02 29.45 15.07
CA ASP B 60 21.50 30.80 14.99
C ASP B 60 20.62 30.99 13.77
N GLN B 61 20.23 29.89 13.13
CA GLN B 61 19.40 29.96 11.94
C GLN B 61 18.09 29.19 12.14
N ILE B 62 17.13 29.43 11.24
CA ILE B 62 15.88 28.69 11.28
C ILE B 62 16.19 27.45 10.44
N VAL B 63 16.08 26.28 11.06
CA VAL B 63 16.37 25.04 10.38
C VAL B 63 15.13 24.16 10.22
N ILE B 64 14.94 23.62 9.03
CA ILE B 64 13.82 22.75 8.78
C ILE B 64 14.40 21.39 8.40
N TYR B 65 14.11 20.38 9.22
CA TYR B 65 14.58 19.05 8.93
C TYR B 65 13.56 18.44 7.98
N ASN B 66 14.03 17.93 6.86
CA ASN B 66 13.16 17.31 5.87
C ASN B 66 13.28 15.81 6.01
N PRO B 67 12.24 15.16 6.56
CA PRO B 67 12.33 13.70 6.71
C PRO B 67 12.24 13.00 5.36
N PHE B 68 11.84 13.72 4.32
CA PHE B 68 11.70 13.13 3.01
C PHE B 68 12.88 13.47 2.12
N TRP B 69 13.99 13.90 2.72
CA TRP B 69 15.16 14.25 1.92
C TRP B 69 15.50 13.14 0.91
N ASN B 70 15.15 11.89 1.24
CA ASN B 70 15.44 10.77 0.36
C ASN B 70 14.50 10.61 -0.83
N GLU B 71 13.40 11.38 -0.86
CA GLU B 71 12.43 11.31 -1.96
C GLU B 71 12.89 12.13 -3.16
N GLY B 72 13.72 13.14 -2.91
CA GLY B 72 14.20 13.99 -3.99
C GLY B 72 14.10 15.45 -3.63
N ILE B 73 15.01 16.26 -4.17
CA ILE B 73 15.08 17.69 -3.90
C ILE B 73 13.74 18.45 -4.00
N SER B 74 12.79 17.92 -4.74
CA SER B 74 11.49 18.58 -4.88
C SER B 74 10.86 18.79 -3.49
N THR B 75 11.01 17.78 -2.63
CA THR B 75 10.48 17.79 -1.28
C THR B 75 11.09 18.90 -0.42
N SER B 76 12.41 19.09 -0.53
CA SER B 76 13.07 20.12 0.25
C SER B 76 12.66 21.51 -0.26
N LEU B 77 12.52 21.62 -1.57
CA LEU B 77 12.13 22.88 -2.17
C LEU B 77 10.67 23.18 -1.85
N LYS B 78 9.83 22.16 -1.98
CA LYS B 78 8.41 22.32 -1.70
C LYS B 78 8.24 22.78 -0.26
N LEU B 79 8.98 22.13 0.65
CA LEU B 79 8.94 22.43 2.08
C LEU B 79 9.36 23.88 2.43
N GLY B 80 10.55 24.28 1.99
CA GLY B 80 11.01 25.63 2.28
C GLY B 80 10.09 26.65 1.63
N LEU B 81 9.38 26.16 0.61
CA LEU B 81 8.44 26.96 -0.15
C LEU B 81 7.22 27.32 0.71
N ARG B 82 6.76 26.37 1.53
CA ARG B 82 5.59 26.61 2.39
C ARG B 82 5.84 27.72 3.41
N PHE B 83 7.09 27.93 3.82
CA PHE B 83 7.39 28.95 4.82
C PHE B 83 7.41 30.37 4.29
N PHE B 84 7.27 30.51 2.98
CA PHE B 84 7.26 31.81 2.33
C PHE B 84 6.06 31.89 1.39
N LYS B 85 5.09 31.02 1.62
CA LYS B 85 3.88 30.93 0.81
C LYS B 85 3.32 32.28 0.34
N ASP B 86 3.38 33.30 1.18
CA ASP B 86 2.85 34.61 0.82
C ASP B 86 3.93 35.67 0.54
N TYR B 87 5.12 35.25 0.15
CA TYR B 87 6.19 36.21 -0.16
C TYR B 87 6.17 36.56 -1.64
N ASP B 88 6.92 37.59 -2.03
CA ASP B 88 6.92 37.96 -3.44
C ASP B 88 7.72 36.99 -4.28
N ALA B 89 8.82 36.49 -3.71
CA ALA B 89 9.68 35.56 -4.41
C ALA B 89 10.68 34.96 -3.42
N VAL B 90 11.06 33.71 -3.68
CA VAL B 90 12.03 33.03 -2.84
C VAL B 90 13.29 32.87 -3.67
N LEU B 91 14.43 32.99 -3.01
CA LEU B 91 15.70 32.85 -3.71
C LEU B 91 16.24 31.45 -3.38
N VAL B 92 16.04 30.50 -4.28
CA VAL B 92 16.51 29.14 -4.06
C VAL B 92 18.02 29.04 -4.17
N ALA B 93 18.71 28.97 -3.05
CA ALA B 93 20.17 28.88 -3.03
C ALA B 93 20.62 27.47 -2.68
N LEU B 94 21.82 27.08 -3.12
CA LEU B 94 22.34 25.75 -2.80
C LEU B 94 23.46 25.86 -1.77
N GLY B 95 23.41 24.99 -0.78
CA GLY B 95 24.40 25.02 0.28
C GLY B 95 25.84 24.87 -0.16
N ASP B 96 26.10 23.96 -1.10
CA ASP B 96 27.45 23.73 -1.57
C ASP B 96 28.03 24.77 -2.53
N PRO B 98 29.42 28.14 -2.15
CA PRO B 98 29.95 29.25 -1.33
C PRO B 98 30.57 30.40 -2.09
N PHE B 99 30.71 30.24 -3.40
CA PHE B 99 31.34 31.26 -4.23
C PHE B 99 30.47 32.38 -4.81
N VAL B 100 29.15 32.31 -4.59
CA VAL B 100 28.30 33.38 -5.09
C VAL B 100 28.79 34.61 -4.34
N THR B 101 28.36 35.80 -4.75
CA THR B 101 28.81 37.03 -4.08
C THR B 101 27.65 37.92 -3.64
N LYS B 102 27.89 38.76 -2.64
CA LYS B 102 26.84 39.66 -2.18
C LYS B 102 26.39 40.50 -3.36
N GLU B 103 27.33 40.83 -4.24
CA GLU B 103 27.02 41.65 -5.41
C GLU B 103 26.14 40.83 -6.36
N ASP B 104 26.54 39.58 -6.60
CA ASP B 104 25.78 38.69 -7.45
C ASP B 104 24.35 38.61 -6.92
N VAL B 105 24.22 38.45 -5.61
CA VAL B 105 22.91 38.34 -4.98
C VAL B 105 22.13 39.65 -5.10
N ASN B 106 22.82 40.77 -4.94
CA ASN B 106 22.11 42.04 -5.04
C ASN B 106 21.65 42.29 -6.47
N LYS B 107 22.42 41.81 -7.44
CA LYS B 107 22.03 41.96 -8.84
C LYS B 107 20.76 41.15 -9.06
N ILE B 108 20.84 39.85 -8.74
CA ILE B 108 19.70 38.97 -8.90
C ILE B 108 18.41 39.53 -8.32
N ILE B 109 18.49 40.21 -7.18
CA ILE B 109 17.28 40.77 -6.57
C ILE B 109 16.89 42.09 -7.23
N ASN B 110 17.87 42.94 -7.50
CA ASN B 110 17.59 44.23 -8.12
C ASN B 110 16.94 44.05 -9.49
N THR B 111 17.09 42.85 -10.06
CA THR B 111 16.49 42.56 -11.35
C THR B 111 15.01 42.26 -11.22
N PHE B 112 14.60 41.78 -10.06
CA PHE B 112 13.20 41.45 -9.85
C PHE B 112 12.25 42.58 -10.31
N LYS B 113 11.32 42.22 -11.20
CA LYS B 113 10.33 43.16 -11.73
C LYS B 113 9.07 42.34 -12.02
N PRO B 114 7.91 43.01 -12.07
CA PRO B 114 6.67 42.28 -12.35
C PRO B 114 6.79 41.54 -13.67
N ASN B 115 7.63 42.08 -14.55
CA ASN B 115 7.87 41.48 -15.87
C ASN B 115 8.49 40.09 -15.73
N CYS B 116 9.42 39.95 -14.78
CA CYS B 116 10.11 38.68 -14.56
C CYS B 116 9.39 37.80 -13.54
N LYS B 117 9.13 36.55 -13.91
CA LYS B 117 8.48 35.59 -13.04
C LYS B 117 9.59 34.73 -12.43
N ALA B 118 10.81 34.99 -12.87
CA ALA B 118 11.99 34.28 -12.41
C ALA B 118 13.20 35.04 -12.92
N VAL B 119 14.23 35.14 -12.08
CA VAL B 119 15.45 35.82 -12.45
C VAL B 119 16.52 34.77 -12.35
N ILE B 120 17.11 34.41 -13.49
CA ILE B 120 18.14 33.39 -13.54
C ILE B 120 19.53 34.03 -13.66
N PRO B 121 20.43 33.73 -12.72
CA PRO B 121 21.77 34.32 -12.84
C PRO B 121 22.48 33.63 -14.01
N THR B 122 23.31 34.38 -14.72
CA THR B 122 24.01 33.82 -15.86
C THR B 122 25.44 34.34 -15.88
N HIS B 123 26.36 33.55 -16.44
CA HIS B 123 27.75 33.97 -16.52
C HIS B 123 28.42 33.50 -17.80
N LYS B 124 28.74 34.48 -18.65
CA LYS B 124 29.39 34.23 -19.94
C LYS B 124 28.73 33.09 -20.71
N GLY B 125 27.44 33.26 -21.01
CA GLY B 125 26.71 32.26 -21.77
C GLY B 125 26.08 31.08 -21.04
N GLU B 126 26.40 30.88 -19.76
CA GLU B 126 25.83 29.77 -19.00
C GLU B 126 24.92 30.31 -17.89
N ARG B 127 23.83 29.60 -17.62
CA ARG B 127 22.91 30.02 -16.57
C ARG B 127 23.29 29.31 -15.27
N GLY B 128 23.06 30.00 -14.15
CA GLY B 128 23.42 29.41 -12.86
C GLY B 128 22.42 29.49 -11.70
N ASN B 129 23.00 29.57 -10.50
CA ASN B 129 22.23 29.65 -9.26
C ASN B 129 22.84 30.73 -8.38
N PRO B 130 22.04 31.31 -7.47
CA PRO B 130 20.62 31.06 -7.17
C PRO B 130 19.58 31.65 -8.10
N VAL B 131 18.58 30.86 -8.43
CA VAL B 131 17.48 31.32 -9.26
C VAL B 131 16.48 32.02 -8.35
N LEU B 132 15.95 33.16 -8.78
CA LEU B 132 14.99 33.90 -7.98
C LEU B 132 13.57 33.70 -8.52
N ILE B 133 12.82 32.78 -7.92
CA ILE B 133 11.46 32.48 -8.34
C ILE B 133 10.43 33.30 -7.59
N SER B 134 9.45 33.82 -8.32
CA SER B 134 8.43 34.66 -7.71
C SER B 134 7.11 33.93 -7.44
N LYS B 135 6.29 34.54 -6.59
CA LYS B 135 5.00 33.99 -6.17
C LYS B 135 4.24 33.26 -7.27
N SER B 136 4.18 33.86 -8.46
CA SER B 136 3.46 33.27 -9.58
C SER B 136 3.77 31.78 -9.81
N LEU B 137 5.00 31.35 -9.59
CA LEU B 137 5.38 29.95 -9.81
C LEU B 137 5.22 29.05 -8.59
N PHE B 138 4.73 29.57 -7.48
CA PHE B 138 4.60 28.76 -6.27
C PHE B 138 3.73 27.52 -6.37
N ASN B 139 2.49 27.67 -6.83
CA ASN B 139 1.60 26.52 -6.95
C ASN B 139 2.16 25.59 -8.02
N GLU B 140 2.99 26.14 -8.89
CA GLU B 140 3.59 25.37 -9.96
C GLU B 140 4.56 24.34 -9.39
N ILE B 141 5.52 24.77 -8.58
CA ILE B 141 6.48 23.83 -8.02
C ILE B 141 5.87 23.06 -6.86
N GLU B 142 4.73 23.53 -6.37
CA GLU B 142 4.07 22.83 -5.29
C GLU B 142 3.47 21.56 -5.91
N LYS B 143 3.32 21.58 -7.24
CA LYS B 143 2.76 20.45 -7.97
C LYS B 143 3.82 19.47 -8.46
N LEU B 144 5.08 19.88 -8.38
CA LEU B 144 6.15 19.01 -8.83
C LEU B 144 6.43 17.92 -7.80
N ARG B 145 7.00 16.80 -8.24
CA ARG B 145 7.29 15.68 -7.32
C ARG B 145 8.57 14.92 -7.64
N GLY B 146 8.83 13.87 -6.86
CA GLY B 146 10.02 13.06 -7.04
C GLY B 146 11.29 13.84 -6.82
N ASP B 147 12.34 13.50 -7.58
CA ASP B 147 13.62 14.21 -7.45
C ASP B 147 13.77 15.08 -8.69
N VAL B 148 12.67 15.70 -9.08
CA VAL B 148 12.62 16.58 -10.24
C VAL B 148 13.35 17.91 -10.05
N GLY B 149 12.73 18.84 -9.33
CA GLY B 149 13.36 20.13 -9.13
C GLY B 149 12.76 21.22 -10.00
N ALA B 150 13.06 22.48 -9.66
CA ALA B 150 12.55 23.62 -10.41
C ALA B 150 13.04 23.70 -11.85
N ARG B 151 14.12 22.98 -12.16
CA ARG B 151 14.67 22.98 -13.52
C ARG B 151 13.50 22.88 -14.50
N VAL B 152 12.71 21.82 -14.33
CA VAL B 152 11.55 21.56 -15.16
C VAL B 152 10.55 22.70 -15.09
N ILE B 153 10.43 23.32 -13.93
CA ILE B 153 9.51 24.43 -13.75
C ILE B 153 9.88 25.58 -14.67
N LEU B 154 11.16 25.92 -14.66
CA LEU B 154 11.67 27.02 -15.49
C LEU B 154 11.51 26.77 -16.99
N ASN B 155 12.01 25.61 -17.45
CA ASN B 155 11.96 25.23 -18.86
C ASN B 155 10.64 25.51 -19.55
N LYS B 156 9.55 25.37 -18.81
CA LYS B 156 8.24 25.62 -19.36
C LYS B 156 7.65 26.90 -18.77
N ILE B 157 8.06 28.03 -19.34
CA ILE B 157 7.60 29.37 -18.95
C ILE B 157 7.94 30.24 -20.15
N LYS B 158 7.06 31.17 -20.52
CA LYS B 158 7.32 32.05 -21.66
C LYS B 158 8.69 32.65 -21.45
N ILE B 159 9.63 32.34 -22.33
CA ILE B 159 10.98 32.86 -22.17
C ILE B 159 10.94 34.37 -21.96
N GLU B 160 9.88 35.02 -22.44
CA GLU B 160 9.79 36.46 -22.29
C GLU B 160 9.48 36.87 -20.85
N GLU B 161 9.14 35.89 -20.01
CA GLU B 161 8.84 36.18 -18.61
C GLU B 161 10.11 35.87 -17.79
N LEU B 162 11.11 35.30 -18.45
CA LEU B 162 12.39 34.96 -17.82
C LEU B 162 13.42 36.08 -17.97
N CYS B 163 14.26 36.28 -16.95
CA CYS B 163 15.28 37.33 -16.99
C CYS B 163 16.63 36.73 -16.62
N PHE B 164 17.70 37.19 -17.28
CA PHE B 164 19.05 36.68 -17.05
C PHE B 164 19.99 37.80 -16.66
N ILE B 165 20.80 37.57 -15.62
CA ILE B 165 21.75 38.58 -15.15
C ILE B 165 23.18 38.05 -15.12
N GLU B 166 24.11 38.84 -15.64
CA GLU B 166 25.51 38.41 -15.61
C GLU B 166 26.03 38.61 -14.21
N CYS B 167 26.49 37.53 -13.61
CA CYS B 167 27.03 37.55 -12.27
C CYS B 167 28.41 36.92 -12.35
N SER B 168 29.16 37.00 -11.25
CA SER B 168 30.50 36.43 -11.19
C SER B 168 30.46 34.97 -11.59
N GLU B 169 31.64 34.38 -11.76
CA GLU B 169 31.68 32.97 -12.12
C GLU B 169 31.17 32.15 -10.94
N GLY B 170 31.19 32.75 -9.76
CA GLY B 170 30.74 32.07 -8.56
C GLY B 170 29.49 31.27 -8.92
N VAL B 171 28.50 31.99 -9.42
CA VAL B 171 27.22 31.44 -9.83
C VAL B 171 27.23 30.12 -10.61
N LEU B 172 28.39 29.75 -11.18
CA LEU B 172 28.47 28.53 -11.96
C LEU B 172 29.23 27.39 -11.31
N ILE B 173 29.93 27.66 -10.21
CA ILE B 173 30.70 26.61 -9.53
C ILE B 173 30.25 26.27 -8.11
N ASP B 174 30.36 24.98 -7.80
CA ASP B 174 30.00 24.48 -6.49
C ASP B 174 31.05 23.46 -6.05
N ILE B 175 31.17 23.27 -4.74
CA ILE B 175 32.14 22.32 -4.20
C ILE B 175 31.54 20.93 -4.28
N ASP B 176 31.55 20.36 -5.48
CA ASP B 176 31.04 19.02 -5.70
C ASP B 176 32.20 18.16 -6.17
N ASN C 2 9.05 -3.94 -21.92
CA ASN C 2 7.66 -4.05 -22.30
C ASN C 2 7.24 -5.42 -22.81
N ILE C 3 6.68 -6.22 -21.93
CA ILE C 3 6.21 -7.54 -22.31
C ILE C 3 4.77 -7.76 -21.88
N GLY C 4 3.92 -8.07 -22.85
CA GLY C 4 2.53 -8.32 -22.54
C GLY C 4 2.28 -9.81 -22.63
N VAL C 5 1.46 -10.34 -21.73
CA VAL C 5 1.15 -11.76 -21.76
C VAL C 5 -0.25 -11.95 -22.33
N ILE C 6 -0.35 -12.71 -23.40
CA ILE C 6 -1.62 -13.02 -24.03
C ILE C 6 -1.99 -14.44 -23.65
N ILE C 7 -2.97 -14.63 -22.77
CA ILE C 7 -3.29 -16.02 -22.47
C ILE C 7 -4.55 -16.43 -23.25
N LEU C 8 -4.33 -17.40 -24.14
CA LEU C 8 -5.37 -17.93 -25.02
C LEU C 8 -6.22 -18.99 -24.36
N ALA C 9 -7.54 -18.79 -24.41
CA ALA C 9 -8.50 -19.72 -23.83
C ALA C 9 -9.81 -19.67 -24.60
N ALA C 10 -9.72 -19.48 -25.92
CA ALA C 10 -10.91 -19.39 -26.75
C ALA C 10 -11.44 -20.72 -27.23
N GLY C 11 -10.68 -21.78 -26.99
CA GLY C 11 -11.10 -23.13 -27.38
C GLY C 11 -11.30 -23.36 -28.87
N GLU C 12 -10.69 -22.53 -29.70
CA GLU C 12 -10.81 -22.63 -31.15
C GLU C 12 -10.56 -24.03 -31.70
N GLY C 13 -11.31 -24.38 -32.75
CA GLY C 13 -11.18 -25.70 -33.33
C GLY C 13 -11.59 -26.71 -32.28
N LYS C 14 -10.76 -27.73 -32.08
CA LYS C 14 -11.05 -28.75 -31.09
C LYS C 14 -10.19 -28.55 -29.83
N ARG C 15 -9.80 -27.32 -29.57
CA ARG C 15 -9.01 -27.00 -28.38
C ARG C 15 -9.97 -26.82 -27.19
N PHE C 16 -9.41 -26.66 -25.99
CA PHE C 16 -10.26 -26.48 -24.81
C PHE C 16 -11.11 -25.22 -24.81
N GLY C 17 -12.41 -25.43 -24.97
CA GLY C 17 -13.37 -24.34 -25.07
C GLY C 17 -13.57 -23.35 -23.92
N GLY C 18 -13.73 -23.85 -22.71
CA GLY C 18 -13.95 -22.97 -21.58
C GLY C 18 -14.66 -23.77 -20.52
N ASP C 19 -15.36 -24.81 -20.98
CA ASP C 19 -16.04 -25.72 -20.09
C ASP C 19 -14.94 -26.60 -19.49
N LYS C 20 -14.01 -27.04 -20.34
CA LYS C 20 -12.90 -27.89 -19.90
C LYS C 20 -11.94 -27.13 -18.98
N LEU C 21 -11.81 -25.83 -19.22
CA LEU C 21 -10.94 -24.96 -18.44
C LEU C 21 -11.54 -24.65 -17.06
N LEU C 22 -12.85 -24.89 -16.91
CA LEU C 22 -13.51 -24.67 -15.63
C LEU C 22 -13.24 -25.82 -14.67
N ALA C 23 -12.89 -26.98 -15.22
CA ALA C 23 -12.57 -28.15 -14.41
C ALA C 23 -11.50 -27.78 -13.40
N LYS C 24 -11.47 -28.45 -12.26
CA LYS C 24 -10.49 -28.13 -11.22
C LYS C 24 -9.24 -29.00 -11.14
N ILE C 25 -8.27 -28.49 -10.39
CA ILE C 25 -7.01 -29.15 -10.14
C ILE C 25 -6.73 -28.81 -8.69
N ASP C 26 -7.20 -29.68 -7.80
CA ASP C 26 -7.05 -29.52 -6.37
C ASP C 26 -7.78 -28.25 -5.92
N ASN C 27 -9.09 -28.27 -6.16
CA ASN C 27 -9.98 -27.18 -5.77
C ASN C 27 -9.91 -25.87 -6.49
N THR C 28 -9.12 -25.76 -7.55
CA THR C 28 -9.12 -24.49 -8.26
C THR C 28 -9.18 -24.68 -9.76
N PRO C 29 -10.16 -24.01 -10.40
CA PRO C 29 -10.33 -24.10 -11.85
C PRO C 29 -8.98 -23.95 -12.57
N ILE C 30 -8.72 -24.79 -13.56
CA ILE C 30 -7.43 -24.71 -14.22
C ILE C 30 -7.12 -23.35 -14.84
N ILE C 31 -8.14 -22.63 -15.32
CA ILE C 31 -7.88 -21.32 -15.93
C ILE C 31 -7.39 -20.32 -14.87
N ARG C 33 -5.79 -21.19 -12.28
CA ARG C 33 -4.47 -21.72 -11.93
C ARG C 33 -3.44 -21.17 -12.88
N THR C 34 -3.75 -21.29 -14.15
CA THR C 34 -2.87 -20.84 -15.22
C THR C 34 -2.59 -19.36 -15.17
N ILE C 35 -3.57 -18.57 -14.79
CA ILE C 35 -3.37 -17.12 -14.75
C ILE C 35 -2.44 -16.68 -13.63
N ARG C 36 -2.48 -17.38 -12.50
CA ARG C 36 -1.63 -17.04 -11.38
C ARG C 36 -0.16 -17.25 -11.72
N ILE C 37 0.09 -18.16 -12.65
CA ILE C 37 1.45 -18.45 -13.05
C ILE C 37 2.15 -17.19 -13.55
N TYR C 38 1.38 -16.24 -14.08
CA TYR C 38 1.99 -15.04 -14.60
C TYR C 38 1.98 -13.81 -13.69
N GLY C 39 1.67 -14.04 -12.42
CA GLY C 39 1.64 -12.97 -11.43
C GLY C 39 1.19 -11.58 -11.86
N ASP C 40 1.96 -10.58 -11.45
CA ASP C 40 1.64 -9.20 -11.76
C ASP C 40 2.05 -8.76 -13.16
N LEU C 41 2.44 -9.71 -14.00
CA LEU C 41 2.82 -9.40 -15.37
C LEU C 41 1.57 -8.85 -16.10
N GLU C 42 1.74 -7.87 -16.98
CA GLU C 42 0.59 -7.32 -17.69
C GLU C 42 -0.02 -8.44 -18.55
N LYS C 43 -1.34 -8.60 -18.49
CA LYS C 43 -1.92 -9.71 -19.26
C LYS C 43 -3.39 -9.56 -19.60
N ILE C 44 -3.77 -10.18 -20.72
CA ILE C 44 -5.15 -10.17 -21.13
C ILE C 44 -5.53 -11.61 -21.42
N ILE C 45 -6.78 -11.96 -21.18
CA ILE C 45 -7.24 -13.31 -21.45
C ILE C 45 -8.18 -13.29 -22.63
N ILE C 46 -7.85 -14.05 -23.68
CA ILE C 46 -8.69 -14.10 -24.88
C ILE C 46 -9.59 -15.33 -24.74
N VAL C 47 -10.91 -15.10 -24.73
CA VAL C 47 -11.86 -16.13 -24.34
C VAL C 47 -13.06 -16.15 -25.28
N GLY C 48 -13.30 -17.31 -25.89
CA GLY C 48 -14.34 -17.46 -26.87
C GLY C 48 -15.35 -18.54 -26.54
N LYS C 49 -14.98 -19.78 -26.85
CA LYS C 49 -15.97 -20.83 -27.05
C LYS C 49 -17.02 -20.85 -25.95
N TYR C 50 -16.57 -20.65 -24.72
CA TYR C 50 -17.47 -20.66 -23.57
C TYR C 50 -17.32 -19.40 -22.74
N VAL C 51 -17.40 -18.25 -23.38
CA VAL C 51 -17.28 -16.97 -22.70
C VAL C 51 -18.05 -16.94 -21.40
N ASN C 52 -19.34 -17.25 -21.49
CA ASN C 52 -20.24 -17.20 -20.36
C ASN C 52 -19.85 -17.97 -19.11
N GLU C 53 -19.22 -19.14 -19.27
CA GLU C 53 -18.81 -19.89 -18.10
C GLU C 53 -17.57 -19.29 -17.50
N LEU C 55 -16.09 -15.96 -17.83
CA LEU C 55 -16.17 -14.62 -17.27
C LEU C 55 -16.39 -14.52 -15.77
N PRO C 56 -17.41 -15.23 -15.24
CA PRO C 56 -17.61 -15.10 -13.80
C PRO C 56 -16.37 -15.34 -12.94
N LEU C 57 -15.43 -16.15 -13.40
CA LEU C 57 -14.24 -16.38 -12.58
C LEU C 57 -13.01 -15.63 -13.06
N LEU C 58 -13.25 -14.58 -13.83
CA LEU C 58 -12.20 -13.73 -14.38
C LEU C 58 -12.66 -12.26 -14.24
N ASP C 60 -11.80 -9.96 -12.29
CA ASP C 60 -10.73 -9.03 -11.97
C ASP C 60 -9.66 -9.08 -13.06
N GLN C 61 -10.07 -9.40 -14.28
CA GLN C 61 -9.15 -9.51 -15.41
C GLN C 61 -9.60 -8.76 -16.66
N ILE C 62 -8.65 -8.42 -17.52
CA ILE C 62 -8.99 -7.77 -18.78
C ILE C 62 -9.27 -8.93 -19.71
N VAL C 63 -10.55 -9.16 -20.00
CA VAL C 63 -10.95 -10.27 -20.85
C VAL C 63 -11.45 -9.82 -22.22
N ILE C 64 -10.90 -10.37 -23.29
CA ILE C 64 -11.34 -10.00 -24.63
C ILE C 64 -12.00 -11.20 -25.30
N TYR C 65 -13.30 -11.11 -25.52
CA TYR C 65 -14.05 -12.17 -26.17
C TYR C 65 -13.90 -12.18 -27.69
N ASN C 66 -13.37 -13.28 -28.24
CA ASN C 66 -13.18 -13.40 -29.69
C ASN C 66 -14.38 -14.04 -30.39
N PRO C 67 -15.17 -13.24 -31.10
CA PRO C 67 -16.31 -13.84 -31.78
C PRO C 67 -15.92 -14.64 -33.01
N PHE C 68 -14.62 -14.71 -33.31
CA PHE C 68 -14.16 -15.49 -34.46
C PHE C 68 -13.33 -16.67 -34.00
N TRP C 69 -13.37 -16.95 -32.69
CA TRP C 69 -12.59 -18.05 -32.15
C TRP C 69 -12.71 -19.30 -33.03
N ASN C 70 -13.93 -19.54 -33.51
CA ASN C 70 -14.25 -20.68 -34.35
C ASN C 70 -13.38 -20.75 -35.62
N GLU C 71 -12.97 -19.60 -36.12
CA GLU C 71 -12.16 -19.50 -37.32
C GLU C 71 -10.74 -20.05 -37.15
N GLY C 72 -10.24 -20.04 -35.92
CA GLY C 72 -8.90 -20.53 -35.68
C GLY C 72 -8.17 -19.71 -34.63
N ILE C 73 -7.07 -20.25 -34.12
CA ILE C 73 -6.33 -19.59 -33.07
C ILE C 73 -5.61 -18.32 -33.51
N SER C 74 -5.35 -18.19 -34.81
CA SER C 74 -4.68 -16.99 -35.26
C SER C 74 -5.55 -15.78 -35.00
N THR C 75 -6.86 -15.94 -35.15
CA THR C 75 -7.77 -14.83 -34.91
C THR C 75 -7.68 -14.34 -33.49
N SER C 76 -7.49 -15.26 -32.54
CA SER C 76 -7.38 -14.87 -31.15
C SER C 76 -6.02 -14.25 -30.88
N LEU C 77 -4.98 -14.80 -31.50
CA LEU C 77 -3.62 -14.29 -31.32
C LEU C 77 -3.50 -12.91 -31.96
N LYS C 78 -4.09 -12.72 -33.13
CA LYS C 78 -4.01 -11.42 -33.78
C LYS C 78 -4.75 -10.38 -32.95
N LEU C 79 -5.76 -10.82 -32.23
CA LEU C 79 -6.57 -9.95 -31.40
C LEU C 79 -5.78 -9.56 -30.16
N GLY C 80 -5.23 -10.54 -29.47
CA GLY C 80 -4.47 -10.22 -28.27
C GLY C 80 -3.26 -9.38 -28.60
N LEU C 81 -2.82 -9.45 -29.85
CA LEU C 81 -1.65 -8.71 -30.28
C LEU C 81 -1.95 -7.23 -30.42
N ARG C 82 -3.15 -6.89 -30.89
CA ARG C 82 -3.52 -5.49 -31.06
C ARG C 82 -3.29 -4.72 -29.77
N PHE C 83 -3.61 -5.38 -28.66
CA PHE C 83 -3.48 -4.80 -27.33
C PHE C 83 -2.03 -4.51 -26.93
N PHE C 84 -1.09 -5.17 -27.56
CA PHE C 84 0.34 -5.01 -27.24
C PHE C 84 1.17 -4.64 -28.47
N LYS C 85 0.51 -4.05 -29.45
CA LYS C 85 1.14 -3.66 -30.72
C LYS C 85 2.51 -3.01 -30.51
N ASP C 86 2.56 -1.96 -29.70
CA ASP C 86 3.79 -1.22 -29.45
C ASP C 86 4.80 -1.82 -28.47
N TYR C 87 4.52 -2.99 -27.90
CA TYR C 87 5.47 -3.59 -26.96
C TYR C 87 6.68 -4.22 -27.64
N ASP C 88 7.65 -4.62 -26.83
CA ASP C 88 8.87 -5.22 -27.34
C ASP C 88 8.62 -6.69 -27.68
N ALA C 89 8.06 -7.43 -26.72
CA ALA C 89 7.73 -8.84 -26.92
C ALA C 89 6.37 -9.15 -26.31
N VAL C 90 5.84 -10.34 -26.59
CA VAL C 90 4.56 -10.74 -26.03
C VAL C 90 4.63 -12.24 -25.72
N LEU C 91 4.35 -12.62 -24.47
CA LEU C 91 4.38 -14.03 -24.04
C LEU C 91 3.06 -14.69 -24.46
N VAL C 92 3.12 -15.73 -25.30
CA VAL C 92 1.90 -16.40 -25.76
C VAL C 92 1.63 -17.63 -24.91
N ALA C 93 0.74 -17.50 -23.93
CA ALA C 93 0.43 -18.60 -23.03
C ALA C 93 -0.86 -19.30 -23.41
N LEU C 94 -0.97 -20.56 -22.99
CA LEU C 94 -2.16 -21.35 -23.27
C LEU C 94 -2.90 -21.62 -21.97
N GLY C 95 -4.19 -21.28 -21.94
CA GLY C 95 -5.00 -21.45 -20.75
C GLY C 95 -5.01 -22.84 -20.16
N ASP C 96 -4.86 -23.86 -21.00
CA ASP C 96 -4.88 -25.24 -20.53
C ASP C 96 -3.51 -25.84 -20.19
N PRO C 98 -1.71 -25.35 -17.10
CA PRO C 98 -1.59 -24.82 -15.75
C PRO C 98 -0.31 -25.24 -15.05
N PHE C 99 0.49 -26.06 -15.72
CA PHE C 99 1.70 -26.58 -15.09
C PHE C 99 3.00 -25.81 -15.26
N VAL C 100 2.99 -24.78 -16.08
CA VAL C 100 4.18 -23.95 -16.25
C VAL C 100 4.40 -23.41 -14.83
N THR C 101 5.62 -22.99 -14.52
CA THR C 101 5.89 -22.48 -13.18
C THR C 101 6.36 -21.05 -13.25
N LYS C 102 6.20 -20.30 -12.17
CA LYS C 102 6.65 -18.91 -12.17
C LYS C 102 8.10 -18.84 -12.61
N GLU C 103 8.92 -19.72 -12.05
CA GLU C 103 10.34 -19.75 -12.38
C GLU C 103 10.59 -19.99 -13.86
N ASP C 104 9.73 -20.79 -14.49
CA ASP C 104 9.89 -21.03 -15.92
C ASP C 104 9.69 -19.72 -16.64
N VAL C 105 8.72 -18.94 -16.19
CA VAL C 105 8.42 -17.65 -16.81
C VAL C 105 9.58 -16.68 -16.59
N ASN C 106 10.25 -16.82 -15.46
CA ASN C 106 11.41 -15.97 -15.15
C ASN C 106 12.50 -16.32 -16.15
N LYS C 107 12.92 -17.58 -16.13
CA LYS C 107 13.97 -18.03 -17.03
C LYS C 107 13.65 -17.56 -18.43
N ILE C 108 12.40 -17.68 -18.86
CA ILE C 108 12.04 -17.27 -20.21
C ILE C 108 12.25 -15.78 -20.43
N ILE C 109 11.72 -14.96 -19.52
CA ILE C 109 11.84 -13.51 -19.67
C ILE C 109 13.27 -13.01 -19.45
N ASN C 110 13.96 -13.56 -18.45
CA ASN C 110 15.33 -13.15 -18.17
C ASN C 110 16.31 -13.66 -19.22
N THR C 111 15.78 -14.29 -20.26
CA THR C 111 16.58 -14.83 -21.35
C THR C 111 16.40 -14.02 -22.63
N PHE C 112 15.43 -13.12 -22.60
CA PHE C 112 15.14 -12.33 -23.79
C PHE C 112 16.17 -11.24 -24.09
N LYS C 113 17.22 -11.62 -24.81
CA LYS C 113 18.24 -10.67 -25.19
C LYS C 113 17.88 -10.14 -26.57
N PRO C 114 18.35 -8.93 -26.91
CA PRO C 114 18.08 -8.28 -28.20
C PRO C 114 18.50 -9.10 -29.43
N ASN C 115 19.39 -10.06 -29.23
CA ASN C 115 19.84 -10.89 -30.34
C ASN C 115 18.68 -11.70 -30.93
N CYS C 116 18.09 -12.57 -30.10
CA CYS C 116 17.00 -13.43 -30.55
C CYS C 116 15.63 -12.80 -30.73
N LYS C 117 14.97 -13.18 -31.82
CA LYS C 117 13.64 -12.70 -32.18
C LYS C 117 12.54 -13.40 -31.40
N ALA C 118 12.89 -14.47 -30.70
CA ALA C 118 11.91 -15.20 -29.92
C ALA C 118 12.60 -16.21 -29.00
N VAL C 119 12.07 -16.34 -27.78
CA VAL C 119 12.63 -17.26 -26.82
C VAL C 119 11.70 -18.46 -26.66
N ILE C 120 12.26 -19.66 -26.76
CA ILE C 120 11.44 -20.85 -26.64
C ILE C 120 11.90 -21.75 -25.51
N PRO C 121 11.07 -21.92 -24.48
CA PRO C 121 11.47 -22.80 -23.38
C PRO C 121 11.72 -24.20 -23.90
N THR C 122 12.42 -25.00 -23.11
CA THR C 122 12.77 -26.36 -23.49
C THR C 122 12.88 -27.28 -22.29
N HIS C 123 12.47 -28.53 -22.46
CA HIS C 123 12.59 -29.50 -21.38
C HIS C 123 13.09 -30.80 -21.97
N LYS C 124 14.37 -31.10 -21.75
CA LYS C 124 15.00 -32.31 -22.24
C LYS C 124 14.88 -32.45 -23.75
N GLY C 125 15.35 -31.42 -24.46
CA GLY C 125 15.34 -31.45 -25.91
C GLY C 125 14.01 -31.27 -26.63
N GLU C 126 12.98 -30.85 -25.91
CA GLU C 126 11.67 -30.63 -26.52
C GLU C 126 11.20 -29.19 -26.39
N ARG C 127 10.94 -28.53 -27.51
CA ARG C 127 10.48 -27.15 -27.51
C ARG C 127 9.09 -27.12 -26.84
N GLY C 128 8.91 -26.17 -25.91
CA GLY C 128 7.64 -26.06 -25.21
C GLY C 128 6.99 -24.69 -25.22
N ASN C 129 6.12 -24.46 -24.22
CA ASN C 129 5.38 -23.20 -24.05
C ASN C 129 5.36 -22.75 -22.58
N PRO C 130 5.14 -21.45 -22.33
CA PRO C 130 4.89 -20.36 -23.28
C PRO C 130 6.11 -19.83 -23.99
N VAL C 131 5.93 -19.42 -25.24
CA VAL C 131 6.99 -18.86 -26.07
C VAL C 131 6.98 -17.34 -26.05
N LEU C 132 8.17 -16.73 -25.91
CA LEU C 132 8.29 -15.27 -25.89
C LEU C 132 8.53 -14.82 -27.32
N ILE C 133 7.67 -13.96 -27.85
CA ILE C 133 7.79 -13.49 -29.22
C ILE C 133 8.06 -11.98 -29.32
N SER C 134 9.20 -11.63 -29.91
CA SER C 134 9.60 -10.22 -30.03
C SER C 134 8.91 -9.46 -31.14
N LYS C 135 8.89 -8.13 -30.97
CA LYS C 135 8.25 -7.22 -31.92
C LYS C 135 8.57 -7.53 -33.37
N SER C 136 9.83 -7.86 -33.64
CA SER C 136 10.27 -8.15 -35.00
C SER C 136 9.40 -9.21 -35.68
N LEU C 137 8.76 -10.07 -34.90
CA LEU C 137 7.92 -11.11 -35.46
C LEU C 137 6.43 -10.77 -35.56
N PHE C 138 5.99 -9.70 -34.89
CA PHE C 138 4.58 -9.35 -34.93
C PHE C 138 3.99 -9.25 -36.33
N ASN C 139 4.77 -8.74 -37.28
CA ASN C 139 4.26 -8.59 -38.64
C ASN C 139 3.97 -9.95 -39.26
N GLU C 140 4.67 -10.97 -38.77
CA GLU C 140 4.47 -12.33 -39.28
C GLU C 140 3.17 -12.89 -38.72
N ILE C 141 2.98 -12.76 -37.41
CA ILE C 141 1.78 -13.23 -36.74
C ILE C 141 0.54 -12.67 -37.42
N GLU C 142 0.71 -11.54 -38.10
CA GLU C 142 -0.42 -10.93 -38.78
C GLU C 142 -0.77 -11.70 -40.05
N LYS C 143 0.25 -12.21 -40.74
CA LYS C 143 0.04 -12.94 -41.98
C LYS C 143 -0.68 -14.27 -41.73
N LEU C 144 -0.59 -14.76 -40.49
CA LEU C 144 -1.23 -16.01 -40.10
C LEU C 144 -2.70 -16.02 -40.50
N ARG C 145 -3.24 -17.21 -40.72
CA ARG C 145 -4.64 -17.36 -41.09
C ARG C 145 -5.26 -18.54 -40.40
N GLY C 146 -6.57 -18.47 -40.22
CA GLY C 146 -7.31 -19.54 -39.59
C GLY C 146 -6.77 -20.06 -38.29
N ASP C 147 -6.49 -21.35 -38.27
CA ASP C 147 -6.01 -22.01 -37.07
C ASP C 147 -4.53 -22.36 -37.13
N VAL C 148 -3.73 -21.49 -37.75
CA VAL C 148 -2.31 -21.78 -37.86
C VAL C 148 -1.47 -21.63 -36.60
N GLY C 149 -1.27 -20.42 -36.11
CA GLY C 149 -0.47 -20.29 -34.90
C GLY C 149 1.03 -20.04 -35.12
N ALA C 150 1.64 -19.41 -34.12
CA ALA C 150 3.06 -19.03 -34.13
C ALA C 150 4.12 -20.10 -34.44
N ARG C 151 3.92 -21.32 -33.97
CA ARG C 151 4.89 -22.39 -34.21
C ARG C 151 5.40 -22.42 -35.65
N VAL C 152 4.48 -22.28 -36.59
CA VAL C 152 4.81 -22.28 -38.01
C VAL C 152 5.88 -21.25 -38.34
N ILE C 153 5.79 -20.07 -37.73
CA ILE C 153 6.75 -18.99 -37.95
C ILE C 153 8.09 -19.29 -37.29
N LEU C 154 8.05 -19.90 -36.11
CA LEU C 154 9.26 -20.22 -35.36
C LEU C 154 10.14 -21.27 -36.04
N ASN C 155 9.50 -22.32 -36.57
CA ASN C 155 10.26 -23.38 -37.24
C ASN C 155 10.81 -22.90 -38.57
N LYS C 156 10.48 -21.68 -38.96
CA LYS C 156 10.93 -21.12 -40.22
C LYS C 156 12.07 -20.11 -40.07
N ILE C 157 12.22 -19.55 -38.87
CA ILE C 157 13.25 -18.55 -38.62
C ILE C 157 14.64 -19.14 -38.39
N LYS C 158 15.66 -18.32 -38.66
CA LYS C 158 17.06 -18.72 -38.53
C LYS C 158 17.41 -19.24 -37.14
N ILE C 159 17.67 -20.54 -37.09
CA ILE C 159 18.00 -21.25 -35.86
C ILE C 159 18.92 -20.53 -34.88
N GLU C 160 19.70 -19.55 -35.35
CA GLU C 160 20.60 -18.85 -34.44
C GLU C 160 19.99 -17.74 -33.59
N GLU C 161 19.34 -16.75 -34.19
CA GLU C 161 18.75 -15.69 -33.36
C GLU C 161 17.41 -16.17 -32.77
N LEU C 162 17.46 -17.36 -32.18
CA LEU C 162 16.30 -17.96 -31.55
C LEU C 162 16.80 -18.60 -30.27
N CYS C 163 16.75 -17.87 -29.16
CA CYS C 163 17.22 -18.37 -27.87
C CYS C 163 16.41 -19.56 -27.34
N PHE C 164 16.90 -20.17 -26.26
CA PHE C 164 16.24 -21.33 -25.64
C PHE C 164 16.67 -21.38 -24.17
N ILE C 165 15.91 -22.07 -23.33
CA ILE C 165 16.27 -22.26 -21.93
C ILE C 165 15.54 -23.45 -21.36
N GLU C 166 16.27 -24.34 -20.71
CA GLU C 166 15.63 -25.49 -20.11
C GLU C 166 14.70 -24.94 -19.05
N CYS C 167 13.53 -25.53 -18.94
CA CYS C 167 12.54 -25.13 -17.94
C CYS C 167 12.01 -26.46 -17.44
N SER C 168 11.03 -26.43 -16.56
CA SER C 168 10.48 -27.67 -16.02
C SER C 168 9.60 -28.46 -16.99
N GLU C 169 9.21 -29.66 -16.55
CA GLU C 169 8.33 -30.53 -17.33
C GLU C 169 7.11 -29.74 -17.80
N GLY C 170 6.60 -28.89 -16.90
CA GLY C 170 5.44 -28.08 -17.19
C GLY C 170 5.37 -27.49 -18.58
N VAL C 171 6.48 -26.96 -19.07
CA VAL C 171 6.50 -26.37 -20.40
C VAL C 171 6.14 -27.37 -21.50
N LEU C 172 5.96 -28.64 -21.09
CA LEU C 172 5.63 -29.70 -22.03
C LEU C 172 4.29 -30.36 -21.69
N ILE C 173 3.90 -30.29 -20.43
CA ILE C 173 2.65 -30.90 -19.97
C ILE C 173 1.38 -30.09 -20.21
N ASP C 174 0.70 -30.33 -21.32
CA ASP C 174 -0.56 -29.66 -21.61
C ASP C 174 -1.59 -30.49 -20.85
N ILE C 175 -2.68 -29.88 -20.42
CA ILE C 175 -3.70 -30.58 -19.65
C ILE C 175 -4.10 -31.95 -20.25
N ASP C 176 -4.13 -32.04 -21.57
CA ASP C 176 -4.47 -33.30 -22.22
C ASP C 176 -3.37 -34.35 -21.95
N LYS C 177 -2.11 -33.91 -22.05
CA LYS C 177 -0.97 -34.78 -21.76
C LYS C 177 -1.05 -35.11 -20.26
N LYS C 178 -2.06 -35.89 -19.90
CA LYS C 178 -2.32 -36.29 -18.53
C LYS C 178 -3.69 -36.98 -18.53
N ASN D 2 -9.46 4.41 -41.97
CA ASN D 2 -9.71 3.44 -40.92
C ASN D 2 -10.18 4.08 -39.63
N ILE D 3 -11.48 4.02 -39.42
CA ILE D 3 -12.10 4.56 -38.22
C ILE D 3 -12.59 3.39 -37.36
N GLY D 4 -12.12 3.34 -36.13
CA GLY D 4 -12.60 2.30 -35.24
C GLY D 4 -13.73 2.87 -34.43
N VAL D 5 -14.77 2.07 -34.18
CA VAL D 5 -15.88 2.54 -33.37
C VAL D 5 -15.79 1.87 -32.00
N ILE D 6 -15.77 2.69 -30.95
CA ILE D 6 -15.72 2.13 -29.61
C ILE D 6 -17.07 2.39 -28.97
N ILE D 7 -17.81 1.33 -28.67
CA ILE D 7 -19.09 1.49 -28.03
C ILE D 7 -18.86 1.29 -26.53
N LEU D 8 -18.97 2.36 -25.77
CA LEU D 8 -18.78 2.33 -24.33
C LEU D 8 -20.10 1.94 -23.73
N ALA D 9 -20.06 0.97 -22.82
CA ALA D 9 -21.27 0.52 -22.15
C ALA D 9 -20.88 -0.19 -20.86
N ALA D 10 -20.17 0.49 -19.96
CA ALA D 10 -19.76 -0.15 -18.73
C ALA D 10 -20.10 0.63 -17.44
N GLY D 11 -21.04 1.57 -17.53
CA GLY D 11 -21.41 2.39 -16.37
C GLY D 11 -22.08 1.71 -15.18
N GLU D 12 -21.86 2.23 -13.97
CA GLU D 12 -22.41 1.67 -12.70
C GLU D 12 -23.74 0.88 -12.82
N ASP D 19 -28.12 -1.58 -15.86
CA ASP D 19 -29.12 -2.49 -16.39
C ASP D 19 -29.96 -1.81 -17.48
N LYS D 20 -29.87 -0.48 -17.55
CA LYS D 20 -30.62 0.30 -18.55
C LYS D 20 -30.41 -0.17 -19.99
N LEU D 21 -29.20 -0.64 -20.29
CA LEU D 21 -28.87 -1.11 -21.64
C LEU D 21 -29.57 -2.41 -21.99
N LEU D 22 -30.03 -3.14 -20.97
CA LEU D 22 -30.72 -4.39 -21.23
C LEU D 22 -32.18 -4.08 -21.55
N ALA D 23 -32.71 -3.04 -20.91
CA ALA D 23 -34.10 -2.65 -21.14
C ALA D 23 -34.37 -2.63 -22.64
N LYS D 24 -35.57 -3.08 -23.02
CA LYS D 24 -35.93 -3.11 -24.43
C LYS D 24 -36.71 -1.88 -24.84
N ILE D 25 -36.74 -1.64 -26.15
CA ILE D 25 -37.46 -0.52 -26.70
C ILE D 25 -37.94 -0.98 -28.07
N ASP D 26 -39.25 -1.18 -28.17
CA ASP D 26 -39.86 -1.65 -29.40
C ASP D 26 -39.32 -3.06 -29.67
N ASN D 27 -39.37 -3.90 -28.64
CA ASN D 27 -38.90 -5.28 -28.69
C ASN D 27 -37.47 -5.45 -29.21
N THR D 28 -36.54 -4.69 -28.63
CA THR D 28 -35.14 -4.75 -29.00
C THR D 28 -34.40 -4.11 -27.84
N PRO D 29 -33.33 -4.77 -27.35
CA PRO D 29 -32.59 -4.18 -26.23
C PRO D 29 -31.84 -2.93 -26.69
N ILE D 30 -31.83 -1.90 -25.84
CA ILE D 30 -31.16 -0.64 -26.15
C ILE D 30 -29.82 -0.86 -26.84
N ILE D 31 -28.91 -1.51 -26.12
CA ILE D 31 -27.57 -1.79 -26.64
C ILE D 31 -27.56 -2.46 -28.02
N ARG D 33 -29.90 -1.94 -30.41
CA ARG D 33 -30.27 -0.88 -31.34
C ARG D 33 -29.03 -0.05 -31.61
N THR D 34 -28.37 0.36 -30.53
CA THR D 34 -27.16 1.15 -30.63
C THR D 34 -26.13 0.48 -31.55
N ILE D 35 -25.87 -0.81 -31.34
CA ILE D 35 -24.90 -1.52 -32.16
C ILE D 35 -25.25 -1.45 -33.64
N ARG D 36 -26.53 -1.53 -33.95
CA ARG D 36 -27.00 -1.50 -35.34
C ARG D 36 -26.64 -0.18 -36.06
N ILE D 37 -26.79 0.93 -35.32
CA ILE D 37 -26.48 2.24 -35.86
C ILE D 37 -25.15 2.29 -36.60
N TYR D 38 -24.11 1.70 -36.03
CA TYR D 38 -22.79 1.76 -36.65
C TYR D 38 -22.50 0.75 -37.75
N GLY D 39 -23.56 0.08 -38.20
CA GLY D 39 -23.45 -0.89 -39.28
C GLY D 39 -22.18 -1.71 -39.42
N ASP D 40 -21.60 -1.69 -40.61
CA ASP D 40 -20.39 -2.45 -40.92
C ASP D 40 -19.08 -1.87 -40.39
N LEU D 41 -19.13 -0.74 -39.68
CA LEU D 41 -17.89 -0.17 -39.17
C LEU D 41 -17.16 -1.12 -38.23
N GLU D 42 -15.83 -1.08 -38.24
CA GLU D 42 -15.04 -1.93 -37.35
C GLU D 42 -15.26 -1.40 -35.93
N LYS D 43 -15.96 -2.16 -35.09
CA LYS D 43 -16.25 -1.73 -33.72
C LYS D 43 -15.86 -2.73 -32.63
N ILE D 44 -15.95 -2.29 -31.38
CA ILE D 44 -15.67 -3.11 -30.22
C ILE D 44 -16.59 -2.62 -29.13
N ILE D 45 -16.86 -3.45 -28.13
CA ILE D 45 -17.75 -3.03 -27.07
C ILE D 45 -17.12 -3.19 -25.70
N ILE D 46 -17.05 -2.12 -24.93
CA ILE D 46 -16.46 -2.21 -23.60
C ILE D 46 -17.60 -2.35 -22.60
N VAL D 47 -17.52 -3.38 -21.76
CA VAL D 47 -18.56 -3.63 -20.77
C VAL D 47 -17.93 -3.75 -19.40
N GLY D 48 -18.75 -3.70 -18.36
CA GLY D 48 -18.18 -3.80 -17.03
C GLY D 48 -19.00 -4.62 -16.06
N LYS D 49 -19.80 -3.95 -15.25
CA LYS D 49 -20.61 -4.61 -14.25
C LYS D 49 -21.54 -5.70 -14.78
N TYR D 50 -22.26 -5.42 -15.86
CA TYR D 50 -23.19 -6.41 -16.40
C TYR D 50 -22.72 -7.26 -17.58
N VAL D 51 -21.45 -7.67 -17.59
CA VAL D 51 -20.90 -8.50 -18.67
C VAL D 51 -21.76 -9.73 -18.86
N ASN D 52 -22.00 -10.37 -17.72
CA ASN D 52 -22.76 -11.60 -17.64
C ASN D 52 -24.16 -11.45 -18.18
N GLU D 53 -24.83 -10.33 -17.90
CA GLU D 53 -26.17 -10.15 -18.44
C GLU D 53 -26.17 -9.61 -19.86
N LEU D 55 -23.36 -10.38 -22.44
CA LEU D 55 -22.68 -11.24 -23.40
C LEU D 55 -23.62 -12.01 -24.32
N PRO D 56 -24.76 -12.47 -23.80
CA PRO D 56 -25.70 -13.20 -24.64
C PRO D 56 -26.18 -12.39 -25.85
N LEU D 57 -26.07 -11.06 -25.79
CA LEU D 57 -26.53 -10.23 -26.89
C LEU D 57 -25.40 -9.80 -27.82
N LEU D 58 -24.18 -9.92 -27.34
CA LEU D 58 -23.02 -9.48 -28.10
C LEU D 58 -22.14 -10.63 -28.62
N ASP D 60 -21.79 -11.83 -31.37
CA ASP D 60 -21.21 -11.57 -32.69
C ASP D 60 -20.33 -10.33 -32.66
N GLN D 61 -20.01 -9.85 -31.46
CA GLN D 61 -19.18 -8.67 -31.35
C GLN D 61 -17.86 -8.92 -30.62
N ILE D 62 -16.88 -8.07 -30.89
CA ILE D 62 -15.64 -8.17 -30.16
C ILE D 62 -16.06 -7.46 -28.87
N VAL D 63 -15.84 -8.09 -27.73
CA VAL D 63 -16.25 -7.47 -26.49
C VAL D 63 -15.08 -7.47 -25.54
N ILE D 64 -14.76 -6.33 -24.95
CA ILE D 64 -13.68 -6.34 -23.99
C ILE D 64 -14.24 -5.93 -22.62
N TYR D 65 -14.09 -6.84 -21.65
CA TYR D 65 -14.56 -6.63 -20.30
C TYR D 65 -13.51 -5.89 -19.51
N ASN D 66 -13.91 -4.74 -18.99
CA ASN D 66 -13.03 -3.89 -18.22
C ASN D 66 -13.25 -4.12 -16.74
N PRO D 67 -12.28 -4.74 -16.06
CA PRO D 67 -12.38 -5.01 -14.62
C PRO D 67 -12.22 -3.74 -13.81
N PHE D 68 -12.06 -2.60 -14.49
CA PHE D 68 -11.88 -1.32 -13.82
C PHE D 68 -13.01 -0.34 -14.15
N TRP D 69 -14.11 -0.83 -14.71
CA TRP D 69 -15.24 0.04 -15.05
C TRP D 69 -15.63 0.93 -13.88
N ASN D 70 -15.36 0.46 -12.67
CA ASN D 70 -15.69 1.19 -11.46
C ASN D 70 -14.62 2.18 -11.00
N GLU D 71 -13.70 2.54 -11.88
CA GLU D 71 -12.69 3.53 -11.54
C GLU D 71 -12.94 4.78 -12.38
N GLY D 72 -13.89 4.68 -13.28
CA GLY D 72 -14.21 5.82 -14.12
C GLY D 72 -14.21 5.49 -15.60
N ILE D 73 -15.00 6.24 -16.35
CA ILE D 73 -15.11 6.03 -17.77
C ILE D 73 -13.77 6.09 -18.49
N SER D 74 -12.80 6.80 -17.93
CA SER D 74 -11.49 6.91 -18.56
C SER D 74 -10.84 5.54 -18.83
N THR D 75 -11.17 4.56 -18.01
CA THR D 75 -10.64 3.20 -18.11
C THR D 75 -11.17 2.51 -19.35
N SER D 76 -12.47 2.58 -19.53
CA SER D 76 -13.11 1.98 -20.68
C SER D 76 -12.65 2.65 -21.97
N LEU D 77 -12.30 3.94 -21.87
CA LEU D 77 -11.84 4.70 -23.02
C LEU D 77 -10.43 4.28 -23.40
N LYS D 78 -9.50 4.43 -22.45
CA LYS D 78 -8.12 4.08 -22.71
C LYS D 78 -8.04 2.66 -23.25
N LEU D 79 -8.75 1.76 -22.60
CA LEU D 79 -8.80 0.35 -22.96
C LEU D 79 -9.22 0.11 -24.40
N GLY D 80 -10.39 0.61 -24.78
CA GLY D 80 -10.89 0.43 -26.13
C GLY D 80 -9.96 1.06 -27.16
N LEU D 81 -9.22 2.07 -26.74
CA LEU D 81 -8.29 2.77 -27.61
C LEU D 81 -7.06 1.91 -27.95
N ARG D 82 -6.61 1.13 -26.98
CA ARG D 82 -5.46 0.28 -27.20
C ARG D 82 -5.70 -0.65 -28.37
N PHE D 83 -6.95 -0.74 -28.82
CA PHE D 83 -7.32 -1.61 -29.93
C PHE D 83 -7.27 -0.94 -31.29
N PHE D 84 -7.36 0.38 -31.29
CA PHE D 84 -7.33 1.11 -32.54
C PHE D 84 -6.14 2.02 -32.68
N LYS D 85 -5.16 1.87 -31.78
CA LYS D 85 -3.95 2.68 -31.77
C LYS D 85 -3.38 3.02 -33.16
N ASP D 86 -3.30 2.04 -34.05
CA ASP D 86 -2.75 2.33 -35.36
C ASP D 86 -3.81 2.86 -36.35
N TYR D 87 -4.88 3.45 -35.82
CA TYR D 87 -5.94 3.98 -36.68
C TYR D 87 -5.95 5.49 -36.80
N ASP D 88 -6.74 5.99 -37.75
CA ASP D 88 -6.82 7.44 -37.99
C ASP D 88 -7.67 8.18 -36.96
N ALA D 89 -8.66 7.49 -36.43
CA ALA D 89 -9.55 8.10 -35.45
C ALA D 89 -10.56 7.08 -34.94
N VAL D 90 -11.22 7.40 -33.83
CA VAL D 90 -12.20 6.48 -33.26
C VAL D 90 -13.49 7.17 -32.82
N LEU D 91 -14.61 6.69 -33.34
CA LEU D 91 -15.92 7.20 -32.97
C LEU D 91 -16.21 6.72 -31.55
N VAL D 92 -16.26 7.64 -30.60
CA VAL D 92 -16.55 7.26 -29.22
C VAL D 92 -18.07 7.31 -29.03
N ALA D 93 -18.70 6.15 -29.20
CA ALA D 93 -20.13 6.01 -29.06
C ALA D 93 -20.52 5.50 -27.66
N LEU D 94 -21.75 5.76 -27.27
CA LEU D 94 -22.24 5.33 -25.98
C LEU D 94 -23.41 4.38 -26.16
N GLY D 95 -23.42 3.32 -25.35
CA GLY D 95 -24.46 2.33 -25.41
C GLY D 95 -25.88 2.84 -25.21
N ASP D 96 -26.08 3.73 -24.24
CA ASP D 96 -27.41 4.29 -23.97
C ASP D 96 -27.90 5.34 -24.97
N PRO D 98 -29.29 5.03 -28.43
CA PRO D 98 -29.81 4.31 -29.59
C PRO D 98 -30.58 5.16 -30.59
N PHE D 99 -30.51 6.48 -30.44
CA PHE D 99 -31.24 7.37 -31.34
C PHE D 99 -30.40 8.06 -32.42
N VAL D 100 -29.08 8.12 -32.24
CA VAL D 100 -28.27 8.72 -33.30
C VAL D 100 -28.58 7.87 -34.53
N THR D 101 -28.54 8.47 -35.72
CA THR D 101 -28.88 7.72 -36.92
C THR D 101 -27.68 7.38 -37.78
N LYS D 102 -27.91 6.55 -38.80
CA LYS D 102 -26.83 6.14 -39.69
C LYS D 102 -26.25 7.35 -40.42
N GLU D 103 -27.12 8.28 -40.81
CA GLU D 103 -26.71 9.49 -41.51
C GLU D 103 -25.87 10.37 -40.61
N ASP D 104 -26.26 10.47 -39.34
CA ASP D 104 -25.51 11.27 -38.38
C ASP D 104 -24.06 10.77 -38.37
N VAL D 105 -23.92 9.45 -38.28
CA VAL D 105 -22.61 8.82 -38.26
C VAL D 105 -21.88 9.12 -39.54
N ASN D 106 -22.57 8.99 -40.67
CA ASN D 106 -21.94 9.28 -41.95
C ASN D 106 -21.43 10.69 -41.98
N LYS D 107 -22.28 11.66 -41.63
CA LYS D 107 -21.89 13.06 -41.60
C LYS D 107 -20.64 13.24 -40.73
N ILE D 108 -20.70 12.73 -39.51
CA ILE D 108 -19.57 12.84 -38.59
C ILE D 108 -18.30 12.25 -39.21
N ILE D 109 -18.45 11.18 -39.97
CA ILE D 109 -17.30 10.53 -40.58
C ILE D 109 -16.83 11.21 -41.84
N ASN D 110 -17.77 11.67 -42.67
CA ASN D 110 -17.43 12.35 -43.90
C ASN D 110 -16.79 13.70 -43.58
N THR D 111 -17.17 14.26 -42.44
CA THR D 111 -16.65 15.54 -42.03
C THR D 111 -15.18 15.48 -41.59
N PHE D 112 -14.68 14.28 -41.32
CA PHE D 112 -13.29 14.16 -40.90
C PHE D 112 -12.36 14.73 -41.96
N LYS D 113 -11.49 15.64 -41.54
CA LYS D 113 -10.53 16.27 -42.44
C LYS D 113 -9.18 16.30 -41.73
N PRO D 114 -8.08 16.32 -42.49
CA PRO D 114 -6.73 16.35 -41.92
C PRO D 114 -6.57 17.50 -40.94
N ASN D 115 -7.41 18.51 -41.10
CA ASN D 115 -7.37 19.67 -40.22
C ASN D 115 -7.93 19.31 -38.83
N CYS D 116 -9.12 18.71 -38.83
CA CYS D 116 -9.82 18.33 -37.61
C CYS D 116 -9.06 17.36 -36.71
N LYS D 117 -8.83 17.78 -35.47
CA LYS D 117 -8.17 16.94 -34.48
C LYS D 117 -9.29 16.12 -33.87
N ALA D 118 -10.51 16.53 -34.18
CA ALA D 118 -11.71 15.88 -33.70
C ALA D 118 -12.93 16.49 -34.38
N VAL D 119 -14.00 15.71 -34.49
CA VAL D 119 -15.24 16.18 -35.10
C VAL D 119 -16.27 16.04 -33.99
N ILE D 120 -17.02 17.10 -33.74
CA ILE D 120 -18.03 17.06 -32.70
C ILE D 120 -19.41 17.22 -33.28
N PRO D 121 -20.31 16.27 -33.03
CA PRO D 121 -21.65 16.42 -33.59
C PRO D 121 -22.41 17.55 -32.87
N THR D 122 -23.34 18.17 -33.58
CA THR D 122 -24.15 19.25 -33.01
C THR D 122 -25.58 19.20 -33.53
N HIS D 123 -26.51 19.72 -32.74
CA HIS D 123 -27.91 19.79 -33.13
C HIS D 123 -28.59 21.02 -32.51
N LYS D 124 -29.00 21.94 -33.38
CA LYS D 124 -29.68 23.16 -32.97
C LYS D 124 -29.09 23.90 -31.78
N GLY D 125 -27.81 24.25 -31.86
CA GLY D 125 -27.22 25.01 -30.77
C GLY D 125 -26.39 24.26 -29.75
N GLU D 126 -26.60 22.96 -29.61
CA GLU D 126 -25.83 22.17 -28.64
C GLU D 126 -25.12 20.99 -29.28
N ARG D 127 -23.93 20.70 -28.79
CA ARG D 127 -23.12 19.62 -29.30
C ARG D 127 -23.33 18.32 -28.53
N GLY D 128 -23.11 17.20 -29.22
CA GLY D 128 -23.30 15.90 -28.58
C GLY D 128 -22.32 14.81 -28.93
N ASN D 129 -22.85 13.58 -29.04
CA ASN D 129 -22.04 12.39 -29.36
C ASN D 129 -22.66 11.60 -30.49
N PRO D 130 -21.89 10.72 -31.15
CA PRO D 130 -20.48 10.40 -30.89
C PRO D 130 -19.45 11.41 -31.42
N VAL D 131 -18.36 11.54 -30.69
CA VAL D 131 -17.29 12.46 -31.07
C VAL D 131 -16.17 11.68 -31.79
N LEU D 132 -15.87 12.08 -33.03
CA LEU D 132 -14.83 11.45 -33.83
C LEU D 132 -13.49 11.97 -33.28
N ILE D 133 -12.63 11.09 -32.79
CA ILE D 133 -11.35 11.54 -32.25
C ILE D 133 -10.16 11.01 -33.03
N SER D 134 -9.32 11.95 -33.49
CA SER D 134 -8.13 11.68 -34.28
C SER D 134 -6.96 11.05 -33.54
N LYS D 135 -6.09 10.36 -34.28
CA LYS D 135 -4.92 9.72 -33.70
C LYS D 135 -4.17 10.76 -32.90
N SER D 136 -4.05 11.96 -33.46
CA SER D 136 -3.34 13.07 -32.83
C SER D 136 -3.65 13.27 -31.35
N LEU D 137 -4.90 13.03 -30.96
CA LEU D 137 -5.27 13.21 -29.56
C LEU D 137 -5.09 11.95 -28.70
N PHE D 138 -4.96 10.80 -29.35
CA PHE D 138 -4.80 9.54 -28.63
C PHE D 138 -3.88 9.63 -27.43
N ASN D 139 -2.63 9.99 -27.68
CA ASN D 139 -1.63 10.09 -26.62
C ASN D 139 -2.20 10.93 -25.48
N GLU D 140 -3.06 11.89 -25.80
CA GLU D 140 -3.64 12.73 -24.78
C GLU D 140 -4.70 12.06 -23.92
N ILE D 141 -5.55 11.25 -24.55
CA ILE D 141 -6.61 10.55 -23.83
C ILE D 141 -6.03 9.41 -22.99
N GLU D 142 -4.88 8.89 -23.41
CA GLU D 142 -4.22 7.82 -22.67
C GLU D 142 -3.74 8.43 -21.35
N LYS D 143 -3.62 9.76 -21.34
CA LYS D 143 -3.18 10.49 -20.16
C LYS D 143 -4.25 10.62 -19.08
N LEU D 144 -5.53 10.47 -19.47
CA LEU D 144 -6.64 10.57 -18.53
C LEU D 144 -6.50 9.68 -17.30
N ARG D 145 -7.41 9.85 -16.34
CA ARG D 145 -7.42 9.06 -15.11
C ARG D 145 -8.73 9.39 -14.41
N GLY D 146 -9.19 8.50 -13.54
CA GLY D 146 -10.44 8.73 -12.86
C GLY D 146 -11.63 8.56 -13.78
N ASP D 147 -12.70 9.29 -13.48
CA ASP D 147 -13.94 9.21 -14.26
C ASP D 147 -14.02 10.44 -15.16
N VAL D 148 -12.93 10.70 -15.87
CA VAL D 148 -12.81 11.86 -16.75
C VAL D 148 -13.51 11.79 -18.11
N GLY D 149 -12.87 11.17 -19.09
CA GLY D 149 -13.48 11.12 -20.41
C GLY D 149 -12.96 12.21 -21.33
N ALA D 150 -13.00 11.96 -22.64
CA ALA D 150 -12.48 12.90 -23.64
C ALA D 150 -12.97 14.36 -23.63
N ARG D 151 -13.91 14.70 -22.75
CA ARG D 151 -14.41 16.07 -22.70
C ARG D 151 -13.28 17.02 -22.30
N VAL D 152 -12.51 16.62 -21.30
CA VAL D 152 -11.39 17.42 -20.81
C VAL D 152 -10.45 17.77 -21.95
N ILE D 153 -10.09 16.78 -22.75
CA ILE D 153 -9.19 17.02 -23.85
C ILE D 153 -9.81 17.93 -24.89
N LEU D 154 -11.03 17.63 -25.32
CA LEU D 154 -11.70 18.46 -26.31
C LEU D 154 -11.81 19.92 -25.86
N ASN D 155 -11.73 20.15 -24.55
CA ASN D 155 -11.85 21.50 -24.02
C ASN D 155 -10.54 22.24 -23.85
N LYS D 156 -9.50 21.78 -24.53
CA LYS D 156 -8.21 22.43 -24.45
C LYS D 156 -7.62 22.58 -25.85
N ILE D 157 -8.45 22.33 -26.85
CA ILE D 157 -8.05 22.42 -28.24
C ILE D 157 -8.68 23.65 -28.92
N LYS D 158 -7.90 24.30 -29.78
CA LYS D 158 -8.34 25.51 -30.48
C LYS D 158 -9.37 25.16 -31.55
N ILE D 159 -10.51 25.85 -31.53
CA ILE D 159 -11.57 25.60 -32.51
C ILE D 159 -10.98 25.60 -33.91
N GLU D 160 -9.75 26.10 -34.03
CA GLU D 160 -9.10 26.13 -35.33
C GLU D 160 -8.93 24.67 -35.77
N GLU D 161 -8.58 23.83 -34.80
CA GLU D 161 -8.36 22.40 -35.03
C GLU D 161 -9.55 21.57 -34.52
N LEU D 162 -10.76 22.03 -34.80
CA LEU D 162 -11.99 21.34 -34.39
C LEU D 162 -12.99 21.48 -35.53
N CYS D 163 -13.98 20.60 -35.59
CA CYS D 163 -14.97 20.64 -36.65
C CYS D 163 -16.35 20.24 -36.10
N PHE D 164 -17.38 21.00 -36.45
CA PHE D 164 -18.74 20.74 -35.95
C PHE D 164 -19.76 20.53 -37.07
N ILE D 165 -20.61 19.50 -36.93
CA ILE D 165 -21.63 19.22 -37.94
C ILE D 165 -23.01 18.92 -37.33
N GLU D 166 -24.06 19.25 -38.09
CA GLU D 166 -25.42 19.03 -37.64
C GLU D 166 -25.97 17.66 -37.96
N CYS D 167 -26.45 16.98 -36.93
CA CYS D 167 -27.03 15.66 -37.06
C CYS D 167 -28.42 15.76 -36.44
N SER D 168 -29.21 14.71 -36.54
CA SER D 168 -30.56 14.74 -35.97
C SER D 168 -30.48 14.93 -34.47
N GLU D 169 -31.63 15.08 -33.82
CA GLU D 169 -31.65 15.26 -32.39
C GLU D 169 -31.03 14.05 -31.69
N GLY D 170 -30.94 12.95 -32.43
CA GLY D 170 -30.38 11.73 -31.89
C GLY D 170 -29.07 11.95 -31.15
N VAL D 171 -28.26 12.89 -31.63
CA VAL D 171 -26.98 13.17 -31.03
C VAL D 171 -27.04 13.79 -29.63
N LEU D 172 -28.23 14.18 -29.20
CA LEU D 172 -28.38 14.76 -27.87
C LEU D 172 -29.11 13.83 -26.90
N ILE D 173 -29.67 12.75 -27.42
CA ILE D 173 -30.44 11.83 -26.59
C ILE D 173 -29.78 10.54 -26.09
N ASP D 174 -29.97 10.25 -24.82
CA ASP D 174 -29.45 9.05 -24.17
C ASP D 174 -30.58 8.51 -23.31
N ILE D 175 -30.60 7.20 -23.07
CA ILE D 175 -31.68 6.62 -22.27
C ILE D 175 -31.40 6.55 -20.78
N ASP D 176 -30.73 7.55 -20.19
CA ASP D 176 -30.56 7.46 -18.72
C ASP D 176 -31.80 8.26 -18.18
N LYS D 177 -32.38 9.07 -19.08
CA LYS D 177 -33.51 9.97 -18.78
C LYS D 177 -34.95 9.39 -19.00
N LYS D 178 -35.35 8.43 -18.14
CA LYS D 178 -36.69 7.82 -18.26
C LYS D 178 -36.93 7.29 -19.69
N ASN E 2 -30.63 -10.72 19.38
CA ASN E 2 -30.63 -11.02 17.96
C ASN E 2 -29.38 -10.37 17.38
N ILE E 3 -28.23 -11.01 17.60
CA ILE E 3 -26.94 -10.50 17.11
C ILE E 3 -26.23 -11.50 16.20
N GLY E 4 -26.14 -11.18 14.92
CA GLY E 4 -25.48 -12.07 13.99
C GLY E 4 -24.04 -11.67 13.69
N VAL E 5 -23.22 -12.67 13.35
CA VAL E 5 -21.83 -12.44 13.03
C VAL E 5 -21.53 -12.66 11.53
N ILE E 6 -21.01 -11.61 10.89
CA ILE E 6 -20.66 -11.68 9.48
C ILE E 6 -19.14 -11.74 9.36
N ILE E 7 -18.61 -12.88 8.96
CA ILE E 7 -17.17 -12.99 8.80
C ILE E 7 -16.80 -12.76 7.35
N LEU E 8 -16.26 -11.59 7.06
CA LEU E 8 -15.85 -11.25 5.70
C LEU E 8 -14.58 -12.03 5.40
N ALA E 9 -14.68 -12.97 4.47
CA ALA E 9 -13.55 -13.81 4.10
C ALA E 9 -13.21 -13.63 2.64
N ALA E 10 -13.83 -12.66 2.01
CA ALA E 10 -13.57 -12.33 0.61
C ALA E 10 -12.57 -11.20 0.78
N GLY E 11 -12.82 -10.38 1.81
CA GLY E 11 -11.97 -9.25 2.14
C GLY E 11 -12.14 -8.86 3.60
N ASP E 19 -7.01 -15.84 -0.47
CA ASP E 19 -5.99 -16.84 -0.81
C ASP E 19 -5.15 -17.13 0.43
N LYS E 20 -4.68 -16.06 1.06
CA LYS E 20 -3.88 -16.20 2.25
C LYS E 20 -4.64 -16.89 3.37
N LEU E 21 -5.96 -16.71 3.39
CA LEU E 21 -6.81 -17.30 4.41
C LEU E 21 -6.74 -18.83 4.54
N LEU E 22 -6.17 -19.49 3.54
CA LEU E 22 -6.05 -20.94 3.57
C LEU E 22 -4.73 -21.39 4.23
N ALA E 23 -3.75 -20.49 4.25
CA ALA E 23 -2.46 -20.77 4.86
C ALA E 23 -2.66 -21.22 6.29
N LYS E 24 -1.78 -22.08 6.77
CA LYS E 24 -1.89 -22.60 8.12
C LYS E 24 -0.99 -21.91 9.15
N ILE E 25 -1.50 -21.87 10.38
CA ILE E 25 -0.80 -21.31 11.51
C ILE E 25 -0.85 -22.48 12.52
N ASP E 26 0.29 -23.14 12.69
CA ASP E 26 0.41 -24.27 13.63
C ASP E 26 -0.56 -25.43 13.20
N ASN E 27 -0.52 -25.74 11.90
CA ASN E 27 -1.32 -26.82 11.29
C ASN E 27 -2.81 -26.57 11.05
N THR E 28 -3.31 -25.38 11.34
CA THR E 28 -4.73 -25.13 11.07
C THR E 28 -4.91 -23.89 10.19
N PRO E 29 -5.88 -23.93 9.26
CA PRO E 29 -6.11 -22.78 8.38
C PRO E 29 -6.43 -21.52 9.17
N ILE E 30 -6.05 -20.37 8.60
CA ILE E 30 -6.26 -19.09 9.25
C ILE E 30 -7.74 -18.74 9.35
N ILE E 31 -8.47 -18.94 8.27
CA ILE E 31 -9.90 -18.63 8.28
C ILE E 31 -10.51 -19.59 9.30
N ARG E 33 -9.16 -20.83 12.12
CA ARG E 33 -8.98 -20.29 13.47
C ARG E 33 -9.91 -19.10 13.71
N THR E 34 -9.93 -18.18 12.75
CA THR E 34 -10.76 -17.00 12.87
C THR E 34 -12.22 -17.33 13.16
N ILE E 35 -12.66 -18.49 12.69
CA ILE E 35 -14.04 -18.92 12.89
C ILE E 35 -14.24 -19.44 14.31
N ARG E 36 -13.24 -20.15 14.81
CA ARG E 36 -13.30 -20.70 16.18
C ARG E 36 -13.59 -19.59 17.19
N ILE E 37 -12.91 -18.47 17.04
CA ILE E 37 -13.07 -17.36 17.96
C ILE E 37 -14.50 -16.87 18.19
N TYR E 38 -15.40 -17.09 17.24
CA TYR E 38 -16.77 -16.61 17.43
C TYR E 38 -17.71 -17.69 17.97
N GLY E 39 -17.13 -18.88 18.16
CA GLY E 39 -17.87 -20.00 18.70
C GLY E 39 -19.26 -20.31 18.20
N ASP E 40 -20.15 -20.58 19.16
CA ASP E 40 -21.54 -20.95 18.87
C ASP E 40 -22.43 -19.79 18.47
N LEU E 41 -21.83 -18.66 18.12
CA LEU E 41 -22.60 -17.48 17.71
C LEU E 41 -23.21 -17.67 16.32
N GLU E 42 -24.35 -17.05 16.09
CA GLU E 42 -25.04 -17.11 14.82
C GLU E 42 -24.13 -16.45 13.76
N LYS E 43 -23.61 -17.24 12.83
CA LYS E 43 -22.70 -16.66 11.83
C LYS E 43 -22.72 -17.23 10.43
N ILE E 44 -22.27 -16.41 9.49
CA ILE E 44 -22.13 -16.81 8.10
C ILE E 44 -20.78 -16.25 7.73
N ILE E 45 -20.23 -16.71 6.62
CA ILE E 45 -18.96 -16.21 6.20
C ILE E 45 -19.10 -15.93 4.72
N ILE E 46 -18.63 -14.76 4.29
CA ILE E 46 -18.73 -14.38 2.89
C ILE E 46 -17.45 -14.49 2.11
N VAL E 47 -17.51 -15.18 0.99
CA VAL E 47 -16.32 -15.35 0.17
C VAL E 47 -16.60 -14.86 -1.23
N GLY E 48 -15.58 -14.86 -2.06
CA GLY E 48 -15.73 -14.40 -3.43
C GLY E 48 -14.80 -15.12 -4.38
N LYS E 49 -13.84 -14.40 -4.92
CA LYS E 49 -12.90 -14.98 -5.87
C LYS E 49 -12.35 -16.37 -5.50
N TYR E 50 -12.17 -16.65 -4.22
CA TYR E 50 -11.61 -17.97 -3.86
C TYR E 50 -12.60 -18.95 -3.26
N VAL E 51 -13.85 -18.83 -3.68
CA VAL E 51 -14.94 -19.70 -3.24
C VAL E 51 -14.57 -21.19 -3.42
N ASN E 52 -14.02 -21.51 -4.57
CA ASN E 52 -13.65 -22.88 -4.90
C ASN E 52 -12.64 -23.52 -3.98
N GLU E 53 -11.67 -22.73 -3.52
CA GLU E 53 -10.63 -23.26 -2.65
C GLU E 53 -11.05 -23.12 -1.20
N LEU E 55 -14.39 -22.90 0.21
CA LEU E 55 -15.48 -23.78 0.58
C LEU E 55 -15.15 -25.16 1.14
N PRO E 56 -14.22 -25.89 0.53
CA PRO E 56 -13.89 -27.21 1.06
C PRO E 56 -13.58 -27.18 2.56
N LEU E 57 -13.18 -26.02 3.06
CA LEU E 57 -12.85 -25.86 4.49
C LEU E 57 -14.00 -25.24 5.27
N LEU E 58 -15.16 -25.10 4.62
CA LEU E 58 -16.29 -24.49 5.29
C LEU E 58 -17.59 -25.28 5.14
N ASP E 60 -19.11 -26.93 6.90
CA ASP E 60 -19.87 -26.96 8.16
C ASP E 60 -20.40 -25.58 8.55
N GLN E 61 -20.39 -24.64 7.61
CA GLN E 61 -20.85 -23.29 7.89
C GLN E 61 -21.73 -22.79 6.75
N ILE E 62 -22.56 -21.80 7.04
CA ILE E 62 -23.40 -21.17 6.02
C ILE E 62 -22.44 -20.23 5.28
N VAL E 63 -22.20 -20.51 4.00
CA VAL E 63 -21.29 -19.70 3.19
C VAL E 63 -21.99 -18.95 2.06
N ILE E 64 -21.85 -17.63 2.02
CA ILE E 64 -22.45 -16.87 0.94
C ILE E 64 -21.37 -16.43 -0.04
N TYR E 65 -21.54 -16.77 -1.31
CA TYR E 65 -20.60 -16.39 -2.34
C TYR E 65 -21.10 -15.09 -2.94
N ASN E 66 -20.23 -14.09 -2.99
CA ASN E 66 -20.59 -12.80 -3.56
C ASN E 66 -20.18 -12.72 -5.02
N PRO E 67 -21.15 -12.60 -5.93
CA PRO E 67 -20.77 -12.51 -7.35
C PRO E 67 -20.13 -11.15 -7.65
N PHE E 68 -20.27 -10.21 -6.73
CA PHE E 68 -19.71 -8.88 -6.96
C PHE E 68 -18.40 -8.66 -6.21
N TRP E 69 -17.62 -9.73 -6.05
CA TRP E 69 -16.38 -9.64 -5.33
C TRP E 69 -15.38 -8.68 -5.94
N ASN E 70 -15.47 -8.48 -7.25
CA ASN E 70 -14.57 -7.56 -7.92
C ASN E 70 -14.89 -6.10 -7.64
N GLU E 71 -16.07 -5.84 -7.09
CA GLU E 71 -16.45 -4.47 -6.79
C GLU E 71 -16.01 -3.93 -5.45
N GLY E 72 -15.55 -4.78 -4.54
CA GLY E 72 -15.13 -4.26 -3.26
C GLY E 72 -15.92 -4.69 -2.03
N ILE E 73 -15.25 -4.58 -0.90
CA ILE E 73 -15.78 -4.96 0.40
C ILE E 73 -17.20 -4.51 0.73
N SER E 74 -17.68 -3.43 0.15
CA SER E 74 -19.01 -3.00 0.51
C SER E 74 -20.10 -3.97 0.07
N THR E 75 -19.91 -4.61 -1.09
CA THR E 75 -20.87 -5.56 -1.60
C THR E 75 -20.96 -6.78 -0.68
N SER E 76 -19.82 -7.22 -0.19
CA SER E 76 -19.80 -8.36 0.71
C SER E 76 -20.53 -8.03 2.01
N LEU E 77 -20.31 -6.82 2.52
CA LEU E 77 -20.94 -6.38 3.77
C LEU E 77 -22.46 -6.20 3.61
N LYS E 78 -22.88 -5.65 2.47
CA LYS E 78 -24.30 -5.44 2.24
C LYS E 78 -24.99 -6.80 2.13
N LEU E 79 -24.30 -7.73 1.48
CA LEU E 79 -24.78 -9.08 1.25
C LEU E 79 -24.97 -9.90 2.53
N GLY E 80 -23.99 -9.86 3.42
CA GLY E 80 -24.10 -10.59 4.67
C GLY E 80 -25.08 -9.84 5.56
N LEU E 81 -25.15 -8.54 5.37
CA LEU E 81 -26.07 -7.73 6.16
C LEU E 81 -27.51 -8.08 5.78
N ARG E 82 -27.71 -8.42 4.51
CA ARG E 82 -29.02 -8.77 4.04
C ARG E 82 -29.49 -10.07 4.70
N PHE E 83 -28.55 -10.87 5.18
CA PHE E 83 -28.88 -12.14 5.82
C PHE E 83 -29.34 -11.98 7.27
N PHE E 84 -29.06 -10.82 7.86
CA PHE E 84 -29.43 -10.52 9.25
C PHE E 84 -30.21 -9.22 9.34
N LYS E 85 -30.96 -8.87 8.28
CA LYS E 85 -31.71 -7.62 8.24
C LYS E 85 -32.67 -7.32 9.39
N ASP E 86 -33.16 -8.36 10.07
CA ASP E 86 -34.11 -8.15 11.17
C ASP E 86 -33.45 -8.11 12.55
N TYR E 87 -32.29 -8.74 12.67
CA TYR E 87 -31.57 -8.78 13.94
C TYR E 87 -31.34 -7.40 14.58
N ASP E 88 -30.91 -7.43 15.83
CA ASP E 88 -30.65 -6.20 16.58
C ASP E 88 -29.36 -5.54 16.11
N ALA E 89 -28.33 -6.36 15.91
CA ALA E 89 -27.06 -5.86 15.45
C ALA E 89 -26.22 -7.00 14.89
N VAL E 90 -25.23 -6.64 14.07
CA VAL E 90 -24.30 -7.62 13.49
C VAL E 90 -22.87 -7.26 13.89
N LEU E 91 -22.06 -8.29 14.07
CA LEU E 91 -20.66 -8.12 14.44
C LEU E 91 -19.88 -8.39 13.15
N VAL E 92 -19.26 -7.37 12.59
CA VAL E 92 -18.51 -7.53 11.35
C VAL E 92 -17.11 -8.01 11.71
N ALA E 93 -16.76 -9.20 11.25
CA ALA E 93 -15.45 -9.76 11.55
C ALA E 93 -14.65 -9.95 10.28
N LEU E 94 -13.33 -9.89 10.39
CA LEU E 94 -12.48 -10.08 9.23
C LEU E 94 -11.80 -11.43 9.30
N GLY E 95 -11.85 -12.17 8.20
CA GLY E 95 -11.23 -13.48 8.22
C GLY E 95 -9.72 -13.50 8.28
N ASP E 96 -9.08 -12.33 8.20
CA ASP E 96 -7.63 -12.25 8.25
C ASP E 96 -7.14 -11.82 9.63
N PRO E 98 -7.13 -13.55 12.93
CA PRO E 98 -7.30 -14.72 13.77
C PRO E 98 -6.83 -14.61 15.20
N PHE E 99 -6.49 -13.42 15.65
CA PHE E 99 -5.99 -13.30 17.02
C PHE E 99 -6.95 -12.66 18.00
N VAL E 100 -8.12 -12.27 17.53
CA VAL E 100 -9.10 -11.68 18.43
C VAL E 100 -9.39 -12.82 19.40
N THR E 101 -9.89 -12.49 20.60
CA THR E 101 -10.17 -13.55 21.57
C THR E 101 -11.65 -13.61 21.93
N LYS E 102 -12.12 -14.79 22.34
CA LYS E 102 -13.54 -14.95 22.71
C LYS E 102 -13.87 -13.92 23.78
N GLU E 103 -12.92 -13.69 24.67
CA GLU E 103 -13.13 -12.72 25.73
C GLU E 103 -13.35 -11.37 25.08
N ASP E 104 -12.56 -11.06 24.06
CA ASP E 104 -12.70 -9.79 23.36
C ASP E 104 -14.10 -9.59 22.83
N VAL E 105 -14.63 -10.63 22.17
CA VAL E 105 -15.97 -10.56 21.59
C VAL E 105 -17.02 -10.26 22.64
N ASN E 106 -17.04 -11.07 23.68
CA ASN E 106 -18.00 -10.88 24.77
C ASN E 106 -18.01 -9.46 25.27
N LYS E 107 -16.83 -8.89 25.47
CA LYS E 107 -16.73 -7.52 25.93
C LYS E 107 -17.45 -6.61 24.94
N ILE E 108 -17.20 -6.84 23.64
CA ILE E 108 -17.81 -6.03 22.60
C ILE E 108 -19.34 -6.12 22.58
N ILE E 109 -19.86 -7.33 22.40
CA ILE E 109 -21.32 -7.49 22.34
C ILE E 109 -21.98 -7.11 23.66
N ASN E 110 -21.29 -7.33 24.77
CA ASN E 110 -21.87 -6.98 26.06
C ASN E 110 -21.97 -5.45 26.20
N THR E 111 -20.95 -4.74 25.72
CA THR E 111 -20.97 -3.29 25.81
C THR E 111 -22.14 -2.69 25.04
N PHE E 112 -22.81 -3.53 24.25
CA PHE E 112 -23.95 -3.07 23.45
C PHE E 112 -25.13 -2.64 24.31
N LYS E 113 -25.31 -1.33 24.41
CA LYS E 113 -26.41 -0.74 25.19
C LYS E 113 -27.32 0.02 24.24
N PRO E 114 -28.54 0.36 24.69
CA PRO E 114 -29.50 1.11 23.87
C PRO E 114 -28.98 2.46 23.36
N ASN E 115 -27.95 2.97 24.02
CA ASN E 115 -27.37 4.24 23.60
C ASN E 115 -26.43 4.04 22.40
N CYS E 116 -25.71 2.91 22.41
CA CYS E 116 -24.75 2.59 21.36
C CYS E 116 -25.31 2.29 19.95
N LYS E 117 -25.01 3.15 19.01
CA LYS E 117 -25.43 2.92 17.62
C LYS E 117 -24.36 2.03 17.02
N ALA E 118 -23.26 1.87 17.77
CA ALA E 118 -22.13 1.06 17.34
C ALA E 118 -21.14 0.83 18.48
N VAL E 119 -20.55 -0.36 18.53
CA VAL E 119 -19.56 -0.71 19.55
C VAL E 119 -18.22 -0.94 18.85
N ILE E 120 -17.22 -0.13 19.18
CA ILE E 120 -15.91 -0.26 18.56
C ILE E 120 -14.87 -0.80 19.54
N PRO E 121 -14.15 -1.85 19.15
CA PRO E 121 -13.13 -2.44 20.03
C PRO E 121 -11.95 -1.49 20.13
N THR E 122 -11.41 -1.33 21.33
CA THR E 122 -10.28 -0.43 21.53
C THR E 122 -9.14 -1.06 22.32
N HIS E 123 -7.92 -0.68 21.97
CA HIS E 123 -6.73 -1.17 22.65
C HIS E 123 -5.68 -0.07 22.64
N LYS E 124 -5.53 0.61 23.78
CA LYS E 124 -4.58 1.70 23.92
C LYS E 124 -4.94 2.83 22.96
N GLY E 125 -6.16 3.32 23.11
CA GLY E 125 -6.64 4.42 22.28
C GLY E 125 -6.97 4.04 20.85
N GLU E 126 -6.41 2.91 20.41
CA GLU E 126 -6.62 2.42 19.06
C GLU E 126 -7.98 1.77 18.85
N ARG E 127 -8.68 2.17 17.79
CA ARG E 127 -9.98 1.60 17.47
C ARG E 127 -9.75 0.45 16.48
N GLY E 128 -10.21 -0.74 16.85
CA GLY E 128 -10.03 -1.90 15.99
C GLY E 128 -11.28 -2.59 15.49
N ASN E 129 -11.17 -3.91 15.32
CA ASN E 129 -12.26 -4.76 14.84
C ASN E 129 -12.22 -6.01 15.72
N PRO E 130 -13.31 -6.80 15.74
CA PRO E 130 -14.59 -6.65 15.04
C PRO E 130 -15.52 -5.59 15.60
N VAL E 131 -16.07 -4.76 14.71
CA VAL E 131 -17.00 -3.70 15.09
C VAL E 131 -18.46 -4.20 15.12
N LEU E 132 -19.15 -3.94 16.23
CA LEU E 132 -20.53 -4.36 16.41
C LEU E 132 -21.48 -3.26 15.94
N ILE E 133 -22.12 -3.47 14.79
CA ILE E 133 -23.04 -2.47 14.23
C ILE E 133 -24.52 -2.76 14.52
N SER E 134 -25.23 -1.70 14.91
CA SER E 134 -26.63 -1.80 15.26
C SER E 134 -27.57 -1.60 14.07
N LYS E 135 -28.81 -2.06 14.26
CA LYS E 135 -29.86 -1.98 13.25
C LYS E 135 -30.02 -0.60 12.63
N SER E 136 -29.85 0.44 13.44
CA SER E 136 -29.98 1.81 12.96
C SER E 136 -29.07 2.15 11.79
N LEU E 137 -27.81 1.74 11.87
CA LEU E 137 -26.86 2.02 10.81
C LEU E 137 -27.05 1.14 9.56
N PHE E 138 -27.83 0.07 9.71
CA PHE E 138 -28.10 -0.85 8.60
C PHE E 138 -28.46 -0.11 7.31
N ASN E 139 -29.34 0.89 7.41
CA ASN E 139 -29.72 1.61 6.21
C ASN E 139 -28.51 2.34 5.66
N GLU E 140 -27.76 2.98 6.55
CA GLU E 140 -26.57 3.73 6.18
C GLU E 140 -25.54 2.90 5.41
N ILE E 141 -25.28 1.70 5.90
CA ILE E 141 -24.32 0.82 5.27
C ILE E 141 -24.83 0.31 3.91
N GLU E 142 -26.14 0.22 3.75
CA GLU E 142 -26.68 -0.23 2.47
C GLU E 142 -26.41 0.87 1.42
N LYS E 143 -26.06 2.06 1.89
CA LYS E 143 -25.78 3.18 1.00
C LYS E 143 -24.34 3.16 0.47
N LEU E 144 -23.51 2.29 1.03
CA LEU E 144 -22.12 2.17 0.61
C LEU E 144 -21.99 1.67 -0.81
N ARG E 145 -20.92 2.10 -1.47
CA ARG E 145 -20.65 1.70 -2.83
C ARG E 145 -19.15 1.43 -2.95
N GLY E 146 -18.77 0.49 -3.79
CA GLY E 146 -17.37 0.18 -3.97
C GLY E 146 -16.67 -0.61 -2.86
N ASP E 147 -15.39 -0.32 -2.68
CA ASP E 147 -14.59 -1.01 -1.69
C ASP E 147 -14.37 -0.12 -0.47
N VAL E 148 -15.42 0.56 -0.04
CA VAL E 148 -15.31 1.48 1.10
C VAL E 148 -15.31 0.85 2.49
N GLY E 149 -16.44 0.27 2.90
CA GLY E 149 -16.50 -0.32 4.22
C GLY E 149 -17.22 0.51 5.27
N ALA E 150 -17.63 -0.16 6.34
CA ALA E 150 -18.38 0.46 7.42
C ALA E 150 -17.77 1.65 8.14
N ARG E 151 -16.45 1.66 8.29
CA ARG E 151 -15.80 2.76 9.00
C ARG E 151 -16.09 4.14 8.44
N VAL E 152 -16.60 4.21 7.21
CA VAL E 152 -16.93 5.50 6.63
C VAL E 152 -18.10 6.07 7.43
N ILE E 153 -19.02 5.17 7.78
CA ILE E 153 -20.23 5.52 8.53
C ILE E 153 -19.95 5.76 10.01
N LEU E 154 -19.08 4.94 10.61
CA LEU E 154 -18.77 5.09 12.02
C LEU E 154 -18.33 6.53 12.31
N ASN E 155 -17.63 7.13 11.36
CA ASN E 155 -17.16 8.50 11.50
C ASN E 155 -18.32 9.47 11.46
N LYS E 156 -19.35 9.13 10.70
CA LYS E 156 -20.52 9.98 10.57
C LYS E 156 -21.23 10.14 11.92
N ILE E 157 -21.56 9.02 12.56
CA ILE E 157 -22.26 9.07 13.84
C ILE E 157 -21.51 9.85 14.92
N LYS E 158 -22.27 10.44 15.84
CA LYS E 158 -21.73 11.24 16.94
C LYS E 158 -21.28 10.42 18.15
N ILE E 159 -20.19 10.88 18.77
CA ILE E 159 -19.60 10.24 19.94
C ILE E 159 -20.58 9.98 21.07
N GLU E 160 -21.61 10.81 21.18
CA GLU E 160 -22.62 10.66 22.23
C GLU E 160 -23.43 9.36 22.08
N GLU E 161 -23.09 8.55 21.09
CA GLU E 161 -23.81 7.29 20.84
C GLU E 161 -22.93 6.22 20.21
N LEU E 162 -21.62 6.32 20.45
CA LEU E 162 -20.65 5.38 19.88
C LEU E 162 -19.73 4.79 20.95
N CYS E 163 -20.17 3.70 21.57
CA CYS E 163 -19.43 3.03 22.65
C CYS E 163 -18.15 2.30 22.28
N PHE E 164 -17.17 2.40 23.18
CA PHE E 164 -15.86 1.78 23.00
C PHE E 164 -15.60 0.82 24.16
N ILE E 165 -14.65 -0.10 24.01
CA ILE E 165 -14.34 -1.05 25.08
C ILE E 165 -12.95 -1.69 24.88
N GLU E 166 -12.04 -1.43 25.81
CA GLU E 166 -10.68 -1.95 25.72
C GLU E 166 -10.60 -3.46 25.57
N CYS E 167 -9.81 -3.90 24.59
CA CYS E 167 -9.63 -5.33 24.33
C CYS E 167 -8.14 -5.63 24.17
N SER E 168 -7.83 -6.88 23.84
CA SER E 168 -6.44 -7.30 23.65
C SER E 168 -5.93 -6.73 22.33
N GLU E 169 -4.64 -6.93 22.06
CA GLU E 169 -4.03 -6.43 20.83
C GLU E 169 -4.50 -7.20 19.59
N GLY E 170 -5.25 -8.29 19.80
CA GLY E 170 -5.75 -9.06 18.68
C GLY E 170 -6.68 -8.21 17.83
N VAL E 171 -7.40 -7.34 18.52
CA VAL E 171 -8.32 -6.42 17.88
C VAL E 171 -7.62 -5.49 16.88
N LEU E 172 -6.30 -5.38 17.01
CA LEU E 172 -5.54 -4.52 16.12
C LEU E 172 -4.67 -5.20 15.08
N ILE E 173 -4.41 -6.50 15.24
CA ILE E 173 -3.56 -7.22 14.29
C ILE E 173 -4.22 -8.10 13.24
N ASP E 174 -3.66 -8.09 12.05
CA ASP E 174 -4.16 -8.96 11.00
C ASP E 174 -2.98 -9.77 10.49
N ILE E 175 -3.26 -10.72 9.61
CA ILE E 175 -2.21 -11.55 9.05
C ILE E 175 -2.20 -11.23 7.56
N ASP E 176 -1.06 -11.40 6.91
CA ASP E 176 -0.97 -11.08 5.50
C ASP E 176 0.04 -11.96 4.78
N LYS E 177 0.18 -11.73 3.48
CA LYS E 177 1.15 -12.48 2.70
C LYS E 177 2.10 -11.49 2.04
N LYS E 178 3.30 -11.95 1.70
CA LYS E 178 4.24 -11.08 1.02
C LYS E 178 4.26 -11.47 -0.46
N GLU E 179 4.04 -10.48 -1.32
CA GLU E 179 4.02 -10.67 -2.76
C GLU E 179 5.18 -11.53 -3.28
N ASN F 2 -42.19 -6.92 -5.24
CA ASN F 2 -41.08 -7.62 -4.60
C ASN F 2 -41.16 -9.13 -4.71
N ILE F 3 -40.73 -9.67 -5.84
CA ILE F 3 -40.75 -11.10 -6.06
C ILE F 3 -39.34 -11.64 -6.29
N GLY F 4 -38.89 -12.50 -5.39
CA GLY F 4 -37.56 -13.08 -5.49
C GLY F 4 -37.56 -14.59 -5.63
N VAL F 5 -36.85 -15.08 -6.65
CA VAL F 5 -36.76 -16.51 -6.92
C VAL F 5 -35.73 -17.19 -6.04
N ILE F 6 -36.13 -18.29 -5.41
CA ILE F 6 -35.23 -19.08 -4.58
C ILE F 6 -34.98 -20.39 -5.33
N ILE F 7 -33.83 -20.53 -5.96
CA ILE F 7 -33.56 -21.78 -6.67
C ILE F 7 -32.96 -22.81 -5.73
N LEU F 8 -33.60 -23.97 -5.63
CA LEU F 8 -33.13 -25.02 -4.75
C LEU F 8 -32.29 -26.05 -5.47
N ALA F 9 -31.08 -26.28 -4.93
CA ALA F 9 -30.14 -27.25 -5.50
C ALA F 9 -29.30 -27.88 -4.37
N ALA F 10 -30.01 -28.54 -3.44
CA ALA F 10 -29.43 -29.21 -2.27
C ALA F 10 -28.85 -28.18 -1.33
N LYS F 20 -26.04 -35.25 -11.71
CA LYS F 20 -27.30 -35.04 -12.45
C LYS F 20 -27.40 -33.61 -12.98
N LEU F 21 -27.49 -32.66 -12.05
CA LEU F 21 -27.61 -31.22 -12.35
C LEU F 21 -26.59 -30.70 -13.38
N LEU F 22 -25.48 -31.41 -13.54
CA LEU F 22 -24.47 -31.00 -14.49
C LEU F 22 -24.61 -31.74 -15.81
N ALA F 23 -25.77 -32.33 -16.04
CA ALA F 23 -26.01 -33.04 -17.28
C ALA F 23 -26.39 -32.01 -18.33
N LYS F 24 -25.68 -31.99 -19.46
CA LYS F 24 -25.97 -31.03 -20.50
C LYS F 24 -27.32 -31.31 -21.17
N ILE F 25 -27.84 -30.31 -21.88
CA ILE F 25 -29.07 -30.39 -22.63
C ILE F 25 -28.84 -29.32 -23.69
N ASP F 26 -28.43 -29.75 -24.87
CA ASP F 26 -28.13 -28.84 -25.97
C ASP F 26 -26.86 -28.07 -25.66
N ASN F 27 -25.92 -28.75 -25.00
CA ASN F 27 -24.60 -28.21 -24.62
C ASN F 27 -24.53 -27.41 -23.32
N THR F 28 -25.66 -27.14 -22.68
CA THR F 28 -25.61 -26.39 -21.44
C THR F 28 -26.04 -27.27 -20.27
N PRO F 29 -25.28 -27.26 -19.16
CA PRO F 29 -25.64 -28.10 -18.01
C PRO F 29 -27.00 -27.67 -17.49
N ILE F 30 -27.83 -28.65 -17.16
CA ILE F 30 -29.18 -28.38 -16.70
C ILE F 30 -29.36 -27.30 -15.62
N ILE F 31 -28.54 -27.28 -14.57
CA ILE F 31 -28.71 -26.24 -13.53
C ILE F 31 -28.60 -24.85 -14.15
N ARG F 33 -29.48 -24.09 -17.30
CA ARG F 33 -30.69 -23.89 -18.08
C ARG F 33 -31.75 -23.38 -17.12
N THR F 34 -31.86 -24.06 -15.99
CA THR F 34 -32.83 -23.70 -14.98
C THR F 34 -32.63 -22.25 -14.56
N ILE F 35 -31.45 -21.95 -14.03
CA ILE F 35 -31.15 -20.60 -13.55
C ILE F 35 -31.52 -19.46 -14.51
N ARG F 36 -31.35 -19.66 -15.80
CA ARG F 36 -31.68 -18.58 -16.72
C ARG F 36 -33.09 -18.49 -17.28
N ILE F 37 -33.98 -19.37 -16.84
CA ILE F 37 -35.34 -19.29 -17.32
C ILE F 37 -35.99 -18.24 -16.42
N TYR F 38 -35.30 -17.89 -15.35
CA TYR F 38 -35.83 -16.89 -14.43
C TYR F 38 -35.33 -15.49 -14.74
N GLY F 39 -34.55 -15.42 -15.83
CA GLY F 39 -33.98 -14.18 -16.33
C GLY F 39 -33.77 -13.01 -15.40
N ASP F 40 -34.31 -11.85 -15.77
CA ASP F 40 -34.15 -10.63 -15.01
C ASP F 40 -34.61 -10.65 -13.55
N LEU F 41 -35.30 -11.71 -13.13
CA LEU F 41 -35.78 -11.81 -11.74
C LEU F 41 -34.66 -11.93 -10.70
N GLU F 42 -34.85 -11.31 -9.53
CA GLU F 42 -33.85 -11.44 -8.48
C GLU F 42 -33.88 -12.89 -8.05
N LYS F 43 -32.74 -13.53 -7.95
CA LYS F 43 -32.73 -14.93 -7.55
C LYS F 43 -31.55 -15.28 -6.68
N ILE F 44 -31.63 -16.41 -5.98
CA ILE F 44 -30.50 -16.86 -5.18
C ILE F 44 -30.49 -18.37 -5.25
N ILE F 45 -29.32 -18.93 -5.52
CA ILE F 45 -29.19 -20.37 -5.61
C ILE F 45 -28.71 -20.98 -4.31
N ILE F 46 -29.49 -21.90 -3.75
CA ILE F 46 -29.10 -22.60 -2.50
C ILE F 46 -28.50 -23.95 -2.89
N VAL F 47 -27.28 -24.19 -2.45
CA VAL F 47 -26.53 -25.37 -2.89
C VAL F 47 -25.90 -26.12 -1.73
N GLY F 48 -26.07 -27.43 -1.75
CA GLY F 48 -25.45 -28.28 -0.76
C GLY F 48 -24.72 -29.48 -1.35
N LYS F 49 -25.46 -30.57 -1.54
CA LYS F 49 -24.83 -31.85 -1.85
C LYS F 49 -23.60 -31.72 -2.70
N TYR F 50 -23.82 -31.48 -3.99
CA TYR F 50 -22.71 -31.37 -4.94
C TYR F 50 -22.07 -29.99 -5.10
N VAL F 51 -22.25 -29.11 -4.13
CA VAL F 51 -21.69 -27.77 -4.25
C VAL F 51 -20.34 -27.69 -4.99
N ASN F 52 -19.28 -28.29 -4.44
CA ASN F 52 -17.97 -28.22 -5.08
C ASN F 52 -17.89 -28.60 -6.55
N GLU F 53 -18.81 -29.45 -7.00
CA GLU F 53 -18.81 -29.89 -8.39
C GLU F 53 -19.33 -28.83 -9.37
N LEU F 55 -19.78 -25.37 -8.42
CA LEU F 55 -19.54 -24.00 -7.98
C LEU F 55 -19.06 -23.07 -9.08
N PRO F 56 -18.06 -23.48 -9.88
CA PRO F 56 -17.60 -22.58 -10.93
C PRO F 56 -18.65 -22.24 -12.01
N LEU F 57 -19.76 -22.96 -12.01
CA LEU F 57 -20.85 -22.74 -12.96
C LEU F 57 -21.89 -21.80 -12.40
N LEU F 58 -21.82 -21.52 -11.11
CA LEU F 58 -22.80 -20.63 -10.47
C LEU F 58 -22.18 -19.33 -9.99
N ASP F 60 -21.81 -16.48 -11.36
CA ASP F 60 -22.37 -15.22 -11.80
C ASP F 60 -23.59 -15.00 -10.90
N GLN F 61 -23.78 -15.90 -9.96
CA GLN F 61 -24.93 -15.82 -9.07
C GLN F 61 -24.62 -15.64 -7.58
N ILE F 62 -25.61 -15.13 -6.83
CA ILE F 62 -25.45 -15.06 -5.38
C ILE F 62 -25.78 -16.52 -4.96
N VAL F 63 -24.81 -17.21 -4.37
CA VAL F 63 -24.99 -18.60 -3.98
C VAL F 63 -24.86 -18.81 -2.47
N ILE F 64 -25.84 -19.48 -1.85
CA ILE F 64 -25.75 -19.76 -0.41
C ILE F 64 -25.57 -21.25 -0.23
N TYR F 65 -24.47 -21.63 0.43
CA TYR F 65 -24.20 -23.03 0.68
C TYR F 65 -24.87 -23.41 1.99
N ASN F 66 -25.71 -24.44 1.93
CA ASN F 66 -26.43 -24.91 3.10
C ASN F 66 -25.69 -26.07 3.78
N PRO F 67 -25.07 -25.81 4.94
CA PRO F 67 -24.35 -26.90 5.61
C PRO F 67 -25.31 -28.00 6.09
N PHE F 68 -26.55 -27.60 6.32
CA PHE F 68 -27.61 -28.47 6.81
C PHE F 68 -28.48 -29.05 5.69
N TRP F 69 -27.91 -29.26 4.52
CA TRP F 69 -28.71 -29.77 3.42
C TRP F 69 -29.19 -31.20 3.67
N ASN F 70 -28.35 -31.99 4.32
CA ASN F 70 -28.70 -33.38 4.62
C ASN F 70 -29.93 -33.49 5.53
N GLU F 71 -30.19 -32.44 6.32
CA GLU F 71 -31.30 -32.44 7.26
C GLU F 71 -32.70 -32.23 6.67
N GLY F 72 -32.82 -32.18 5.35
CA GLY F 72 -34.14 -31.99 4.76
C GLY F 72 -34.33 -30.64 4.08
N ILE F 73 -34.98 -30.67 2.91
CA ILE F 73 -35.23 -29.48 2.11
C ILE F 73 -35.68 -28.21 2.86
N SER F 74 -36.24 -28.36 4.05
CA SER F 74 -36.73 -27.22 4.82
C SER F 74 -35.63 -26.22 5.19
N THR F 75 -34.44 -26.75 5.49
CA THR F 75 -33.29 -25.90 5.84
C THR F 75 -32.86 -25.03 4.66
N SER F 76 -32.92 -25.58 3.44
CA SER F 76 -32.53 -24.80 2.28
C SER F 76 -33.50 -23.65 2.04
N LEU F 77 -34.78 -23.92 2.21
CA LEU F 77 -35.82 -22.93 2.00
C LEU F 77 -35.85 -21.82 3.06
N LYS F 78 -35.51 -22.17 4.30
CA LYS F 78 -35.52 -21.16 5.36
C LYS F 78 -34.45 -20.12 5.06
N LEU F 79 -33.25 -20.63 4.73
CA LEU F 79 -32.09 -19.81 4.39
C LEU F 79 -32.46 -18.88 3.24
N GLY F 80 -32.77 -19.48 2.09
CA GLY F 80 -33.13 -18.70 0.92
C GLY F 80 -34.14 -17.63 1.25
N LEU F 81 -35.05 -17.94 2.17
CA LEU F 81 -36.09 -16.99 2.54
C LEU F 81 -35.56 -15.73 3.22
N ARG F 82 -34.55 -15.89 4.06
CA ARG F 82 -33.98 -14.75 4.79
C ARG F 82 -33.60 -13.59 3.87
N PHE F 83 -33.11 -13.90 2.67
CA PHE F 83 -32.71 -12.87 1.71
C PHE F 83 -33.86 -12.11 1.08
N PHE F 84 -35.09 -12.57 1.30
CA PHE F 84 -36.24 -11.91 0.71
C PHE F 84 -37.36 -11.57 1.71
N LYS F 85 -37.10 -11.82 3.00
CA LYS F 85 -38.07 -11.58 4.06
C LYS F 85 -38.87 -10.27 3.97
N ASP F 86 -38.39 -9.29 3.20
CA ASP F 86 -39.10 -8.03 3.05
C ASP F 86 -39.87 -7.97 1.73
N TYR F 87 -39.65 -8.97 0.88
CA TYR F 87 -40.33 -9.05 -0.42
C TYR F 87 -41.79 -9.44 -0.26
N ASP F 88 -42.59 -9.13 -1.28
CA ASP F 88 -44.01 -9.46 -1.26
C ASP F 88 -44.21 -10.96 -1.32
N ALA F 89 -43.37 -11.64 -2.09
CA ALA F 89 -43.46 -13.09 -2.22
C ALA F 89 -42.18 -13.66 -2.83
N VAL F 90 -42.00 -14.97 -2.68
CA VAL F 90 -40.85 -15.64 -3.28
C VAL F 90 -41.34 -16.73 -4.22
N LEU F 91 -40.57 -16.98 -5.27
CA LEU F 91 -40.91 -18.02 -6.22
C LEU F 91 -39.98 -19.19 -5.89
N VAL F 92 -40.51 -20.30 -5.39
CA VAL F 92 -39.66 -21.43 -5.00
C VAL F 92 -39.45 -22.38 -6.16
N ALA F 93 -38.34 -22.21 -6.85
CA ALA F 93 -38.03 -23.05 -7.99
C ALA F 93 -37.02 -24.13 -7.65
N LEU F 94 -37.05 -25.22 -8.39
CA LEU F 94 -36.11 -26.31 -8.16
C LEU F 94 -35.12 -26.30 -9.31
N GLY F 95 -33.83 -26.43 -9.00
CA GLY F 95 -32.80 -26.42 -10.03
C GLY F 95 -32.93 -27.62 -10.93
N ASP F 96 -33.64 -28.61 -10.43
CA ASP F 96 -33.91 -29.88 -11.08
C ASP F 96 -34.82 -29.81 -12.31
N PRO F 98 -35.40 -27.88 -15.66
CA PRO F 98 -34.99 -26.97 -16.74
C PRO F 98 -36.06 -26.74 -17.79
N PHE F 99 -37.22 -27.38 -17.65
CA PHE F 99 -38.24 -27.21 -18.66
C PHE F 99 -39.34 -26.21 -18.35
N VAL F 100 -39.31 -25.64 -17.16
CA VAL F 100 -40.29 -24.64 -16.80
C VAL F 100 -40.06 -23.51 -17.79
N THR F 101 -41.15 -23.05 -18.41
CA THR F 101 -41.11 -22.00 -19.42
C THR F 101 -41.09 -20.59 -18.84
N LYS F 102 -40.52 -19.67 -19.61
CA LYS F 102 -40.44 -18.27 -19.18
C LYS F 102 -41.87 -17.73 -19.10
N GLU F 103 -42.71 -18.20 -20.01
CA GLU F 103 -44.12 -17.82 -20.07
C GLU F 103 -44.81 -18.36 -18.83
N ASP F 104 -44.53 -19.63 -18.52
CA ASP F 104 -45.10 -20.27 -17.33
C ASP F 104 -44.84 -19.35 -16.14
N VAL F 105 -43.64 -18.80 -16.08
CA VAL F 105 -43.28 -17.90 -14.99
C VAL F 105 -44.14 -16.65 -14.99
N ASN F 106 -44.27 -15.99 -16.14
CA ASN F 106 -45.10 -14.78 -16.19
C ASN F 106 -46.49 -15.14 -15.72
N LYS F 107 -46.98 -16.29 -16.17
CA LYS F 107 -48.31 -16.75 -15.77
C LYS F 107 -48.41 -16.81 -14.26
N ILE F 108 -47.60 -17.66 -13.65
CA ILE F 108 -47.62 -17.81 -12.20
C ILE F 108 -47.51 -16.49 -11.45
N ILE F 109 -46.80 -15.52 -12.04
CA ILE F 109 -46.62 -14.24 -11.39
C ILE F 109 -47.76 -13.27 -11.64
N ASN F 110 -48.27 -13.24 -12.86
CA ASN F 110 -49.37 -12.35 -13.19
C ASN F 110 -50.64 -12.71 -12.43
N THR F 111 -50.85 -14.00 -12.24
CA THR F 111 -52.05 -14.45 -11.55
C THR F 111 -51.93 -14.43 -10.04
N PHE F 112 -51.02 -13.60 -9.54
CA PHE F 112 -50.83 -13.48 -8.11
C PHE F 112 -51.57 -12.25 -7.62
N LYS F 113 -52.86 -12.43 -7.39
CA LYS F 113 -53.71 -11.34 -6.96
C LYS F 113 -53.67 -11.00 -5.46
N PRO F 114 -54.32 -9.90 -5.08
CA PRO F 114 -54.38 -9.39 -3.71
C PRO F 114 -54.95 -10.27 -2.61
N ASN F 115 -55.54 -11.39 -2.97
CA ASN F 115 -56.08 -12.29 -1.98
C ASN F 115 -55.39 -13.63 -2.06
N CYS F 116 -54.38 -13.69 -2.92
CA CYS F 116 -53.66 -14.94 -3.07
C CYS F 116 -52.60 -15.07 -1.98
N LYS F 117 -52.56 -16.22 -1.33
CA LYS F 117 -51.54 -16.47 -0.31
C LYS F 117 -50.48 -17.34 -0.94
N ALA F 118 -50.79 -17.79 -2.16
CA ALA F 118 -49.90 -18.65 -2.92
C ALA F 118 -50.53 -18.82 -4.29
N VAL F 119 -49.73 -19.25 -5.25
CA VAL F 119 -50.19 -19.47 -6.60
C VAL F 119 -49.55 -20.77 -7.01
N ILE F 120 -50.36 -21.69 -7.55
CA ILE F 120 -49.82 -22.98 -7.91
C ILE F 120 -50.00 -23.31 -9.36
N PRO F 121 -48.89 -23.63 -10.06
CA PRO F 121 -49.02 -23.97 -11.47
C PRO F 121 -49.67 -25.36 -11.61
N THR F 122 -50.38 -25.55 -12.70
CA THR F 122 -51.06 -26.81 -12.97
C THR F 122 -50.95 -27.19 -14.44
N HIS F 123 -50.96 -28.49 -14.71
CA HIS F 123 -50.91 -29.01 -16.06
C HIS F 123 -51.65 -30.34 -16.09
N LYS F 124 -52.69 -30.41 -16.92
CA LYS F 124 -53.51 -31.62 -17.06
C LYS F 124 -53.89 -32.25 -15.74
N GLY F 125 -54.37 -31.46 -14.79
CA GLY F 125 -54.77 -32.04 -13.52
C GLY F 125 -53.71 -32.27 -12.45
N GLU F 126 -52.50 -31.79 -12.66
CA GLU F 126 -51.45 -31.93 -11.65
C GLU F 126 -50.91 -30.57 -11.26
N ARG F 127 -50.48 -30.45 -10.02
CA ARG F 127 -49.88 -29.20 -9.55
C ARG F 127 -48.38 -29.38 -9.69
N GLY F 128 -47.71 -28.36 -10.19
CA GLY F 128 -46.27 -28.46 -10.36
C GLY F 128 -45.51 -27.36 -9.65
N ASN F 129 -44.37 -26.99 -10.23
CA ASN F 129 -43.53 -25.95 -9.68
C ASN F 129 -43.11 -25.09 -10.84
N PRO F 130 -42.59 -23.89 -10.57
CA PRO F 130 -42.36 -23.30 -9.25
C PRO F 130 -43.65 -22.84 -8.56
N VAL F 131 -43.64 -22.85 -7.23
CA VAL F 131 -44.77 -22.41 -6.44
C VAL F 131 -44.56 -20.96 -5.99
N LEU F 132 -45.51 -20.07 -6.25
CA LEU F 132 -45.39 -18.68 -5.81
C LEU F 132 -45.95 -18.64 -4.38
N ILE F 133 -45.14 -18.22 -3.42
CA ILE F 133 -45.59 -18.13 -2.01
C ILE F 133 -45.49 -16.68 -1.53
N SER F 134 -46.60 -16.10 -1.10
CA SER F 134 -46.59 -14.71 -0.65
C SER F 134 -46.07 -14.51 0.77
N LYS F 135 -45.68 -13.26 1.06
CA LYS F 135 -45.13 -12.87 2.35
C LYS F 135 -45.91 -13.38 3.55
N SER F 136 -47.22 -13.35 3.44
CA SER F 136 -48.11 -13.81 4.51
C SER F 136 -47.75 -15.18 5.08
N LEU F 137 -47.10 -16.01 4.28
CA LEU F 137 -46.71 -17.37 4.70
C LEU F 137 -45.28 -17.54 5.18
N PHE F 138 -44.43 -16.55 4.95
CA PHE F 138 -43.03 -16.65 5.36
C PHE F 138 -42.94 -17.22 6.77
N ASN F 139 -43.56 -16.52 7.71
CA ASN F 139 -43.57 -16.96 9.11
C ASN F 139 -43.89 -18.45 9.23
N GLU F 140 -44.84 -18.92 8.43
CA GLU F 140 -45.22 -20.33 8.47
C GLU F 140 -44.07 -21.23 8.04
N ILE F 141 -43.39 -20.85 6.95
CA ILE F 141 -42.29 -21.67 6.47
C ILE F 141 -41.06 -21.52 7.34
N GLU F 142 -41.13 -20.62 8.32
CA GLU F 142 -40.02 -20.41 9.26
C GLU F 142 -40.12 -21.44 10.38
N LYS F 143 -41.33 -21.93 10.63
CA LYS F 143 -41.55 -22.93 11.67
C LYS F 143 -41.32 -24.32 11.11
N LEU F 144 -41.32 -24.40 9.79
CA LEU F 144 -41.12 -25.66 9.07
C LEU F 144 -39.85 -26.38 9.52
N ARG F 145 -39.94 -27.69 9.72
CA ARG F 145 -38.77 -28.47 10.13
C ARG F 145 -38.75 -29.88 9.53
N GLY F 146 -37.57 -30.35 9.15
CA GLY F 146 -37.45 -31.66 8.56
C GLY F 146 -37.32 -31.59 7.04
N ASP F 147 -37.58 -32.70 6.37
CA ASP F 147 -37.48 -32.72 4.91
C ASP F 147 -38.84 -32.35 4.31
N VAL F 148 -39.49 -31.37 4.92
CA VAL F 148 -40.80 -30.88 4.47
C VAL F 148 -40.63 -29.55 3.76
N GLY F 149 -41.67 -29.08 3.08
CA GLY F 149 -41.52 -27.81 2.39
C GLY F 149 -42.79 -27.15 1.89
N ALA F 150 -42.86 -26.95 0.58
CA ALA F 150 -44.00 -26.31 -0.06
C ALA F 150 -45.33 -27.03 0.26
N ARG F 151 -45.38 -28.34 0.06
CA ARG F 151 -46.60 -29.09 0.35
C ARG F 151 -47.15 -28.75 1.73
N VAL F 152 -46.34 -29.02 2.76
CA VAL F 152 -46.72 -28.79 4.15
C VAL F 152 -47.27 -27.40 4.48
N ILE F 153 -46.71 -26.36 3.86
CA ILE F 153 -47.16 -25.00 4.12
C ILE F 153 -48.48 -24.66 3.41
N LEU F 154 -48.61 -25.15 2.18
CA LEU F 154 -49.81 -24.92 1.38
C LEU F 154 -51.04 -25.55 2.06
N ASN F 155 -50.88 -26.75 2.61
CA ASN F 155 -51.98 -27.42 3.28
C ASN F 155 -52.52 -26.55 4.40
N LYS F 156 -51.71 -25.59 4.84
CA LYS F 156 -52.09 -24.70 5.93
C LYS F 156 -53.17 -23.68 5.59
N ILE F 157 -53.37 -23.42 4.30
CA ILE F 157 -54.36 -22.43 3.88
C ILE F 157 -55.66 -23.00 3.30
N LYS F 158 -56.71 -22.19 3.35
CA LYS F 158 -58.03 -22.57 2.84
C LYS F 158 -58.04 -22.37 1.34
N ILE F 159 -58.59 -23.33 0.61
CA ILE F 159 -58.61 -23.23 -0.84
C ILE F 159 -59.12 -21.88 -1.30
N GLU F 160 -59.86 -21.20 -0.44
CA GLU F 160 -60.38 -19.89 -0.79
C GLU F 160 -59.24 -18.90 -1.02
N GLU F 161 -58.09 -19.17 -0.39
CA GLU F 161 -56.93 -18.29 -0.51
C GLU F 161 -55.77 -18.83 -1.37
N LEU F 162 -56.02 -19.89 -2.13
CA LEU F 162 -55.00 -20.49 -3.00
C LEU F 162 -55.31 -20.26 -4.47
N CYS F 163 -54.44 -19.55 -5.17
CA CYS F 163 -54.65 -19.26 -6.60
C CYS F 163 -53.93 -20.24 -7.51
N PHE F 164 -54.19 -20.17 -8.82
CA PHE F 164 -53.56 -21.11 -9.75
C PHE F 164 -53.81 -20.80 -11.23
N ILE F 165 -52.97 -21.38 -12.07
CA ILE F 165 -53.09 -21.21 -13.52
C ILE F 165 -52.38 -22.38 -14.17
N GLU F 166 -52.76 -22.64 -15.41
CA GLU F 166 -52.17 -23.73 -16.14
C GLU F 166 -50.98 -23.26 -16.93
N CYS F 167 -49.95 -24.10 -16.94
CA CYS F 167 -48.71 -23.80 -17.63
C CYS F 167 -48.35 -25.00 -18.47
N SER F 168 -47.22 -24.91 -19.15
CA SER F 168 -46.76 -26.00 -20.00
C SER F 168 -46.51 -27.21 -19.12
N GLU F 169 -46.26 -28.33 -19.75
CA GLU F 169 -45.98 -29.57 -19.04
C GLU F 169 -44.67 -29.45 -18.24
N GLY F 170 -43.85 -28.49 -18.66
CA GLY F 170 -42.57 -28.25 -18.00
C GLY F 170 -42.76 -28.08 -16.51
N VAL F 171 -43.86 -27.43 -16.14
CA VAL F 171 -44.20 -27.19 -14.75
C VAL F 171 -44.36 -28.50 -13.97
N LEU F 172 -44.24 -29.62 -14.67
CA LEU F 172 -44.38 -30.93 -14.03
C LEU F 172 -43.18 -31.84 -14.26
N ILE F 173 -42.39 -31.57 -15.29
CA ILE F 173 -41.22 -32.40 -15.63
C ILE F 173 -39.99 -32.08 -14.79
N ASP F 174 -39.58 -33.00 -13.94
CA ASP F 174 -38.43 -32.71 -13.09
C ASP F 174 -37.15 -33.41 -13.53
N ILE F 175 -37.14 -33.95 -14.75
CA ILE F 175 -35.94 -34.62 -15.26
C ILE F 175 -35.49 -35.80 -14.37
N ASN G 2 42.71 4.31 8.27
CA ASN G 2 41.29 4.06 8.46
C ASN G 2 41.05 3.50 9.85
N ILE G 3 40.76 4.40 10.79
CA ILE G 3 40.52 3.97 12.16
C ILE G 3 39.11 4.24 12.63
N GLY G 4 38.60 3.32 13.43
CA GLY G 4 37.29 3.44 13.99
C GLY G 4 37.42 3.54 15.50
N VAL G 5 36.49 4.24 16.14
CA VAL G 5 36.51 4.40 17.59
C VAL G 5 35.43 3.48 18.17
N ILE G 6 35.83 2.69 19.16
CA ILE G 6 34.93 1.78 19.84
C ILE G 6 34.78 2.42 21.21
N ILE G 7 33.62 2.97 21.49
CA ILE G 7 33.38 3.61 22.77
C ILE G 7 32.73 2.64 23.76
N LEU G 8 33.44 2.27 24.80
CA LEU G 8 32.90 1.34 25.79
C LEU G 8 32.07 2.04 26.88
N ALA G 9 30.83 1.56 27.03
CA ALA G 9 29.90 2.08 28.03
C ALA G 9 29.06 0.89 28.49
N ALA G 10 29.56 -0.30 28.18
CA ALA G 10 28.87 -1.53 28.53
C ALA G 10 28.90 -1.73 30.03
N GLY G 11 29.85 -1.06 30.69
CA GLY G 11 29.97 -1.20 32.13
C GLY G 11 30.57 -2.53 32.57
N GLU G 12 30.78 -2.66 33.88
CA GLU G 12 31.36 -3.87 34.46
C GLU G 12 30.78 -4.15 35.85
N GLY G 18 26.53 3.83 33.46
CA GLY G 18 25.80 3.71 34.73
C GLY G 18 25.09 5.04 35.12
N ASP G 19 24.78 5.19 36.42
CA ASP G 19 24.15 6.42 36.87
C ASP G 19 25.18 7.50 36.55
N LYS G 20 26.44 7.14 36.77
CA LYS G 20 27.58 8.01 36.53
C LYS G 20 27.49 8.70 35.16
N LEU G 21 27.34 7.90 34.11
CA LEU G 21 27.28 8.41 32.74
C LEU G 21 26.20 9.46 32.43
N LEU G 22 25.09 9.42 33.16
CA LEU G 22 24.01 10.37 32.91
C LEU G 22 24.22 11.71 33.59
N ALA G 23 25.21 11.80 34.46
CA ALA G 23 25.49 13.05 35.17
C ALA G 23 25.95 14.11 34.18
N LYS G 24 25.67 15.38 34.50
CA LYS G 24 26.05 16.47 33.62
C LYS G 24 27.40 17.10 33.99
N ILE G 25 27.92 17.90 33.07
CA ILE G 25 29.18 18.62 33.22
C ILE G 25 29.00 19.80 32.29
N ASP G 26 28.50 20.89 32.85
CA ASP G 26 28.21 22.09 32.08
C ASP G 26 26.95 21.82 31.24
N ASN G 27 25.89 21.35 31.90
CA ASN G 27 24.62 21.08 31.25
C ASN G 27 24.52 19.84 30.35
N THR G 28 25.65 19.18 30.08
CA THR G 28 25.62 18.01 29.23
C THR G 28 26.09 16.74 29.93
N PRO G 29 25.42 15.60 29.66
CA PRO G 29 25.75 14.30 30.25
C PRO G 29 27.17 13.90 29.86
N ILE G 30 27.92 13.28 30.77
CA ILE G 30 29.29 12.92 30.46
C ILE G 30 29.38 11.91 29.31
N ILE G 31 28.39 11.05 29.13
CA ILE G 31 28.45 10.09 28.04
C ILE G 31 28.45 10.77 26.66
N ARG G 33 29.31 13.86 26.28
CA ARG G 33 30.51 14.68 26.36
C ARG G 33 31.64 13.86 25.75
N THR G 34 31.75 12.62 26.20
CA THR G 34 32.75 11.68 25.72
C THR G 34 32.58 11.47 24.23
N ILE G 35 31.36 11.20 23.80
CA ILE G 35 31.10 10.94 22.39
C ILE G 35 31.52 12.08 21.48
N ARG G 36 31.47 13.31 21.98
CA ARG G 36 31.86 14.47 21.18
C ARG G 36 33.34 14.62 20.88
N ILE G 37 34.21 14.31 21.85
CA ILE G 37 35.62 14.46 21.60
C ILE G 37 36.13 13.62 20.44
N TYR G 38 35.39 12.56 20.11
CA TYR G 38 35.74 11.70 18.99
C TYR G 38 35.00 12.15 17.74
N GLY G 39 34.16 13.15 17.95
CA GLY G 39 33.54 13.83 16.85
C GLY G 39 33.33 13.16 15.53
N ASP G 40 33.91 13.71 14.46
CA ASP G 40 33.66 13.16 13.14
C ASP G 40 34.11 11.76 12.94
N LEU G 41 35.17 11.38 13.63
CA LEU G 41 35.69 10.02 13.56
C LEU G 41 34.54 9.01 13.58
N GLU G 42 34.71 7.92 12.86
CA GLU G 42 33.70 6.88 12.77
C GLU G 42 33.61 6.06 14.04
N LYS G 43 32.68 6.42 14.91
CA LYS G 43 32.55 5.72 16.18
C LYS G 43 31.42 4.70 16.29
N ILE G 44 31.32 4.08 17.47
CA ILE G 44 30.31 3.07 17.73
C ILE G 44 30.25 2.88 19.25
N ILE G 45 29.05 2.99 19.81
CA ILE G 45 28.89 2.85 21.25
C ILE G 45 28.46 1.43 21.59
N ILE G 46 29.12 0.85 22.57
CA ILE G 46 28.79 -0.49 23.00
C ILE G 46 28.23 -0.32 24.40
N VAL G 47 27.00 -0.77 24.57
CA VAL G 47 26.28 -0.61 25.82
C VAL G 47 25.91 -1.94 26.46
N GLY G 48 25.57 -1.90 27.76
CA GLY G 48 25.23 -3.13 28.43
C GLY G 48 24.10 -3.02 29.43
N LYS G 49 24.42 -3.29 30.68
CA LYS G 49 23.44 -3.26 31.76
C LYS G 49 22.49 -2.07 31.82
N TYR G 50 23.02 -0.85 31.96
CA TYR G 50 22.16 0.32 32.08
C TYR G 50 21.74 0.97 30.78
N VAL G 51 21.69 0.18 29.72
CA VAL G 51 21.32 0.66 28.41
C VAL G 51 20.04 1.47 28.38
N ASN G 52 18.97 0.91 28.93
CA ASN G 52 17.69 1.60 28.90
C ASN G 52 17.62 2.97 29.55
N GLU G 53 18.51 3.25 30.48
CA GLU G 53 18.47 4.54 31.15
C GLU G 53 19.03 5.69 30.31
N LEU G 55 19.42 5.27 26.44
CA LEU G 55 19.15 5.09 25.02
C LEU G 55 18.67 6.35 24.28
N PRO G 56 17.76 7.11 24.87
CA PRO G 56 17.35 8.30 24.11
C PRO G 56 18.50 9.24 23.75
N LEU G 57 19.45 9.36 24.67
CA LEU G 57 20.61 10.23 24.52
C LEU G 57 21.61 9.80 23.43
N LEU G 58 21.64 8.51 23.13
CA LEU G 58 22.56 7.97 22.13
C LEU G 58 21.91 7.65 20.80
N ASP G 60 21.67 9.08 18.04
CA ASP G 60 22.26 9.61 16.82
C ASP G 60 23.50 8.77 16.50
N GLN G 61 23.66 7.68 17.22
CA GLN G 61 24.82 6.81 17.04
C GLN G 61 24.47 5.36 16.72
N ILE G 62 25.47 4.61 16.23
CA ILE G 62 25.25 3.19 15.99
C ILE G 62 25.51 2.61 17.36
N VAL G 63 24.48 2.07 18.00
CA VAL G 63 24.63 1.50 19.32
C VAL G 63 24.52 -0.01 19.27
N ILE G 64 25.36 -0.70 20.04
CA ILE G 64 25.32 -2.16 20.09
C ILE G 64 25.18 -2.60 21.53
N TYR G 65 24.04 -3.23 21.83
CA TYR G 65 23.76 -3.73 23.18
C TYR G 65 24.47 -5.06 23.33
N ASN G 66 25.24 -5.20 24.40
CA ASN G 66 26.00 -6.44 24.66
C ASN G 66 25.31 -7.30 25.71
N PRO G 67 24.69 -8.41 25.28
CA PRO G 67 24.02 -9.27 26.27
C PRO G 67 25.03 -9.99 27.17
N PHE G 68 26.25 -10.14 26.68
CA PHE G 68 27.33 -10.80 27.41
C PHE G 68 28.24 -9.82 28.13
N TRP G 69 27.73 -8.67 28.54
CA TRP G 69 28.59 -7.70 29.21
C TRP G 69 29.07 -8.24 30.56
N ASN G 70 28.35 -9.20 31.13
CA ASN G 70 28.71 -9.78 32.42
C ASN G 70 29.86 -10.82 32.34
N GLU G 71 30.36 -11.09 31.14
CA GLU G 71 31.45 -12.04 30.97
C GLU G 71 32.80 -11.32 30.98
N GLY G 72 32.76 -9.99 31.01
CA GLY G 72 34.00 -9.22 31.01
C GLY G 72 34.15 -8.28 29.84
N ILE G 73 34.86 -7.20 30.05
CA ILE G 73 35.08 -6.21 28.99
C ILE G 73 35.53 -6.83 27.64
N SER G 74 36.13 -8.01 27.68
CA SER G 74 36.61 -8.67 26.46
C SER G 74 35.50 -8.89 25.43
N THR G 75 34.30 -9.07 25.98
CA THR G 75 33.11 -9.31 25.22
C THR G 75 32.76 -8.04 24.40
N SER G 76 32.83 -6.88 25.04
CA SER G 76 32.54 -5.61 24.37
C SER G 76 33.57 -5.29 23.30
N LEU G 77 34.84 -5.54 23.59
CA LEU G 77 35.91 -5.28 22.62
C LEU G 77 35.71 -6.03 21.31
N LYS G 78 35.52 -7.35 21.40
CA LYS G 78 35.35 -8.18 20.21
C LYS G 78 34.14 -7.75 19.38
N LEU G 79 33.05 -7.42 20.07
CA LEU G 79 31.82 -6.96 19.42
C LEU G 79 32.17 -5.75 18.55
N GLY G 80 32.71 -4.73 19.19
CA GLY G 80 33.08 -3.52 18.49
C GLY G 80 34.08 -3.80 17.40
N LEU G 81 34.95 -4.76 17.63
CA LEU G 81 35.96 -5.10 16.66
C LEU G 81 35.41 -5.62 15.35
N ARG G 82 34.34 -6.40 15.41
CA ARG G 82 33.73 -6.96 14.20
C ARG G 82 33.35 -5.87 13.20
N PHE G 83 32.91 -4.75 13.72
CA PHE G 83 32.53 -3.62 12.88
C PHE G 83 33.72 -2.94 12.24
N PHE G 84 34.92 -3.25 12.72
CA PHE G 84 36.11 -2.60 12.18
C PHE G 84 37.19 -3.58 11.72
N LYS G 85 36.83 -4.86 11.64
CA LYS G 85 37.74 -5.90 11.22
C LYS G 85 38.72 -5.44 10.13
N ASP G 86 38.19 -4.89 9.05
CA ASP G 86 39.05 -4.45 7.96
C ASP G 86 39.77 -3.13 8.19
N TYR G 87 39.47 -2.44 9.29
CA TYR G 87 40.13 -1.16 9.57
C TYR G 87 41.60 -1.30 9.93
N ASP G 88 42.35 -0.24 9.68
CA ASP G 88 43.78 -0.24 9.96
C ASP G 88 44.07 -0.32 11.45
N ALA G 89 43.21 0.32 12.25
CA ALA G 89 43.36 0.35 13.70
C ALA G 89 42.03 0.77 14.36
N VAL G 90 41.95 0.64 15.68
CA VAL G 90 40.75 1.03 16.42
C VAL G 90 41.09 1.76 17.72
N LEU G 91 40.41 2.86 17.99
CA LEU G 91 40.61 3.62 19.21
C LEU G 91 39.68 3.09 20.29
N VAL G 92 40.24 2.58 21.37
CA VAL G 92 39.41 2.05 22.45
C VAL G 92 39.17 3.12 23.49
N ALA G 93 38.11 3.91 23.31
CA ALA G 93 37.78 4.98 24.25
C ALA G 93 36.88 4.42 25.33
N LEU G 94 36.84 5.12 26.46
CA LEU G 94 36.02 4.70 27.56
C LEU G 94 34.91 5.71 27.78
N GLY G 95 33.69 5.21 27.93
CA GLY G 95 32.55 6.08 28.11
C GLY G 95 32.67 7.13 29.20
N ASP G 96 33.18 6.74 30.36
CA ASP G 96 33.29 7.67 31.48
C ASP G 96 34.54 8.53 31.52
N PRO G 98 35.30 11.67 29.86
CA PRO G 98 34.90 12.87 29.13
C PRO G 98 35.95 13.97 29.11
N PHE G 99 37.17 13.66 29.51
CA PHE G 99 38.20 14.69 29.55
C PHE G 99 39.34 14.60 28.57
N VAL G 100 39.37 13.59 27.71
CA VAL G 100 40.47 13.55 26.76
C VAL G 100 40.13 14.60 25.70
N THR G 101 41.12 15.37 25.27
CA THR G 101 40.88 16.43 24.30
C THR G 101 40.94 15.99 22.85
N LYS G 102 40.46 16.87 21.96
CA LYS G 102 40.50 16.60 20.53
C LYS G 102 41.96 16.36 20.16
N GLU G 103 42.82 17.28 20.59
CA GLU G 103 44.26 17.21 20.30
C GLU G 103 44.88 15.92 20.82
N ASP G 104 44.42 15.46 21.99
CA ASP G 104 44.95 14.21 22.53
C ASP G 104 44.66 13.07 21.55
N VAL G 105 43.47 13.07 20.97
CA VAL G 105 43.08 12.04 20.03
C VAL G 105 43.95 12.10 18.79
N ASN G 106 44.19 13.32 18.29
CA ASN G 106 45.01 13.50 17.09
C ASN G 106 46.45 13.08 17.37
N LYS G 107 46.95 13.48 18.54
CA LYS G 107 48.30 13.09 18.94
C LYS G 107 48.39 11.58 18.81
N ILE G 108 47.50 10.88 19.48
CA ILE G 108 47.50 9.42 19.44
C ILE G 108 47.43 8.88 18.02
N ILE G 109 46.58 9.49 17.20
CA ILE G 109 46.43 9.02 15.83
C ILE G 109 47.65 9.33 14.96
N ASN G 110 48.14 10.57 15.02
CA ASN G 110 49.31 10.96 14.23
C ASN G 110 50.53 10.09 14.55
N THR G 111 50.70 9.75 15.81
CA THR G 111 51.83 8.93 16.25
C THR G 111 51.81 7.51 15.70
N PHE G 112 50.64 7.02 15.33
CA PHE G 112 50.51 5.68 14.80
C PHE G 112 51.29 5.55 13.51
N LYS G 113 52.42 4.85 13.58
CA LYS G 113 53.29 4.63 12.43
C LYS G 113 53.38 3.12 12.15
N PRO G 114 53.77 2.75 10.92
CA PRO G 114 53.91 1.35 10.51
C PRO G 114 54.49 0.41 11.55
N ASN G 115 55.61 0.81 12.17
CA ASN G 115 56.25 -0.03 13.19
C ASN G 115 55.35 -0.25 14.39
N CYS G 116 54.54 0.77 14.72
CA CYS G 116 53.64 0.69 15.86
C CYS G 116 52.60 -0.39 15.70
N LYS G 117 52.38 -1.13 16.78
CA LYS G 117 51.39 -2.18 16.81
C LYS G 117 50.31 -1.72 17.78
N ALA G 118 50.53 -0.52 18.33
CA ALA G 118 49.61 0.04 19.29
C ALA G 118 50.19 1.34 19.85
N VAL G 119 49.37 2.39 19.88
CA VAL G 119 49.82 3.66 20.42
C VAL G 119 49.18 3.87 21.77
N ILE G 120 50.00 4.20 22.76
CA ILE G 120 49.49 4.39 24.12
C ILE G 120 49.70 5.82 24.60
N PRO G 121 48.61 6.47 25.01
CA PRO G 121 48.77 7.84 25.49
C PRO G 121 49.49 7.83 26.83
N THR G 122 50.18 8.93 27.12
CA THR G 122 50.95 9.04 28.34
C THR G 122 50.81 10.42 28.94
N HIS G 123 50.96 10.47 30.26
CA HIS G 123 50.89 11.74 30.96
C HIS G 123 51.63 11.66 32.26
N LYS G 124 52.76 12.34 32.31
CA LYS G 124 53.62 12.41 33.47
C LYS G 124 53.87 11.06 34.12
N GLY G 125 54.47 10.16 33.35
CA GLY G 125 54.78 8.84 33.88
C GLY G 125 53.70 7.80 33.66
N GLU G 126 52.46 8.12 34.00
CA GLU G 126 51.36 7.18 33.85
C GLU G 126 50.92 6.99 32.40
N ARG G 127 50.38 5.82 32.13
CA ARG G 127 49.86 5.49 30.83
C ARG G 127 48.36 5.68 30.93
N GLY G 128 47.71 6.06 29.83
CA GLY G 128 46.28 6.27 29.87
C GLY G 128 45.51 5.72 28.68
N ASN G 129 44.36 6.35 28.43
CA ASN G 129 43.45 5.97 27.34
C ASN G 129 43.02 7.20 26.56
N PRO G 130 42.43 7.00 25.38
CA PRO G 130 42.20 5.69 24.75
C PRO G 130 43.44 5.13 24.08
N VAL G 131 43.55 3.81 24.03
CA VAL G 131 44.69 3.18 23.39
C VAL G 131 44.35 2.91 21.92
N LEU G 132 45.28 3.23 21.01
CA LEU G 132 45.03 2.95 19.61
C LEU G 132 45.60 1.56 19.40
N ILE G 133 44.78 0.64 18.94
CA ILE G 133 45.20 -0.73 18.70
C ILE G 133 45.19 -0.99 17.18
N SER G 134 46.27 -1.59 16.68
CA SER G 134 46.38 -1.85 15.25
C SER G 134 45.74 -3.14 14.77
N LYS G 135 45.56 -3.22 13.46
CA LYS G 135 44.96 -4.37 12.83
C LYS G 135 45.69 -5.66 13.18
N SER G 136 47.02 -5.60 13.18
CA SER G 136 47.83 -6.78 13.47
C SER G 136 47.59 -7.40 14.85
N LEU G 137 46.90 -6.69 15.74
CA LEU G 137 46.63 -7.24 17.06
C LEU G 137 45.21 -7.77 17.16
N PHE G 138 44.42 -7.53 16.11
CA PHE G 138 43.02 -7.97 16.09
C PHE G 138 42.85 -9.45 16.37
N ASN G 139 43.27 -10.31 15.44
CA ASN G 139 43.13 -11.75 15.66
C ASN G 139 43.46 -12.12 17.12
N GLU G 140 44.46 -11.44 17.66
CA GLU G 140 44.94 -11.63 19.04
C GLU G 140 43.91 -11.21 20.11
N ILE G 141 43.51 -9.94 20.06
CA ILE G 141 42.53 -9.40 21.00
C ILE G 141 41.22 -10.15 20.76
N GLU G 142 41.06 -10.58 19.52
CA GLU G 142 39.89 -11.33 19.08
C GLU G 142 39.90 -12.70 19.71
N LYS G 143 40.90 -12.97 20.54
CA LYS G 143 41.04 -14.28 21.16
C LYS G 143 40.84 -14.33 22.66
N LEU G 144 40.91 -13.20 23.36
CA LEU G 144 40.73 -13.28 24.80
C LEU G 144 39.30 -13.61 25.21
N ARG G 145 39.13 -13.91 26.48
CA ARG G 145 37.84 -14.26 27.06
C ARG G 145 37.82 -13.73 28.47
N GLY G 146 36.65 -13.75 29.10
CA GLY G 146 36.56 -13.25 30.47
C GLY G 146 36.91 -11.77 30.53
N ASP G 147 36.88 -11.21 31.74
CA ASP G 147 37.19 -9.79 31.91
C ASP G 147 38.67 -9.48 31.64
N VAL G 148 39.02 -9.47 30.36
CA VAL G 148 40.39 -9.20 29.93
C VAL G 148 40.40 -8.22 28.76
N GLY G 149 41.05 -7.07 28.97
CA GLY G 149 41.12 -6.08 27.91
C GLY G 149 42.34 -6.25 27.00
N ALA G 150 42.87 -5.13 26.52
CA ALA G 150 44.04 -5.10 25.63
C ALA G 150 45.36 -5.05 26.42
N ARG G 151 45.25 -4.88 27.74
CA ARG G 151 46.44 -4.84 28.58
C ARG G 151 47.17 -6.17 28.38
N VAL G 152 46.44 -7.26 28.55
CA VAL G 152 46.97 -8.60 28.38
C VAL G 152 47.67 -8.70 27.04
N ILE G 153 47.05 -8.16 26.01
CA ILE G 153 47.62 -8.21 24.67
C ILE G 153 48.92 -7.41 24.62
N LEU G 154 48.85 -6.14 25.02
CA LEU G 154 50.01 -5.25 25.01
C LEU G 154 51.21 -5.79 25.80
N ASN G 155 50.96 -6.27 27.02
CA ASN G 155 52.01 -6.83 27.86
C ASN G 155 52.67 -8.03 27.20
N LYS G 156 52.38 -8.24 25.93
CA LYS G 156 52.94 -9.37 25.21
C LYS G 156 53.85 -8.90 24.08
N ILE G 157 53.72 -7.63 23.69
CA ILE G 157 54.54 -7.11 22.60
C ILE G 157 55.75 -6.30 23.07
N LYS G 158 56.82 -6.36 22.27
CA LYS G 158 58.06 -5.65 22.57
C LYS G 158 57.90 -4.17 22.34
N ILE G 159 58.40 -3.37 23.29
CA ILE G 159 58.30 -1.92 23.19
C ILE G 159 58.90 -1.44 21.89
N GLU G 160 59.52 -2.37 21.18
CA GLU G 160 60.14 -2.06 19.89
C GLU G 160 59.07 -1.73 18.86
N GLU G 161 57.87 -2.30 19.06
CA GLU G 161 56.76 -2.09 18.14
C GLU G 161 55.56 -1.59 18.93
N LEU G 162 55.80 -0.66 19.84
CA LEU G 162 54.75 -0.13 20.68
C LEU G 162 55.05 1.35 20.85
N CYS G 163 54.16 2.22 20.37
CA CYS G 163 54.40 3.65 20.46
C CYS G 163 53.65 4.36 21.58
N PHE G 164 54.24 5.44 22.08
CA PHE G 164 53.68 6.23 23.17
C PHE G 164 53.77 7.73 22.85
N ILE G 165 52.89 8.54 23.43
CA ILE G 165 52.94 10.00 23.27
C ILE G 165 52.31 10.62 24.48
N GLU G 166 52.67 11.85 24.77
CA GLU G 166 52.14 12.52 25.94
C GLU G 166 51.00 13.46 25.62
N CYS G 167 49.88 13.21 26.28
CA CYS G 167 48.68 14.01 26.08
C CYS G 167 48.36 14.70 27.39
N SER G 168 47.20 15.35 27.44
CA SER G 168 46.76 16.06 28.62
C SER G 168 46.44 15.09 29.75
N GLU G 169 46.22 15.63 30.95
CA GLU G 169 45.89 14.80 32.10
C GLU G 169 44.61 14.01 31.82
N GLY G 170 43.90 14.43 30.76
CA GLY G 170 42.65 13.81 30.35
C GLY G 170 42.86 12.33 30.20
N VAL G 171 43.85 11.96 29.40
CA VAL G 171 44.21 10.58 29.16
C VAL G 171 44.23 9.69 30.42
N LEU G 172 44.29 10.29 31.59
CA LEU G 172 44.35 9.53 32.85
C LEU G 172 43.13 9.66 33.76
N ILE G 173 42.28 10.63 33.47
CA ILE G 173 41.11 10.90 34.30
C ILE G 173 39.81 10.25 33.87
N ASP G 174 39.15 9.60 34.82
CA ASP G 174 37.87 8.96 34.54
C ASP G 174 36.91 9.12 35.71
N ILE G 175 35.70 9.60 35.41
CA ILE G 175 34.64 9.84 36.41
C ILE G 175 34.17 8.53 37.03
N ASP G 176 35.06 7.91 37.78
CA ASP G 176 34.79 6.65 38.44
C ASP G 176 35.35 6.78 39.89
N LYS G 177 35.88 7.98 40.18
CA LYS G 177 36.43 8.34 41.54
C LYS G 177 35.71 9.63 42.00
N LYS G 178 34.48 9.82 41.49
CA LYS G 178 33.64 11.02 41.78
C LYS G 178 34.35 12.27 41.20
N ASN H 2 29.90 -21.36 7.85
CA ASN H 2 29.76 -20.27 8.82
C ASN H 2 28.71 -19.25 8.40
N ILE H 3 27.54 -19.40 9.03
CA ILE H 3 26.40 -18.56 8.74
C ILE H 3 25.92 -17.64 9.89
N GLY H 4 25.52 -16.43 9.52
CA GLY H 4 25.04 -15.47 10.49
C GLY H 4 23.60 -15.06 10.21
N VAL H 5 22.80 -15.05 11.27
CA VAL H 5 21.39 -14.67 11.18
C VAL H 5 21.15 -13.19 11.51
N ILE H 6 20.63 -12.44 10.56
CA ILE H 6 20.32 -11.04 10.80
C ILE H 6 18.80 -10.93 10.79
N ILE H 7 18.20 -10.67 11.94
CA ILE H 7 16.74 -10.54 11.98
C ILE H 7 16.43 -9.04 11.99
N LEU H 8 15.80 -8.57 10.92
CA LEU H 8 15.45 -7.16 10.78
C LEU H 8 14.17 -6.82 11.54
N ALA H 9 14.28 -5.94 12.54
CA ALA H 9 13.12 -5.55 13.33
C ALA H 9 12.80 -4.08 13.13
N ALA H 10 12.88 -3.63 11.89
CA ALA H 10 12.60 -2.25 11.52
C ALA H 10 12.15 -2.16 10.05
N LYS H 20 4.35 -2.69 16.79
CA LYS H 20 3.70 -3.85 16.17
C LYS H 20 4.41 -5.16 16.52
N LEU H 21 5.72 -5.18 16.37
CA LEU H 21 6.52 -6.37 16.68
C LEU H 21 6.47 -6.78 18.14
N LEU H 22 5.97 -5.90 18.99
CA LEU H 22 5.88 -6.24 20.40
C LEU H 22 4.43 -6.55 20.75
N ALA H 23 3.69 -6.95 19.72
CA ALA H 23 2.30 -7.34 19.83
C ALA H 23 2.35 -8.75 20.37
N LYS H 24 1.44 -9.05 21.29
CA LYS H 24 1.36 -10.35 21.93
C LYS H 24 0.44 -11.33 21.24
N ILE H 25 1.00 -12.47 20.83
CA ILE H 25 0.26 -13.53 20.17
C ILE H 25 0.40 -14.76 21.08
N ASP H 26 -0.72 -15.24 21.62
CA ASP H 26 -0.67 -16.39 22.53
C ASP H 26 0.26 -15.92 23.63
N ASN H 27 0.03 -14.69 24.08
CA ASN H 27 0.82 -14.06 25.12
C ASN H 27 2.32 -14.25 24.87
N THR H 28 2.82 -13.61 23.83
CA THR H 28 4.24 -13.70 23.47
C THR H 28 4.47 -12.71 22.33
N PRO H 29 5.26 -11.66 22.59
CA PRO H 29 5.51 -10.69 21.52
C PRO H 29 5.95 -11.46 20.28
N ILE H 30 5.56 -10.96 19.11
CA ILE H 30 5.91 -11.65 17.89
C ILE H 30 7.43 -11.64 17.64
N ILE H 31 8.10 -10.59 18.09
CA ILE H 31 9.55 -10.50 17.90
C ILE H 31 10.27 -11.64 18.59
N ARG H 33 9.01 -14.71 19.36
CA ARG H 33 8.74 -15.94 18.62
C ARG H 33 9.58 -16.04 17.34
N THR H 34 9.68 -14.93 16.62
CA THR H 34 10.46 -14.90 15.39
C THR H 34 11.93 -15.19 15.66
N ILE H 35 12.38 -14.80 16.85
CA ILE H 35 13.76 -15.02 17.25
C ILE H 35 13.96 -16.46 17.69
N ARG H 36 12.97 -16.97 18.41
CA ARG H 36 12.99 -18.33 18.91
C ARG H 36 13.11 -19.37 17.83
N ILE H 37 12.51 -19.09 16.67
CA ILE H 37 12.57 -20.03 15.58
C ILE H 37 14.01 -20.31 15.15
N TYR H 38 14.82 -19.26 15.06
CA TYR H 38 16.21 -19.43 14.64
C TYR H 38 17.09 -20.08 15.69
N GLY H 39 16.46 -20.45 16.80
CA GLY H 39 17.16 -21.11 17.88
C GLY H 39 18.53 -20.60 18.25
N ASP H 40 19.50 -21.52 18.31
CA ASP H 40 20.85 -21.18 18.70
C ASP H 40 21.83 -20.87 17.58
N LEU H 41 21.38 -20.13 16.59
CA LEU H 41 22.24 -19.75 15.49
C LEU H 41 22.81 -18.39 15.88
N GLU H 42 23.87 -17.96 15.19
CA GLU H 42 24.47 -16.66 15.46
C GLU H 42 23.47 -15.61 15.00
N LYS H 43 22.78 -14.98 15.96
CA LYS H 43 21.75 -13.98 15.64
C LYS H 43 22.02 -12.59 16.20
N ILE H 44 21.57 -11.59 15.46
CA ILE H 44 21.65 -10.20 15.89
C ILE H 44 20.29 -9.58 15.51
N ILE H 45 19.73 -8.76 16.38
CA ILE H 45 18.47 -8.08 16.06
C ILE H 45 18.78 -6.63 15.71
N ILE H 46 18.39 -6.20 14.51
CA ILE H 46 18.63 -4.82 14.10
C ILE H 46 17.34 -4.04 14.38
N VAL H 47 17.44 -2.93 15.09
CA VAL H 47 16.26 -2.13 15.42
C VAL H 47 16.48 -0.64 15.13
N GLY H 48 15.39 0.11 15.10
CA GLY H 48 15.49 1.54 14.84
C GLY H 48 14.60 2.44 15.69
N LYS H 49 13.57 3.02 15.07
CA LYS H 49 12.68 3.91 15.77
C LYS H 49 12.13 3.42 17.11
N TYR H 50 12.01 2.12 17.30
CA TYR H 50 11.44 1.64 18.56
C TYR H 50 12.35 0.94 19.57
N VAL H 51 13.64 1.27 19.52
CA VAL H 51 14.62 0.71 20.44
C VAL H 51 14.11 0.79 21.87
N ASN H 52 13.70 1.98 22.27
CA ASN H 52 13.22 2.19 23.62
C ASN H 52 12.15 1.22 24.05
N GLU H 53 11.28 0.82 23.13
CA GLU H 53 10.22 -0.11 23.49
C GLU H 53 10.69 -1.54 23.39
N LEU H 55 14.08 -2.99 23.33
CA LEU H 55 15.18 -3.50 24.14
C LEU H 55 14.78 -4.29 25.37
N PRO H 56 13.89 -3.74 26.20
CA PRO H 56 13.47 -4.48 27.39
C PRO H 56 13.20 -5.96 27.09
N LEU H 57 12.63 -6.23 25.91
CA LEU H 57 12.32 -7.60 25.52
C LEU H 57 13.47 -8.32 24.84
N LEU H 58 14.62 -7.68 24.71
CA LEU H 58 15.77 -8.30 24.03
C LEU H 58 17.07 -8.38 24.84
N ASP H 60 18.62 -10.33 26.30
CA ASP H 60 19.45 -11.53 26.20
C ASP H 60 19.93 -11.71 24.77
N GLN H 61 19.86 -10.64 23.98
CA GLN H 61 20.29 -10.69 22.58
C GLN H 61 21.30 -9.60 22.24
N ILE H 62 22.01 -9.81 21.15
CA ILE H 62 22.96 -8.83 20.64
C ILE H 62 22.07 -7.90 19.79
N VAL H 63 21.85 -6.68 20.26
CA VAL H 63 21.00 -5.73 19.54
C VAL H 63 21.74 -4.53 18.93
N ILE H 64 21.60 -4.33 17.62
CA ILE H 64 22.23 -3.18 16.98
C ILE H 64 21.19 -2.15 16.57
N TYR H 65 21.22 -1.00 17.23
CA TYR H 65 20.29 0.09 16.90
C TYR H 65 20.84 0.84 15.69
N ASN H 66 20.02 0.95 14.64
CA ASN H 66 20.40 1.66 13.43
C ASN H 66 19.90 3.12 13.49
N PRO H 67 20.81 4.10 13.57
CA PRO H 67 20.32 5.48 13.64
C PRO H 67 19.81 6.03 12.30
N PHE H 68 20.12 5.33 11.22
CA PHE H 68 19.66 5.76 9.91
C PHE H 68 18.35 5.06 9.58
N TRP H 69 17.59 4.72 10.61
CA TRP H 69 16.34 4.00 10.41
C TRP H 69 15.37 4.70 9.49
N ASN H 70 15.47 6.02 9.35
CA ASN H 70 14.55 6.74 8.48
C ASN H 70 14.86 6.60 6.99
N GLU H 71 16.08 6.18 6.66
CA GLU H 71 16.46 6.04 5.27
C GLU H 71 15.84 4.82 4.63
N GLY H 72 15.59 3.79 5.42
CA GLY H 72 14.99 2.60 4.85
C GLY H 72 15.65 1.31 5.25
N ILE H 73 15.12 0.23 4.69
CA ILE H 73 15.61 -1.10 5.00
C ILE H 73 17.09 -1.28 4.69
N SER H 74 17.54 -0.87 3.52
CA SER H 74 18.92 -1.08 3.12
C SER H 74 19.98 -0.83 4.18
N THR H 75 19.80 0.23 4.97
CA THR H 75 20.78 0.55 6.00
C THR H 75 20.80 -0.47 7.13
N SER H 76 19.63 -1.01 7.46
CA SER H 76 19.58 -2.01 8.51
C SER H 76 20.33 -3.26 8.06
N LEU H 77 20.04 -3.69 6.83
CA LEU H 77 20.66 -4.86 6.22
C LEU H 77 22.16 -4.66 6.08
N LYS H 78 22.55 -3.52 5.52
CA LYS H 78 23.96 -3.20 5.35
C LYS H 78 24.67 -3.25 6.71
N LEU H 79 24.05 -2.62 7.69
CA LEU H 79 24.57 -2.54 9.05
C LEU H 79 24.78 -3.90 9.69
N GLY H 80 23.75 -4.73 9.68
CA GLY H 80 23.86 -6.05 10.26
C GLY H 80 24.82 -6.92 9.47
N LEU H 81 25.07 -6.55 8.23
CA LEU H 81 25.97 -7.32 7.40
C LEU H 81 27.41 -7.09 7.86
N ARG H 82 27.70 -5.88 8.30
CA ARG H 82 29.04 -5.53 8.77
C ARG H 82 29.45 -6.42 9.93
N PHE H 83 28.47 -6.86 10.69
CA PHE H 83 28.70 -7.71 11.84
C PHE H 83 29.08 -9.14 11.44
N PHE H 84 28.91 -9.46 10.17
CA PHE H 84 29.22 -10.79 9.67
C PHE H 84 30.01 -10.70 8.38
N LYS H 85 30.61 -9.55 8.11
CA LYS H 85 31.36 -9.39 6.87
C LYS H 85 32.28 -10.56 6.53
N ASP H 86 32.80 -11.24 7.54
CA ASP H 86 33.71 -12.37 7.30
C ASP H 86 33.03 -13.72 7.04
N TYR H 87 31.85 -13.92 7.61
CA TYR H 87 31.10 -15.18 7.45
C TYR H 87 30.89 -15.63 6.01
N ASP H 88 30.48 -16.89 5.85
CA ASP H 88 30.25 -17.48 4.54
C ASP H 88 28.93 -17.00 3.93
N ALA H 89 27.90 -16.94 4.77
CA ALA H 89 26.60 -16.49 4.33
C ALA H 89 25.81 -16.01 5.53
N VAL H 90 24.79 -15.19 5.25
CA VAL H 90 23.92 -14.66 6.27
C VAL H 90 22.49 -14.99 5.89
N LEU H 91 21.65 -15.20 6.91
CA LEU H 91 20.25 -15.52 6.72
C LEU H 91 19.41 -14.31 7.13
N VAL H 92 18.91 -13.58 6.13
CA VAL H 92 18.10 -12.38 6.39
C VAL H 92 16.65 -12.71 6.79
N ALA H 93 16.39 -12.69 8.10
CA ALA H 93 15.06 -12.97 8.64
C ALA H 93 14.30 -11.66 8.89
N LEU H 94 12.97 -11.72 8.81
CA LEU H 94 12.15 -10.54 9.04
C LEU H 94 11.42 -10.65 10.38
N GLY H 95 11.58 -9.66 11.23
CA GLY H 95 10.93 -9.69 12.53
C GLY H 95 9.46 -10.01 12.48
N ASP H 96 8.75 -9.47 11.50
CA ASP H 96 7.32 -9.69 11.38
C ASP H 96 6.86 -11.04 10.80
N PRO H 98 6.75 -14.48 12.18
CA PRO H 98 6.79 -15.47 13.27
C PRO H 98 6.30 -16.86 12.95
N PHE H 99 5.93 -17.10 11.69
CA PHE H 99 5.41 -18.40 11.32
C PHE H 99 6.35 -19.26 10.47
N VAL H 100 7.58 -18.81 10.28
CA VAL H 100 8.54 -19.61 9.52
C VAL H 100 8.84 -20.79 10.46
N THR H 101 9.19 -21.93 9.89
CA THR H 101 9.46 -23.12 10.69
C THR H 101 10.93 -23.42 10.94
N LYS H 102 11.24 -23.88 12.15
CA LYS H 102 12.61 -24.22 12.51
C LYS H 102 13.13 -25.21 11.47
N GLU H 103 12.21 -26.01 10.94
CA GLU H 103 12.55 -27.01 9.94
C GLU H 103 12.78 -26.31 8.60
N ASP H 104 12.08 -25.20 8.39
CA ASP H 104 12.22 -24.42 7.17
C ASP H 104 13.63 -23.84 7.10
N VAL H 105 14.13 -23.42 8.25
CA VAL H 105 15.46 -22.84 8.33
C VAL H 105 16.49 -23.83 7.84
N ASN H 106 16.39 -25.06 8.32
CA ASN H 106 17.32 -26.11 7.94
C ASN H 106 17.27 -26.41 6.44
N LYS H 107 16.07 -26.38 5.88
CA LYS H 107 15.95 -26.62 4.46
C LYS H 107 16.77 -25.57 3.71
N ILE H 108 16.58 -24.32 4.07
CA ILE H 108 17.28 -23.21 3.44
C ILE H 108 18.80 -23.31 3.56
N ILE H 109 19.29 -23.58 4.77
CA ILE H 109 20.73 -23.70 4.97
C ILE H 109 21.23 -24.97 4.28
N ASN H 110 20.53 -26.09 4.51
CA ASN H 110 20.91 -27.36 3.90
C ASN H 110 20.61 -27.43 2.41
N THR H 111 20.90 -26.34 1.70
CA THR H 111 20.68 -26.25 0.25
C THR H 111 21.79 -25.35 -0.26
N PHE H 112 22.45 -24.69 0.68
CA PHE H 112 23.54 -23.80 0.35
C PHE H 112 24.75 -24.60 -0.08
N LYS H 113 24.85 -24.82 -1.39
CA LYS H 113 25.98 -25.56 -1.97
C LYS H 113 26.87 -24.55 -2.68
N PRO H 114 28.19 -24.83 -2.73
CA PRO H 114 29.18 -23.97 -3.37
C PRO H 114 28.69 -23.20 -4.61
N ASN H 115 27.80 -23.81 -5.39
CA ASN H 115 27.27 -23.16 -6.58
C ASN H 115 26.31 -22.01 -6.22
N CYS H 116 25.55 -22.20 -5.14
CA CYS H 116 24.55 -21.23 -4.68
C CYS H 116 25.08 -19.86 -4.25
N LYS H 117 24.65 -18.81 -4.94
CA LYS H 117 25.03 -17.44 -4.60
C LYS H 117 23.99 -16.95 -3.59
N ALA H 118 22.92 -17.72 -3.45
CA ALA H 118 21.82 -17.44 -2.53
C ALA H 118 20.87 -18.62 -2.55
N VAL H 119 20.07 -18.75 -1.50
CA VAL H 119 19.10 -19.83 -1.38
C VAL H 119 17.73 -19.28 -1.00
N ILE H 120 16.86 -19.13 -1.99
CA ILE H 120 15.52 -18.59 -1.75
C ILE H 120 14.49 -19.66 -1.35
N PRO H 121 13.91 -19.53 -0.16
CA PRO H 121 12.92 -20.51 0.27
C PRO H 121 11.68 -20.31 -0.59
N THR H 122 11.10 -21.40 -1.07
CA THR H 122 9.93 -21.30 -1.91
C THR H 122 8.77 -22.16 -1.42
N HIS H 123 7.55 -21.70 -1.69
CA HIS H 123 6.35 -22.41 -1.29
C HIS H 123 5.31 -22.36 -2.38
N LYS H 124 5.11 -23.51 -3.03
CA LYS H 124 4.14 -23.61 -4.11
C LYS H 124 4.49 -22.59 -5.17
N GLY H 125 5.74 -22.62 -5.62
CA GLY H 125 6.18 -21.70 -6.64
C GLY H 125 6.40 -20.26 -6.19
N GLU H 126 6.00 -19.97 -4.96
CA GLU H 126 6.18 -18.63 -4.42
C GLU H 126 7.55 -18.56 -3.76
N ARG H 127 8.25 -17.44 -3.97
CA ARG H 127 9.55 -17.26 -3.35
C ARG H 127 9.27 -16.48 -2.07
N GLY H 128 9.85 -16.89 -0.94
CA GLY H 128 9.61 -16.18 0.30
C GLY H 128 10.87 -15.84 1.07
N ASN H 129 10.75 -15.79 2.41
CA ASN H 129 11.88 -15.48 3.29
C ASN H 129 11.92 -16.52 4.40
N PRO H 130 13.04 -16.62 5.13
CA PRO H 130 14.29 -15.86 5.01
C PRO H 130 15.28 -16.30 3.94
N VAL H 131 15.74 -15.33 3.16
CA VAL H 131 16.72 -15.62 2.12
C VAL H 131 18.08 -15.83 2.76
N LEU H 132 18.84 -16.76 2.20
CA LEU H 132 20.19 -17.08 2.68
C LEU H 132 21.18 -16.48 1.67
N ILE H 133 21.80 -15.35 2.01
CA ILE H 133 22.73 -14.68 1.10
C ILE H 133 24.19 -14.97 1.43
N SER H 134 24.94 -15.39 0.43
CA SER H 134 26.35 -15.75 0.62
C SER H 134 27.35 -14.61 0.42
N LYS H 135 28.48 -14.72 1.12
CA LYS H 135 29.54 -13.73 1.07
C LYS H 135 29.72 -13.19 -0.35
N SER H 136 29.69 -14.10 -1.33
CA SER H 136 29.88 -13.71 -2.73
C SER H 136 28.89 -12.66 -3.20
N LEU H 137 27.95 -12.28 -2.34
CA LEU H 137 26.97 -11.27 -2.70
C LEU H 137 27.05 -10.10 -1.75
N PHE H 138 27.66 -10.33 -0.59
CA PHE H 138 27.84 -9.29 0.43
C PHE H 138 28.29 -7.98 -0.20
N ASN H 139 29.28 -8.07 -1.07
CA ASN H 139 29.82 -6.91 -1.74
C ASN H 139 28.72 -6.20 -2.52
N GLU H 140 27.75 -6.95 -2.99
CA GLU H 140 26.65 -6.41 -3.77
C GLU H 140 25.55 -5.68 -2.98
N ILE H 141 25.21 -6.18 -1.80
CA ILE H 141 24.17 -5.55 -1.00
C ILE H 141 24.70 -4.29 -0.31
N GLU H 142 26.00 -4.28 -0.03
CA GLU H 142 26.61 -3.14 0.62
C GLU H 142 26.53 -1.91 -0.28
N LYS H 143 25.98 -2.09 -1.48
CA LYS H 143 25.90 -0.97 -2.41
C LYS H 143 24.53 -0.36 -2.59
N LEU H 144 23.46 -1.02 -2.13
CA LEU H 144 22.13 -0.43 -2.31
C LEU H 144 21.79 0.64 -1.28
N ARG H 145 21.00 1.62 -1.71
CA ARG H 145 20.58 2.73 -0.85
C ARG H 145 19.05 2.83 -0.81
N GLY H 146 18.52 3.46 0.24
CA GLY H 146 17.07 3.62 0.35
C GLY H 146 16.33 2.47 1.00
N ASP H 147 15.01 2.47 0.89
CA ASP H 147 14.18 1.41 1.49
C ASP H 147 13.99 0.27 0.51
N VAL H 148 15.04 -0.11 -0.21
CA VAL H 148 14.93 -1.18 -1.18
C VAL H 148 15.02 -2.61 -0.63
N GLY H 149 16.22 -3.10 -0.35
CA GLY H 149 16.35 -4.46 0.15
C GLY H 149 17.04 -5.43 -0.79
N ALA H 150 17.34 -6.63 -0.29
CA ALA H 150 18.02 -7.65 -1.07
C ALA H 150 17.34 -8.06 -2.39
N ARG H 151 16.03 -7.86 -2.48
CA ARG H 151 15.25 -8.21 -3.67
C ARG H 151 15.90 -7.67 -4.93
N VAL H 152 16.20 -6.38 -4.92
CA VAL H 152 16.83 -5.72 -6.06
C VAL H 152 18.06 -6.47 -6.60
N ILE H 153 18.77 -7.18 -5.73
CA ILE H 153 19.95 -7.92 -6.13
C ILE H 153 19.63 -9.34 -6.59
N LEU H 154 18.83 -10.05 -5.80
CA LEU H 154 18.45 -11.42 -6.10
C LEU H 154 17.78 -11.57 -7.48
N ASN H 155 17.09 -10.53 -7.93
CA ASN H 155 16.41 -10.54 -9.22
C ASN H 155 17.35 -10.21 -10.38
N LYS H 156 18.62 -10.07 -10.06
CA LYS H 156 19.63 -9.76 -11.07
C LYS H 156 20.59 -10.94 -11.13
N ILE H 157 20.59 -11.77 -10.08
CA ILE H 157 21.46 -12.94 -10.05
C ILE H 157 21.12 -13.85 -11.21
N LYS H 158 22.13 -14.38 -11.88
CA LYS H 158 21.91 -15.28 -13.00
C LYS H 158 20.93 -16.37 -12.57
N ILE H 159 19.77 -16.39 -13.24
CA ILE H 159 18.71 -17.34 -12.95
C ILE H 159 19.25 -18.77 -12.74
N GLU H 160 20.37 -19.08 -13.39
CA GLU H 160 20.99 -20.39 -13.28
C GLU H 160 21.79 -20.56 -11.99
N GLU H 161 21.97 -19.45 -11.27
CA GLU H 161 22.75 -19.48 -10.03
C GLU H 161 21.99 -19.51 -8.70
N LEU H 162 20.67 -19.45 -8.75
CA LEU H 162 19.87 -19.49 -7.54
C LEU H 162 19.58 -20.93 -7.15
N CYS H 163 19.40 -21.16 -5.85
CA CYS H 163 19.09 -22.48 -5.34
C CYS H 163 17.84 -22.39 -4.50
N PHE H 164 16.70 -22.76 -5.07
CA PHE H 164 15.44 -22.71 -4.37
C PHE H 164 15.22 -23.95 -3.51
N ILE H 165 14.17 -23.93 -2.70
CA ILE H 165 13.85 -25.06 -1.84
C ILE H 165 12.45 -24.89 -1.26
N GLU H 166 11.61 -25.90 -1.47
CA GLU H 166 10.24 -25.87 -0.97
C GLU H 166 10.20 -25.89 0.54
N CYS H 167 9.51 -24.90 1.12
CA CYS H 167 9.39 -24.80 2.57
C CYS H 167 7.93 -24.59 2.97
N SER H 168 7.69 -24.54 4.27
CA SER H 168 6.35 -24.32 4.81
C SER H 168 5.81 -23.01 4.24
N GLU H 169 4.52 -22.76 4.44
CA GLU H 169 3.92 -21.54 3.93
C GLU H 169 4.18 -20.35 4.86
N GLY H 170 4.80 -20.62 6.02
CA GLY H 170 5.11 -19.56 6.96
C GLY H 170 6.15 -18.63 6.35
N VAL H 171 6.76 -19.10 5.26
CA VAL H 171 7.78 -18.36 4.53
C VAL H 171 7.12 -17.28 3.65
N LEU H 172 5.79 -17.26 3.63
CA LEU H 172 5.05 -16.29 2.82
C LEU H 172 4.18 -15.31 3.60
N ILE H 173 3.96 -15.56 4.88
CA ILE H 173 3.11 -14.66 5.66
C ILE H 173 3.78 -13.88 6.76
N ASP H 174 3.20 -12.73 7.08
CA ASP H 174 3.71 -11.86 8.12
C ASP H 174 2.54 -11.27 8.90
N ILE H 175 2.82 -10.62 10.02
CA ILE H 175 1.78 -10.01 10.82
C ILE H 175 1.71 -8.54 10.44
N ASP H 176 0.69 -7.85 10.92
CA ASP H 176 0.53 -6.43 10.64
C ASP H 176 -0.62 -5.85 11.47
N LYS H 177 -0.84 -4.55 11.36
CA LYS H 177 -1.93 -3.91 12.10
C LYS H 177 -3.02 -3.21 11.29
N LYS H 178 -4.10 -2.86 11.98
CA LYS H 178 -5.24 -2.13 11.41
C LYS H 178 -5.23 -0.82 12.20
N GLU H 179 -5.23 0.34 11.52
CA GLU H 179 -5.21 1.62 12.23
C GLU H 179 -6.57 2.33 12.27
N ASP H 180 -6.68 3.32 13.17
CA ASP H 180 -7.91 4.09 13.33
C ASP H 180 -7.72 5.22 14.36
#